data_6IXT
#
_entry.id   6IXT
#
_cell.length_a   66.392
_cell.length_b   79.178
_cell.length_c   112.097
_cell.angle_alpha   90.27
_cell.angle_beta   102.33
_cell.angle_gamma   112.52
#
_symmetry.space_group_name_H-M   'P 1'
#
loop_
_entity.id
_entity.type
_entity.pdbx_description
1 polymer 'Isocitrate dehydrogenase'
2 non-polymer NICOTINAMIDE-ADENINE-DINUCLEOTIDE
3 non-polymer 'MAGNESIUM ION'
4 non-polymer GLYCEROL
5 non-polymer 'SULFATE ION'
6 water water
#
_entity_poly.entity_id   1
_entity_poly.type   'polypeptide(L)'
_entity_poly.pdbx_seq_one_letter_code
;GHHHHHHHSTASSKITAAPMVYVRGEEMTAYVMDLIRSRWIEPRVDVGGWETFDLRAKNRDDTEDRVLRDVIEAGKRIKA
IFKEPTVTPTADQVKRLGLRKSWGSPNGAMRRGWNGITISRDTIHIDGVELGYKKPVLFERHAVGGEYSAGYKNVGKGKL
TTTFTPSEGPDAGKTVVVDEREIVDEEAAVVTYHNPYDNVHDLARFFFGRCLEAKVTPYVVTKKTVFKWQEPFWQIMRTV
FDEEFKAQFVAAGVMKEGEELVHLLSDAATMKLVQWRQGGFGMAAHNYDGDVLTDELAQVHKSPGFITSNLVGVHEDGTL
IKEFEASHGTVADMDEARLRGEETSLNPLGMVEGLIGAMNHAADVHNIDRDRTHAFTTKMRTVIHQLFREGKGTRDLCGP
SGLTTEQFIDAVAERLDA
;
_entity_poly.pdbx_strand_id   A,B,C,D
#
loop_
_chem_comp.id
_chem_comp.type
_chem_comp.name
_chem_comp.formula
GOL non-polymer GLYCEROL 'C3 H8 O3'
MG non-polymer 'MAGNESIUM ION' 'Mg 2'
NAD non-polymer NICOTINAMIDE-ADENINE-DINUCLEOTIDE 'C21 H27 N7 O14 P2'
SO4 non-polymer 'SULFATE ION' 'O4 S -2'
#
# COMPACT_ATOMS: atom_id res chain seq x y z
N SER A 13 9.81 -11.71 41.50
CA SER A 13 11.04 -12.55 41.35
C SER A 13 11.74 -12.18 40.04
N LYS A 14 13.01 -11.79 40.13
CA LYS A 14 13.74 -11.37 38.93
C LYS A 14 14.05 -12.60 38.07
N ILE A 15 14.25 -12.38 36.78
CA ILE A 15 14.70 -13.45 35.88
C ILE A 15 16.14 -13.80 36.24
N THR A 16 16.50 -15.08 36.23
CA THR A 16 17.88 -15.46 36.50
C THR A 16 18.66 -15.39 35.20
N ALA A 17 19.59 -14.44 35.11
CA ALA A 17 20.47 -14.35 33.94
C ALA A 17 21.44 -15.52 33.98
N ALA A 18 21.60 -16.15 32.82
CA ALA A 18 22.62 -17.16 32.65
C ALA A 18 24.00 -16.50 32.68
N PRO A 19 25.05 -17.30 32.95
CA PRO A 19 26.38 -16.72 32.87
C PRO A 19 26.61 -16.04 31.52
N MET A 20 27.20 -14.83 31.56
CA MET A 20 27.42 -14.03 30.35
C MET A 20 28.60 -13.10 30.61
N VAL A 21 29.41 -12.86 29.58
CA VAL A 21 30.47 -11.88 29.65
C VAL A 21 29.95 -10.54 29.13
N TYR A 22 30.18 -9.49 29.90
CA TYR A 22 29.79 -8.13 29.53
C TYR A 22 31.07 -7.32 29.43
N VAL A 23 31.34 -6.79 28.24
CA VAL A 23 32.51 -5.95 28.01
C VAL A 23 32.09 -4.51 27.77
N ARG A 24 32.44 -3.66 28.73
CA ARG A 24 32.15 -2.22 28.65
C ARG A 24 33.26 -1.46 27.92
N GLY A 25 32.89 -0.43 27.18
CA GLY A 25 33.84 0.43 26.46
C GLY A 25 33.97 1.77 27.16
N GLU A 26 33.57 2.84 26.50
CA GLU A 26 33.72 4.20 27.05
C GLU A 26 32.92 5.22 26.25
N GLU A 27 33.05 6.49 26.64
CA GLU A 27 32.40 7.60 25.90
C GLU A 27 30.87 7.42 25.86
N MET A 28 30.20 7.79 24.77
CA MET A 28 28.75 7.93 24.80
C MET A 28 28.04 6.59 24.96
N THR A 29 28.54 5.59 24.26
CA THR A 29 27.93 4.26 24.28
C THR A 29 28.00 3.62 25.67
N ALA A 30 29.10 3.79 26.38
CA ALA A 30 29.20 3.29 27.76
C ALA A 30 28.23 4.02 28.69
N TYR A 31 28.10 5.34 28.52
CA TYR A 31 27.13 6.14 29.26
C TYR A 31 25.71 5.64 29.04
N VAL A 32 25.36 5.35 27.78
CA VAL A 32 24.03 4.84 27.46
C VAL A 32 23.79 3.48 28.06
N MET A 33 24.74 2.56 27.86
CA MET A 33 24.54 1.19 28.36
C MET A 33 24.52 1.14 29.90
N ASP A 34 25.27 2.02 30.57
CA ASP A 34 25.16 2.18 32.04
C ASP A 34 23.72 2.44 32.47
N LEU A 35 23.05 3.33 31.74
CA LEU A 35 21.65 3.66 32.02
C LEU A 35 20.71 2.50 31.73
N ILE A 36 20.96 1.81 30.63
CA ILE A 36 20.14 0.66 30.23
C ILE A 36 20.30 -0.48 31.25
N ARG A 37 21.52 -0.78 31.65
CA ARG A 37 21.74 -1.81 32.69
C ARG A 37 21.02 -1.45 34.00
N SER A 38 21.19 -0.19 34.41
CA SER A 38 20.61 0.32 35.65
C SER A 38 19.08 0.34 35.63
N ARG A 39 18.51 0.80 34.52
CA ARG A 39 17.08 1.12 34.47
C ARG A 39 16.21 0.05 33.80
N TRP A 40 16.75 -0.68 32.82
CA TRP A 40 15.98 -1.74 32.15
C TRP A 40 16.29 -3.11 32.70
N ILE A 41 17.56 -3.44 32.84
CA ILE A 41 17.97 -4.83 33.08
C ILE A 41 17.93 -5.19 34.57
N GLU A 42 18.73 -4.51 35.37
CA GLU A 42 18.94 -4.88 36.78
C GLU A 42 17.66 -4.99 37.63
N PRO A 43 16.65 -4.11 37.41
CA PRO A 43 15.43 -4.23 38.22
C PRO A 43 14.61 -5.48 37.94
N ARG A 44 14.82 -6.07 36.77
CA ARG A 44 14.02 -7.17 36.29
C ARG A 44 14.78 -8.49 36.13
N VAL A 45 16.12 -8.42 36.16
CA VAL A 45 16.97 -9.57 35.87
C VAL A 45 18.06 -9.58 36.91
N ASP A 46 18.24 -10.73 37.53
CA ASP A 46 19.32 -10.99 38.48
C ASP A 46 20.57 -11.25 37.63
N VAL A 47 21.48 -10.30 37.63
CA VAL A 47 22.67 -10.39 36.79
C VAL A 47 23.89 -10.86 37.59
N GLY A 48 23.67 -11.67 38.63
CA GLY A 48 24.76 -12.24 39.43
C GLY A 48 25.77 -13.01 38.59
N GLY A 49 25.27 -13.69 37.57
CA GLY A 49 26.12 -14.48 36.67
C GLY A 49 26.85 -13.72 35.58
N TRP A 50 26.61 -12.42 35.45
CA TRP A 50 27.36 -11.61 34.49
C TRP A 50 28.77 -11.35 35.04
N GLU A 51 29.77 -11.56 34.19
CA GLU A 51 31.14 -11.21 34.52
C GLU A 51 31.44 -10.00 33.64
N THR A 52 31.61 -8.84 34.30
CA THR A 52 31.78 -7.55 33.60
C THR A 52 33.23 -7.10 33.57
N PHE A 53 33.66 -6.56 32.42
CA PHE A 53 35.04 -6.17 32.20
C PHE A 53 35.08 -4.76 31.70
N ASP A 54 36.10 -4.02 32.13
CA ASP A 54 36.25 -2.61 31.79
C ASP A 54 37.26 -2.57 30.66
N LEU A 55 36.79 -2.36 29.43
CA LEU A 55 37.71 -2.25 28.29
C LEU A 55 37.82 -0.82 27.77
N ARG A 56 37.79 0.14 28.68
CA ARG A 56 38.34 1.47 28.38
C ARG A 56 39.76 1.29 27.84
N ALA A 57 40.14 2.10 26.86
CA ALA A 57 41.52 2.12 26.40
C ALA A 57 42.47 2.32 27.60
N LYS A 58 42.09 3.23 28.51
CA LYS A 58 42.85 3.50 29.74
C LYS A 58 43.02 2.27 30.62
N ASN A 59 41.97 1.44 30.71
CA ASN A 59 42.07 0.20 31.48
C ASN A 59 42.90 -0.93 30.84
N ARG A 60 42.88 -1.04 29.51
CA ARG A 60 43.80 -1.95 28.83
C ARG A 60 45.24 -1.58 29.21
N ASP A 61 45.54 -0.28 29.12
CA ASP A 61 46.84 0.25 29.53
C ASP A 61 47.13 0.06 31.03
N ASP A 62 46.20 0.47 31.89
CA ASP A 62 46.37 0.36 33.36
C ASP A 62 46.56 -1.07 33.88
N THR A 63 46.05 -2.06 33.16
CA THR A 63 46.19 -3.45 33.58
C THR A 63 47.25 -4.18 32.76
N GLU A 64 48.07 -3.45 31.99
CA GLU A 64 49.03 -4.05 31.07
C GLU A 64 48.37 -5.14 30.18
N ASP A 65 47.12 -4.85 29.80
CA ASP A 65 46.26 -5.73 29.00
C ASP A 65 45.84 -7.09 29.59
N ARG A 66 45.99 -7.26 30.91
CA ARG A 66 45.41 -8.42 31.59
C ARG A 66 43.89 -8.45 31.37
N VAL A 67 43.25 -7.29 31.34
CA VAL A 67 41.81 -7.24 31.15
C VAL A 67 41.35 -7.94 29.86
N LEU A 68 42.10 -7.79 28.76
CA LEU A 68 41.76 -8.46 27.50
C LEU A 68 41.88 -9.97 27.64
N ARG A 69 43.00 -10.43 28.22
CA ARG A 69 43.18 -11.85 28.48
C ARG A 69 42.06 -12.41 29.37
N ASP A 70 41.64 -11.64 30.37
CA ASP A 70 40.56 -12.06 31.26
C ASP A 70 39.22 -12.17 30.51
N VAL A 71 38.99 -11.24 29.58
CA VAL A 71 37.78 -11.27 28.75
C VAL A 71 37.78 -12.55 27.91
N ILE A 72 38.91 -12.86 27.29
CA ILE A 72 39.01 -14.02 26.41
C ILE A 72 38.81 -15.32 27.20
N GLU A 73 39.52 -15.49 28.32
CA GLU A 73 39.34 -16.67 29.18
C GLU A 73 37.90 -16.84 29.63
N ALA A 74 37.25 -15.76 30.06
CA ALA A 74 35.87 -15.84 30.53
C ALA A 74 34.92 -16.20 29.38
N GLY A 75 35.18 -15.67 28.19
CA GLY A 75 34.35 -15.97 27.02
C GLY A 75 34.41 -17.42 26.60
N LYS A 76 35.60 -18.03 26.75
CA LYS A 76 35.80 -19.45 26.46
C LYS A 76 34.99 -20.32 27.42
N ARG A 77 34.95 -19.90 28.68
CA ARG A 77 34.30 -20.65 29.72
C ARG A 77 32.78 -20.47 29.63
N ILE A 78 32.35 -19.23 29.41
CA ILE A 78 30.94 -18.81 29.53
C ILE A 78 30.17 -18.95 28.22
N LYS A 79 30.87 -18.77 27.10
CA LYS A 79 30.37 -19.02 25.74
C LYS A 79 29.40 -17.97 25.21
N ALA A 80 29.13 -16.93 25.97
CA ALA A 80 28.17 -15.88 25.56
C ALA A 80 28.74 -14.53 25.98
N ILE A 81 28.94 -13.64 25.02
CA ILE A 81 29.59 -12.36 25.25
C ILE A 81 28.82 -11.24 24.57
N PHE A 82 28.53 -10.18 25.34
CA PHE A 82 28.14 -8.90 24.76
C PHE A 82 29.32 -7.95 24.91
N LYS A 83 29.71 -7.31 23.81
CA LYS A 83 30.77 -6.29 23.85
C LYS A 83 30.24 -4.99 23.28
N GLU A 84 30.37 -3.93 24.06
CA GLU A 84 30.09 -2.57 23.60
C GLU A 84 31.14 -2.11 22.59
N PRO A 85 30.86 -1.02 21.86
CA PRO A 85 31.91 -0.39 21.06
C PRO A 85 33.05 0.03 21.97
N THR A 86 34.27 -0.10 21.47
CA THR A 86 35.45 0.20 22.26
C THR A 86 36.41 1.03 21.43
N VAL A 87 37.33 1.67 22.13
CA VAL A 87 38.36 2.52 21.52
C VAL A 87 39.67 1.75 21.60
N THR A 88 40.19 1.35 20.44
CA THR A 88 41.48 0.69 20.40
C THR A 88 42.56 1.71 20.79
N PRO A 89 43.53 1.30 21.64
CA PRO A 89 44.50 2.30 22.12
C PRO A 89 45.65 2.45 21.11
N THR A 90 45.32 3.08 19.98
CA THR A 90 46.26 3.34 18.91
C THR A 90 47.21 4.46 19.34
N ALA A 91 48.28 4.67 18.56
CA ALA A 91 49.25 5.75 18.84
C ALA A 91 48.57 7.11 19.01
N ASP A 92 47.55 7.38 18.19
CA ASP A 92 46.74 8.62 18.29
C ASP A 92 46.01 8.86 19.61
N GLN A 93 45.66 7.78 20.31
CA GLN A 93 44.94 7.86 21.59
C GLN A 93 45.88 7.99 22.79
N VAL A 94 47.16 7.65 22.64
CA VAL A 94 48.11 7.63 23.74
C VAL A 94 48.25 9.02 24.39
N LYS A 95 48.48 10.04 23.57
CA LYS A 95 48.66 11.42 24.06
C LYS A 95 47.35 11.95 24.63
N ARG A 96 46.28 11.78 23.86
CA ARG A 96 44.91 12.18 24.21
C ARG A 96 44.42 11.61 25.56
N LEU A 97 44.67 10.32 25.80
CA LEU A 97 44.17 9.63 26.99
C LEU A 97 45.20 9.43 28.09
N GLY A 98 46.42 9.93 27.89
CA GLY A 98 47.49 9.81 28.89
C GLY A 98 47.94 8.39 29.13
N LEU A 99 48.07 7.61 28.06
CA LEU A 99 48.46 6.20 28.18
C LEU A 99 49.98 6.04 28.23
N ARG A 100 50.43 5.04 28.96
CA ARG A 100 51.86 4.68 28.94
C ARG A 100 52.35 4.21 27.56
N LYS A 101 51.48 3.51 26.83
CA LYS A 101 51.84 2.99 25.51
C LYS A 101 50.59 2.60 24.70
N SER A 102 50.81 2.30 23.42
CA SER A 102 49.77 1.85 22.52
C SER A 102 49.57 0.33 22.63
N TRP A 103 48.38 -0.11 22.23
CA TRP A 103 48.04 -1.52 22.21
C TRP A 103 47.25 -1.85 20.97
N GLY A 104 47.42 -3.07 20.48
CA GLY A 104 46.80 -3.48 19.22
C GLY A 104 45.31 -3.72 19.35
N SER A 105 44.66 -3.90 18.20
CA SER A 105 43.25 -4.27 18.16
C SER A 105 43.03 -5.58 18.94
N PRO A 106 41.94 -5.68 19.72
CA PRO A 106 41.65 -6.95 20.40
C PRO A 106 41.05 -8.05 19.51
N ASN A 107 40.68 -7.72 18.28
CA ASN A 107 39.82 -8.60 17.48
C ASN A 107 40.45 -9.95 17.16
N GLY A 108 41.72 -9.94 16.75
CA GLY A 108 42.44 -11.17 16.44
C GLY A 108 42.52 -12.13 17.62
N ALA A 109 42.90 -11.60 18.78
CA ALA A 109 42.99 -12.39 19.99
C ALA A 109 41.64 -12.99 20.37
N MET A 110 40.56 -12.22 20.18
CA MET A 110 39.21 -12.74 20.47
C MET A 110 38.82 -13.85 19.50
N ARG A 111 39.08 -13.63 18.21
CA ARG A 111 38.78 -14.61 17.17
C ARG A 111 39.56 -15.91 17.36
N ARG A 112 40.84 -15.81 17.65
CA ARG A 112 41.64 -17.02 17.90
C ARG A 112 41.20 -17.69 19.20
N GLY A 113 40.98 -16.89 20.25
CA GLY A 113 40.61 -17.40 21.58
C GLY A 113 39.28 -18.14 21.59
N TRP A 114 38.35 -17.73 20.75
CA TRP A 114 37.01 -18.28 20.74
C TRP A 114 36.77 -19.19 19.52
N ASN A 115 37.83 -19.57 18.80
CA ASN A 115 37.74 -20.47 17.63
C ASN A 115 36.72 -19.95 16.61
N GLY A 116 36.76 -18.64 16.35
CA GLY A 116 35.80 -18.00 15.46
C GLY A 116 35.78 -18.61 14.08
N ILE A 117 34.58 -18.89 13.58
CA ILE A 117 34.38 -19.37 12.21
C ILE A 117 33.64 -18.37 11.32
N THR A 118 32.86 -17.47 11.92
CA THR A 118 32.10 -16.51 11.13
C THR A 118 31.83 -15.24 11.92
N ILE A 119 31.72 -14.15 11.18
CA ILE A 119 31.13 -12.93 11.69
C ILE A 119 29.77 -12.80 11.02
N SER A 120 28.71 -12.86 11.83
CA SER A 120 27.34 -12.75 11.37
C SER A 120 26.95 -11.30 11.31
N ARG A 121 26.52 -10.88 10.12
CA ARG A 121 26.22 -9.49 9.79
C ARG A 121 24.81 -9.40 9.21
N ASP A 122 23.86 -9.20 10.11
CA ASP A 122 22.44 -9.29 9.81
C ASP A 122 21.79 -7.91 9.85
N THR A 123 20.79 -7.70 9.00
CA THR A 123 20.03 -6.46 9.04
C THR A 123 19.17 -6.41 10.32
N ILE A 124 19.07 -5.21 10.88
CA ILE A 124 18.27 -4.92 12.07
C ILE A 124 17.05 -4.17 11.61
N HIS A 125 15.88 -4.61 12.07
CA HIS A 125 14.59 -4.11 11.62
C HIS A 125 13.76 -3.53 12.77
N ILE A 126 12.96 -2.52 12.43
CA ILE A 126 11.99 -1.92 13.34
C ILE A 126 10.62 -2.15 12.68
N ASP A 127 9.76 -2.92 13.34
CA ASP A 127 8.42 -3.27 12.86
C ASP A 127 7.64 -1.96 12.68
N GLY A 128 7.21 -1.70 11.45
CA GLY A 128 6.51 -0.47 11.10
C GLY A 128 7.31 0.73 10.62
N VAL A 129 8.65 0.61 10.58
CA VAL A 129 9.52 1.64 10.00
C VAL A 129 10.26 1.03 8.80
N GLU A 130 10.05 1.60 7.62
CA GLU A 130 10.65 1.08 6.40
C GLU A 130 12.13 1.45 6.34
N LEU A 131 13.00 0.44 6.35
CA LEU A 131 14.41 0.64 6.06
C LEU A 131 14.66 0.06 4.64
N GLY A 132 15.91 -0.05 4.21
CA GLY A 132 16.23 -0.45 2.84
C GLY A 132 15.76 -1.83 2.43
N TYR A 133 15.93 -2.80 3.32
CA TYR A 133 15.49 -4.17 3.10
C TYR A 133 14.21 -4.36 3.86
N LYS A 134 13.18 -4.84 3.16
CA LYS A 134 11.87 -5.01 3.79
C LYS A 134 11.87 -6.14 4.80
N LYS A 135 12.51 -7.25 4.45
CA LYS A 135 12.56 -8.45 5.29
C LYS A 135 14.00 -8.79 5.65
N PRO A 136 14.22 -9.45 6.81
CA PRO A 136 15.60 -9.72 7.29
C PRO A 136 16.51 -10.36 6.27
N VAL A 137 17.76 -9.90 6.27
CA VAL A 137 18.82 -10.50 5.49
C VAL A 137 19.86 -11.00 6.49
N LEU A 138 20.40 -12.20 6.25
CA LEU A 138 21.49 -12.76 7.03
C LEU A 138 22.75 -12.82 6.18
N PHE A 139 23.91 -12.55 6.79
CA PHE A 139 25.18 -12.66 6.09
C PHE A 139 26.21 -13.30 7.01
N GLU A 140 26.90 -14.32 6.49
CA GLU A 140 28.04 -14.90 7.19
C GLU A 140 29.31 -14.54 6.44
N ARG A 141 30.21 -13.86 7.15
CA ARG A 141 31.57 -13.58 6.67
C ARG A 141 32.51 -14.62 7.29
N HIS A 142 33.04 -15.52 6.47
CA HIS A 142 34.01 -16.52 6.96
C HIS A 142 35.11 -15.77 7.71
N ALA A 143 35.40 -16.17 8.96
CA ALA A 143 36.25 -15.36 9.87
C ALA A 143 37.75 -15.64 9.81
N VAL A 144 38.16 -16.57 8.96
CA VAL A 144 39.56 -16.97 8.87
C VAL A 144 40.03 -16.98 7.43
N GLY A 145 41.35 -17.01 7.26
CA GLY A 145 41.95 -17.19 5.94
C GLY A 145 42.02 -15.94 5.11
N GLY A 146 42.61 -16.12 3.93
CA GLY A 146 42.62 -15.10 2.91
C GLY A 146 43.74 -14.14 3.17
N GLU A 147 43.64 -13.00 2.50
CA GLU A 147 44.74 -12.04 2.46
C GLU A 147 45.01 -11.36 3.80
N TYR A 148 44.05 -11.45 4.74
CA TYR A 148 44.24 -10.96 6.13
C TYR A 148 45.44 -11.60 6.86
N SER A 149 45.79 -12.83 6.51
CA SER A 149 46.97 -13.47 7.08
C SER A 149 48.03 -13.80 6.01
N ALA A 150 48.04 -13.02 4.93
CA ALA A 150 49.05 -13.23 3.89
C ALA A 150 50.48 -12.88 4.35
N GLY A 151 51.44 -13.57 3.77
CA GLY A 151 52.85 -13.17 3.84
C GLY A 151 53.13 -12.42 2.56
N TYR A 152 53.97 -11.40 2.63
CA TYR A 152 54.20 -10.58 1.45
C TYR A 152 55.54 -9.88 1.44
N LYS A 153 55.92 -9.43 0.25
CA LYS A 153 57.08 -8.57 0.10
C LYS A 153 56.86 -7.63 -1.05
N ASN A 154 57.40 -6.42 -0.95
CA ASN A 154 57.47 -5.53 -2.09
C ASN A 154 58.89 -5.60 -2.68
N VAL A 155 58.95 -5.97 -3.95
CA VAL A 155 60.18 -6.42 -4.60
C VAL A 155 60.33 -5.81 -5.98
N GLY A 156 61.49 -6.00 -6.56
CA GLY A 156 61.77 -5.71 -7.97
C GLY A 156 61.84 -6.97 -8.79
N LYS A 157 62.67 -6.96 -9.82
CA LYS A 157 62.76 -8.09 -10.74
C LYS A 157 63.39 -9.31 -10.07
N GLY A 158 62.97 -10.50 -10.48
CA GLY A 158 63.49 -11.74 -9.88
C GLY A 158 62.57 -12.94 -10.02
N LYS A 159 62.95 -14.06 -9.39
CA LYS A 159 62.18 -15.30 -9.46
C LYS A 159 61.49 -15.58 -8.13
N LEU A 160 60.17 -15.79 -8.19
CA LEU A 160 59.33 -16.11 -7.03
C LEU A 160 58.97 -17.59 -7.14
N THR A 161 59.16 -18.36 -6.07
CA THR A 161 58.79 -19.76 -6.06
C THR A 161 58.05 -20.15 -4.78
N THR A 162 56.94 -20.84 -4.95
CA THR A 162 56.11 -21.34 -3.86
C THR A 162 56.11 -22.87 -3.95
N THR A 163 56.51 -23.51 -2.85
CA THR A 163 56.50 -24.96 -2.76
C THR A 163 55.67 -25.43 -1.59
N PHE A 164 55.33 -26.72 -1.65
CA PHE A 164 54.56 -27.36 -0.63
C PHE A 164 55.08 -28.77 -0.44
N THR A 165 55.25 -29.14 0.82
CA THR A 165 55.60 -30.50 1.18
C THR A 165 54.46 -31.08 2.03
N PRO A 166 53.62 -31.95 1.45
CA PRO A 166 52.57 -32.58 2.26
C PRO A 166 53.13 -33.50 3.33
N SER A 167 52.46 -33.56 4.48
CA SER A 167 52.85 -34.46 5.58
C SER A 167 52.07 -35.77 5.61
N GLU A 168 51.04 -35.90 4.75
CA GLU A 168 50.23 -37.10 4.69
C GLU A 168 50.00 -37.52 3.26
N GLY A 169 49.42 -38.70 3.12
CA GLY A 169 49.12 -39.28 1.81
C GLY A 169 50.32 -40.03 1.22
N PRO A 170 50.14 -40.59 0.02
CA PRO A 170 51.18 -41.43 -0.63
C PRO A 170 52.40 -40.64 -1.05
N ASP A 171 52.28 -39.33 -1.25
CA ASP A 171 53.42 -38.51 -1.63
C ASP A 171 53.93 -37.65 -0.47
N ALA A 172 53.64 -38.06 0.76
CA ALA A 172 54.09 -37.36 1.96
C ALA A 172 55.61 -37.19 1.97
N GLY A 173 56.05 -36.02 2.42
CA GLY A 173 57.47 -35.70 2.57
C GLY A 173 58.20 -35.26 1.31
N LYS A 174 57.53 -35.26 0.15
CA LYS A 174 58.15 -34.84 -1.10
C LYS A 174 57.69 -33.44 -1.48
N THR A 175 58.63 -32.56 -1.77
CA THR A 175 58.34 -31.16 -2.10
C THR A 175 57.87 -31.04 -3.53
N VAL A 176 56.77 -30.31 -3.73
CA VAL A 176 56.23 -30.03 -5.07
C VAL A 176 56.07 -28.53 -5.25
N VAL A 177 56.01 -28.10 -6.51
CA VAL A 177 55.87 -26.68 -6.84
C VAL A 177 54.39 -26.33 -6.91
N VAL A 178 54.01 -25.30 -6.15
CA VAL A 178 52.67 -24.70 -6.20
C VAL A 178 52.65 -23.65 -7.30
N ASP A 179 53.68 -22.79 -7.31
CA ASP A 179 53.74 -21.71 -8.29
C ASP A 179 55.19 -21.31 -8.52
N GLU A 180 55.47 -20.86 -9.74
CA GLU A 180 56.76 -20.35 -10.13
C GLU A 180 56.50 -19.19 -11.09
N ARG A 181 57.08 -18.03 -10.84
CA ARG A 181 56.91 -16.90 -11.75
C ARG A 181 58.09 -15.96 -11.71
N GLU A 182 58.31 -15.34 -12.86
CA GLU A 182 59.35 -14.38 -13.05
C GLU A 182 58.72 -13.00 -12.88
N ILE A 183 59.21 -12.22 -11.92
CA ILE A 183 58.81 -10.82 -11.72
C ILE A 183 59.64 -9.93 -12.64
N VAL A 184 58.97 -9.21 -13.54
CA VAL A 184 59.62 -8.33 -14.56
C VAL A 184 59.45 -6.82 -14.31
N ASP A 185 58.79 -6.44 -13.22
CA ASP A 185 58.64 -5.05 -12.84
C ASP A 185 59.67 -4.63 -11.82
N GLU A 186 60.06 -3.36 -11.89
CA GLU A 186 60.89 -2.72 -10.87
C GLU A 186 60.17 -2.57 -9.54
N GLU A 187 58.83 -2.50 -9.56
CA GLU A 187 57.99 -2.39 -8.36
C GLU A 187 56.88 -3.40 -8.46
N ALA A 188 56.84 -4.31 -7.50
CA ALA A 188 55.81 -5.36 -7.46
C ALA A 188 55.56 -5.83 -6.06
N ALA A 189 54.35 -6.30 -5.81
CA ALA A 189 54.00 -7.02 -4.59
C ALA A 189 53.99 -8.50 -4.91
N VAL A 190 54.53 -9.33 -4.02
CA VAL A 190 54.43 -10.78 -4.13
C VAL A 190 53.73 -11.23 -2.84
N VAL A 191 52.74 -12.11 -2.97
CA VAL A 191 51.81 -12.38 -1.86
C VAL A 191 51.50 -13.86 -1.82
N THR A 192 51.52 -14.45 -0.64
CA THR A 192 51.10 -15.83 -0.44
C THR A 192 50.14 -15.87 0.74
N TYR A 193 49.07 -16.63 0.58
CA TYR A 193 48.09 -16.83 1.64
C TYR A 193 47.48 -18.22 1.54
N HIS A 194 46.72 -18.59 2.57
CA HIS A 194 45.95 -19.83 2.54
C HIS A 194 44.53 -19.62 3.06
N ASN A 195 43.63 -20.49 2.60
CA ASN A 195 42.27 -20.58 3.11
C ASN A 195 42.11 -21.93 3.80
N PRO A 196 42.03 -21.94 5.14
CA PRO A 196 41.66 -23.19 5.84
C PRO A 196 40.18 -23.44 5.63
N TYR A 197 39.83 -24.62 5.13
CA TYR A 197 38.46 -24.92 4.80
C TYR A 197 37.79 -25.97 5.65
N ASP A 198 38.51 -26.60 6.58
CA ASP A 198 37.86 -27.63 7.43
C ASP A 198 36.65 -27.08 8.16
N ASN A 199 36.75 -25.84 8.64
CA ASN A 199 35.64 -25.26 9.41
C ASN A 199 34.47 -24.73 8.58
N VAL A 200 34.55 -24.82 7.24
CA VAL A 200 33.42 -24.51 6.37
C VAL A 200 32.30 -25.52 6.58
N HIS A 201 32.63 -26.75 7.00
CA HIS A 201 31.62 -27.72 7.40
C HIS A 201 30.77 -27.16 8.55
N ASP A 202 31.43 -26.67 9.59
CA ASP A 202 30.73 -26.04 10.72
C ASP A 202 30.01 -24.75 10.29
N LEU A 203 30.67 -23.94 9.45
CA LEU A 203 30.04 -22.71 8.95
C LEU A 203 28.75 -22.99 8.17
N ALA A 204 28.81 -23.96 7.27
CA ALA A 204 27.66 -24.38 6.48
C ALA A 204 26.48 -24.76 7.39
N ARG A 205 26.73 -25.61 8.37
CA ARG A 205 25.67 -26.08 9.28
C ARG A 205 25.06 -24.91 10.02
N PHE A 206 25.91 -24.01 10.48
CA PHE A 206 25.45 -22.84 11.20
C PHE A 206 24.59 -21.93 10.32
N PHE A 207 25.13 -21.57 9.15
CA PHE A 207 24.47 -20.75 8.15
C PHE A 207 23.11 -21.29 7.71
N PHE A 208 23.06 -22.56 7.29
CA PHE A 208 21.80 -23.15 6.81
C PHE A 208 20.78 -23.29 7.95
N GLY A 209 21.26 -23.60 9.15
CA GLY A 209 20.41 -23.65 10.33
C GLY A 209 19.75 -22.32 10.59
N ARG A 210 20.54 -21.24 10.50
CA ARG A 210 20.00 -19.89 10.72
C ARG A 210 19.04 -19.49 9.63
N CYS A 211 19.40 -19.80 8.39
CA CYS A 211 18.52 -19.47 7.26
C CYS A 211 17.16 -20.22 7.30
N LEU A 212 17.21 -21.47 7.72
CA LEU A 212 15.99 -22.28 7.90
C LEU A 212 15.08 -21.66 8.95
N GLU A 213 15.64 -21.35 10.11
CA GLU A 213 14.92 -20.74 11.23
C GLU A 213 14.30 -19.40 10.82
N ALA A 214 15.08 -18.62 10.08
CA ALA A 214 14.62 -17.34 9.57
C ALA A 214 13.68 -17.44 8.36
N LYS A 215 13.58 -18.63 7.76
CA LYS A 215 12.86 -18.85 6.51
C LYS A 215 13.31 -17.90 5.39
N VAL A 216 14.63 -17.85 5.18
CA VAL A 216 15.20 -17.11 4.06
C VAL A 216 15.95 -18.07 3.13
N THR A 217 15.97 -17.73 1.85
CA THR A 217 16.71 -18.49 0.86
C THR A 217 18.23 -18.24 1.01
N PRO A 218 19.04 -19.31 1.14
CA PRO A 218 20.49 -19.19 1.26
C PRO A 218 21.18 -19.10 -0.10
N TYR A 219 22.26 -18.31 -0.14
CA TYR A 219 23.14 -18.21 -1.31
C TYR A 219 24.57 -18.30 -0.84
N VAL A 220 25.40 -18.95 -1.65
CA VAL A 220 26.84 -19.04 -1.41
C VAL A 220 27.50 -18.14 -2.44
N VAL A 221 28.45 -17.33 -1.97
CA VAL A 221 29.06 -16.26 -2.78
C VAL A 221 30.57 -16.44 -2.84
N THR A 222 31.11 -16.62 -4.05
CA THR A 222 32.57 -16.74 -4.25
C THR A 222 32.94 -16.22 -5.64
N LYS A 223 34.23 -16.23 -5.95
CA LYS A 223 34.71 -15.91 -7.30
C LYS A 223 35.33 -17.17 -7.93
N LYS A 224 34.78 -18.33 -7.59
CA LYS A 224 35.45 -19.63 -7.87
C LYS A 224 35.62 -19.94 -9.36
N THR A 225 34.82 -19.32 -10.22
CA THR A 225 34.98 -19.53 -11.67
C THR A 225 36.37 -19.11 -12.16
N VAL A 226 36.90 -18.04 -11.58
CA VAL A 226 38.23 -17.54 -11.87
C VAL A 226 39.23 -17.93 -10.78
N PHE A 227 38.84 -17.76 -9.51
CA PHE A 227 39.71 -18.07 -8.36
C PHE A 227 39.40 -19.52 -7.94
N LYS A 228 39.89 -20.44 -8.76
CA LYS A 228 39.44 -21.82 -8.74
C LYS A 228 39.74 -22.59 -7.45
N TRP A 229 40.72 -22.12 -6.70
CA TRP A 229 41.03 -22.65 -5.37
C TRP A 229 39.88 -22.51 -4.36
N GLN A 230 38.93 -21.60 -4.65
CA GLN A 230 37.75 -21.41 -3.81
C GLN A 230 36.68 -22.47 -3.96
N GLU A 231 36.81 -23.32 -4.97
CA GLU A 231 35.80 -24.34 -5.28
C GLU A 231 35.35 -25.13 -4.02
N PRO A 232 36.28 -25.53 -3.13
CA PRO A 232 35.82 -26.26 -1.94
C PRO A 232 34.87 -25.51 -1.02
N PHE A 233 34.97 -24.19 -0.95
CA PHE A 233 34.00 -23.40 -0.17
C PHE A 233 32.58 -23.70 -0.64
N TRP A 234 32.40 -23.67 -1.96
CA TRP A 234 31.14 -24.08 -2.60
C TRP A 234 30.83 -25.57 -2.41
N GLN A 235 31.79 -26.44 -2.68
CA GLN A 235 31.52 -27.89 -2.60
C GLN A 235 31.07 -28.31 -1.20
N ILE A 236 31.76 -27.80 -0.18
CA ILE A 236 31.43 -28.12 1.23
C ILE A 236 30.06 -27.57 1.58
N MET A 237 29.81 -26.30 1.25
CA MET A 237 28.48 -25.70 1.45
C MET A 237 27.36 -26.54 0.80
N ARG A 238 27.52 -26.84 -0.50
CA ARG A 238 26.50 -27.58 -1.26
C ARG A 238 26.27 -29.01 -0.74
N THR A 239 27.34 -29.68 -0.35
CA THR A 239 27.27 -31.02 0.21
C THR A 239 26.52 -31.04 1.55
N VAL A 240 26.83 -30.08 2.42
CA VAL A 240 26.14 -29.99 3.72
C VAL A 240 24.68 -29.66 3.48
N PHE A 241 24.43 -28.72 2.58
CA PHE A 241 23.06 -28.39 2.23
C PHE A 241 22.28 -29.62 1.77
N ASP A 242 22.80 -30.31 0.76
CA ASP A 242 22.10 -31.48 0.18
C ASP A 242 21.89 -32.61 1.19
N GLU A 243 22.92 -32.92 1.97
CA GLU A 243 22.86 -34.04 2.91
C GLU A 243 22.06 -33.75 4.19
N GLU A 244 22.07 -32.50 4.65
CA GLU A 244 21.53 -32.20 5.98
C GLU A 244 20.41 -31.15 6.07
N PHE A 245 20.13 -30.41 5.00
CA PHE A 245 19.15 -29.30 5.04
C PHE A 245 18.11 -29.19 3.95
N LYS A 246 18.41 -29.63 2.73
CA LYS A 246 17.53 -29.39 1.57
C LYS A 246 16.10 -29.90 1.83
N ALA A 247 15.97 -31.15 2.26
CA ALA A 247 14.66 -31.71 2.66
C ALA A 247 13.91 -30.79 3.67
N GLN A 248 14.63 -30.30 4.68
CA GLN A 248 14.00 -29.41 5.70
C GLN A 248 13.57 -28.09 5.11
N PHE A 249 14.38 -27.51 4.21
CA PHE A 249 13.98 -26.30 3.51
C PHE A 249 12.72 -26.52 2.68
N VAL A 250 12.63 -27.69 2.04
CA VAL A 250 11.41 -28.08 1.30
C VAL A 250 10.22 -28.23 2.26
N ALA A 251 10.41 -28.96 3.36
CA ALA A 251 9.32 -29.20 4.33
C ALA A 251 8.75 -27.89 4.91
N ALA A 252 9.64 -26.91 5.15
CA ALA A 252 9.23 -25.60 5.68
C ALA A 252 8.62 -24.66 4.64
N GLY A 253 8.72 -25.01 3.36
CA GLY A 253 8.18 -24.17 2.29
C GLY A 253 9.04 -22.97 1.94
N VAL A 254 10.32 -23.04 2.30
CA VAL A 254 11.28 -21.97 1.99
C VAL A 254 11.79 -22.16 0.55
N MET A 255 12.01 -23.40 0.16
CA MET A 255 12.37 -23.76 -1.22
C MET A 255 11.46 -24.90 -1.69
N LYS A 256 11.31 -25.03 -3.01
CA LYS A 256 10.44 -26.07 -3.60
C LYS A 256 11.22 -27.34 -3.87
N GLU A 257 10.52 -28.47 -4.04
CA GLU A 257 11.18 -29.72 -4.41
C GLU A 257 11.95 -29.49 -5.71
N GLY A 258 13.18 -29.98 -5.77
CA GLY A 258 14.02 -29.84 -6.95
C GLY A 258 14.73 -28.51 -7.15
N GLU A 259 14.45 -27.51 -6.29
CA GLU A 259 15.16 -26.24 -6.30
C GLU A 259 16.54 -26.49 -5.66
N GLU A 260 17.62 -26.17 -6.37
CA GLU A 260 18.97 -26.43 -5.86
C GLU A 260 19.53 -25.16 -5.22
N LEU A 261 20.48 -25.36 -4.31
CA LEU A 261 21.25 -24.25 -3.69
C LEU A 261 21.91 -23.45 -4.80
N VAL A 262 21.80 -22.11 -4.74
CA VAL A 262 22.35 -21.24 -5.78
C VAL A 262 23.71 -20.71 -5.35
N HIS A 263 24.63 -20.69 -6.32
CA HIS A 263 25.90 -20.02 -6.16
C HIS A 263 25.83 -18.66 -6.86
N LEU A 264 26.30 -17.61 -6.20
CA LEU A 264 26.43 -16.28 -6.85
C LEU A 264 27.88 -15.90 -6.92
N LEU A 265 28.33 -15.43 -8.07
CA LEU A 265 29.66 -14.83 -8.16
C LEU A 265 29.68 -13.57 -7.30
N SER A 266 30.82 -13.27 -6.69
CA SER A 266 30.96 -12.09 -5.85
C SER A 266 30.55 -10.80 -6.57
N ASP A 267 30.92 -10.68 -7.83
CA ASP A 267 30.50 -9.52 -8.62
C ASP A 267 29.01 -9.55 -9.09
N ALA A 268 28.35 -10.69 -9.04
CA ALA A 268 26.89 -10.72 -9.12
C ALA A 268 26.25 -10.33 -7.78
N ALA A 269 26.79 -10.83 -6.68
CA ALA A 269 26.23 -10.55 -5.33
C ALA A 269 26.21 -9.06 -5.00
N THR A 270 27.22 -8.32 -5.42
CA THR A 270 27.20 -6.89 -5.25
C THR A 270 26.02 -6.20 -5.95
N MET A 271 25.56 -6.76 -7.07
CA MET A 271 24.41 -6.25 -7.78
C MET A 271 23.10 -6.67 -7.08
N LYS A 272 23.04 -7.93 -6.68
CA LYS A 272 21.88 -8.45 -5.94
C LYS A 272 21.61 -7.69 -4.65
N LEU A 273 22.65 -7.21 -3.96
CA LEU A 273 22.44 -6.47 -2.71
C LEU A 273 21.68 -5.15 -2.95
N VAL A 274 21.93 -4.53 -4.10
CA VAL A 274 21.21 -3.30 -4.49
C VAL A 274 19.83 -3.69 -5.02
N GLN A 275 19.75 -4.79 -5.76
CA GLN A 275 18.48 -5.16 -6.43
C GLN A 275 17.42 -5.69 -5.46
N TRP A 276 17.84 -6.57 -4.56
CA TRP A 276 16.91 -7.37 -3.75
C TRP A 276 16.43 -6.61 -2.51
N ARG A 277 15.72 -5.52 -2.75
CA ARG A 277 15.23 -4.65 -1.69
C ARG A 277 14.11 -5.27 -0.85
N GLN A 278 13.51 -6.36 -1.31
CA GLN A 278 12.57 -7.12 -0.48
C GLN A 278 13.26 -7.84 0.68
N GLY A 279 14.60 -8.04 0.58
CA GLY A 279 15.34 -8.82 1.56
C GLY A 279 14.87 -10.25 1.58
N GLY A 280 15.00 -10.90 2.73
CA GLY A 280 14.55 -12.28 2.87
C GLY A 280 15.47 -13.30 2.21
N PHE A 281 16.78 -13.07 2.27
CA PHE A 281 17.79 -14.00 1.77
C PHE A 281 18.98 -14.03 2.73
N GLY A 282 19.80 -15.06 2.60
CA GLY A 282 21.06 -15.16 3.31
C GLY A 282 22.20 -15.35 2.32
N MET A 283 23.38 -14.82 2.66
CA MET A 283 24.60 -15.04 1.89
C MET A 283 25.73 -15.48 2.81
N ALA A 284 26.57 -16.38 2.30
CA ALA A 284 27.80 -16.78 2.97
C ALA A 284 28.97 -16.57 2.02
N ALA A 285 30.03 -15.95 2.50
CA ALA A 285 31.20 -15.63 1.66
C ALA A 285 32.51 -15.79 2.42
N HIS A 286 33.61 -15.75 1.66
CA HIS A 286 34.95 -15.73 2.22
C HIS A 286 35.16 -14.43 3.01
N ASN A 287 36.27 -14.39 3.74
CA ASN A 287 36.63 -13.29 4.62
C ASN A 287 36.58 -11.91 3.96
N TYR A 288 37.37 -11.69 2.91
CA TYR A 288 37.42 -10.38 2.28
C TYR A 288 36.12 -10.00 1.61
N ASP A 289 35.56 -10.91 0.82
CA ASP A 289 34.26 -10.65 0.18
C ASP A 289 33.17 -10.28 1.21
N GLY A 290 33.16 -10.99 2.34
CA GLY A 290 32.24 -10.65 3.42
C GLY A 290 32.48 -9.26 3.98
N ASP A 291 33.75 -8.91 4.15
CA ASP A 291 34.12 -7.60 4.68
C ASP A 291 33.54 -6.49 3.80
N VAL A 292 33.70 -6.61 2.48
CA VAL A 292 33.24 -5.59 1.54
C VAL A 292 31.72 -5.64 1.39
N LEU A 293 31.20 -6.83 1.10
CA LEU A 293 29.76 -6.96 0.84
C LEU A 293 28.87 -6.54 2.00
N THR A 294 29.31 -6.76 3.23
CA THR A 294 28.45 -6.44 4.37
C THR A 294 28.41 -4.94 4.61
N ASP A 295 29.44 -4.21 4.20
CA ASP A 295 29.34 -2.74 4.23
C ASP A 295 28.40 -2.19 3.15
N GLU A 296 28.43 -2.79 1.98
CA GLU A 296 27.41 -2.49 0.96
C GLU A 296 26.02 -2.70 1.54
N LEU A 297 25.83 -3.86 2.17
CA LEU A 297 24.56 -4.22 2.85
C LEU A 297 24.14 -3.12 3.84
N ALA A 298 25.08 -2.66 4.63
CA ALA A 298 24.84 -1.54 5.57
C ALA A 298 24.32 -0.31 4.88
N GLN A 299 24.98 0.09 3.79
CA GLN A 299 24.59 1.30 3.08
C GLN A 299 23.20 1.12 2.44
N VAL A 300 22.93 -0.04 1.84
CA VAL A 300 21.61 -0.26 1.23
C VAL A 300 20.53 -0.21 2.33
N HIS A 301 20.79 -0.86 3.46
CA HIS A 301 19.79 -0.96 4.51
C HIS A 301 19.52 0.38 5.19
N LYS A 302 20.56 1.00 5.71
CA LYS A 302 20.43 2.34 6.30
C LYS A 302 21.81 2.92 6.60
N SER A 303 22.52 2.28 7.52
CA SER A 303 23.87 2.69 7.90
C SER A 303 24.48 1.55 8.70
N PRO A 304 25.81 1.63 9.02
CA PRO A 304 26.47 0.50 9.70
C PRO A 304 25.81 0.09 10.99
N GLY A 305 25.28 1.06 11.73
CA GLY A 305 24.55 0.77 12.97
C GLY A 305 23.38 -0.18 12.87
N PHE A 306 22.79 -0.31 11.67
CA PHE A 306 21.66 -1.21 11.47
C PHE A 306 22.03 -2.59 10.95
N ILE A 307 23.31 -2.96 11.07
CA ILE A 307 23.79 -4.29 10.74
C ILE A 307 24.52 -4.81 11.99
N THR A 308 24.31 -6.08 12.35
CA THR A 308 25.03 -6.71 13.49
C THR A 308 26.51 -7.00 13.13
N SER A 309 27.32 -7.26 14.15
CA SER A 309 28.66 -7.83 13.94
C SER A 309 28.89 -8.85 15.03
N ASN A 310 28.44 -10.07 14.81
CA ASN A 310 28.44 -11.12 15.85
C ASN A 310 29.40 -12.24 15.50
N LEU A 311 30.44 -12.40 16.32
CA LEU A 311 31.40 -13.48 16.10
C LEU A 311 30.84 -14.77 16.64
N VAL A 312 30.98 -15.84 15.88
CA VAL A 312 30.54 -17.16 16.31
C VAL A 312 31.72 -18.11 16.14
N GLY A 313 32.00 -18.88 17.19
CA GLY A 313 33.06 -19.90 17.18
C GLY A 313 32.59 -21.22 17.76
N VAL A 314 33.41 -22.26 17.59
CA VAL A 314 33.04 -23.59 18.05
C VAL A 314 33.90 -23.98 19.24
N HIS A 315 33.26 -24.22 20.37
CA HIS A 315 33.94 -24.66 21.57
C HIS A 315 34.40 -26.10 21.36
N GLU A 316 35.43 -26.49 22.08
CA GLU A 316 35.94 -27.87 22.04
C GLU A 316 34.88 -28.92 22.41
N ASP A 317 33.91 -28.54 23.23
CA ASP A 317 32.82 -29.43 23.67
C ASP A 317 31.66 -29.54 22.66
N GLY A 318 31.74 -28.81 21.55
CA GLY A 318 30.77 -28.94 20.47
C GLY A 318 29.70 -27.85 20.44
N THR A 319 29.56 -27.10 21.54
CA THR A 319 28.61 -25.99 21.58
C THR A 319 29.24 -24.74 20.97
N LEU A 320 28.44 -23.70 20.81
CA LEU A 320 28.91 -22.47 20.18
C LEU A 320 29.21 -21.33 21.16
N ILE A 321 30.33 -20.65 20.90
CA ILE A 321 30.68 -19.41 21.56
C ILE A 321 30.16 -18.29 20.65
N LYS A 322 29.33 -17.42 21.20
CA LYS A 322 28.77 -16.32 20.44
C LYS A 322 29.06 -15.00 21.15
N GLU A 323 29.63 -14.06 20.42
CA GLU A 323 29.89 -12.72 20.90
C GLU A 323 29.11 -11.77 20.03
N PHE A 324 28.51 -10.76 20.64
CA PHE A 324 27.61 -9.86 19.92
C PHE A 324 28.08 -8.41 20.08
N GLU A 325 28.05 -7.65 18.98
CA GLU A 325 28.42 -6.25 18.95
C GLU A 325 27.53 -5.49 17.99
N ALA A 326 27.41 -4.20 18.26
CA ALA A 326 26.87 -3.26 17.31
C ALA A 326 27.98 -2.90 16.35
N SER A 327 27.63 -2.38 15.18
CA SER A 327 28.64 -2.03 14.18
C SER A 327 28.94 -0.53 14.10
N HIS A 328 28.77 0.19 15.20
CA HIS A 328 29.16 1.59 15.25
C HIS A 328 30.19 1.78 16.35
N GLY A 329 30.77 2.97 16.39
CA GLY A 329 31.77 3.32 17.38
C GLY A 329 31.15 3.84 18.65
N THR A 330 31.99 4.50 19.45
CA THR A 330 31.58 4.99 20.76
C THR A 330 30.86 6.35 20.72
N VAL A 331 30.75 6.97 19.54
CA VAL A 331 29.97 8.20 19.31
C VAL A 331 30.52 9.34 20.19
N ALA A 332 31.81 9.56 20.05
CA ALA A 332 32.55 10.58 20.80
C ALA A 332 32.00 12.00 20.62
N ASP A 333 31.49 12.30 19.42
CA ASP A 333 30.89 13.62 19.17
C ASP A 333 29.70 13.90 20.09
N MET A 334 28.82 12.91 20.29
CA MET A 334 27.73 13.05 21.25
C MET A 334 28.20 13.09 22.69
N ASP A 335 29.24 12.33 23.01
CA ASP A 335 29.81 12.34 24.35
C ASP A 335 30.32 13.74 24.72
N GLU A 336 31.01 14.37 23.77
CA GLU A 336 31.51 15.75 23.94
C GLU A 336 30.35 16.73 24.11
N ALA A 337 29.29 16.55 23.32
CA ALA A 337 28.09 17.38 23.44
C ALA A 337 27.47 17.19 24.81
N ARG A 338 27.29 15.92 25.20
CA ARG A 338 26.79 15.57 26.53
C ARG A 338 27.57 16.28 27.64
N LEU A 339 28.89 16.25 27.54
CA LEU A 339 29.74 16.85 28.58
C LEU A 339 29.75 18.38 28.61
N ARG A 340 29.38 19.00 27.49
CA ARG A 340 29.15 20.45 27.43
C ARG A 340 27.73 20.85 27.86
N GLY A 341 26.87 19.87 28.21
CA GLY A 341 25.50 20.13 28.65
C GLY A 341 24.45 20.18 27.53
N GLU A 342 24.83 19.80 26.32
CA GLU A 342 23.93 19.85 25.15
C GLU A 342 23.15 18.57 24.99
N GLU A 343 21.93 18.69 24.46
CA GLU A 343 21.07 17.53 24.19
C GLU A 343 21.70 16.53 23.23
N THR A 344 21.43 15.25 23.46
CA THR A 344 21.89 14.17 22.58
C THR A 344 20.73 13.25 22.25
N SER A 345 20.92 12.42 21.23
CA SER A 345 19.92 11.41 20.90
C SER A 345 20.61 10.20 20.26
N LEU A 346 21.20 9.37 21.10
CA LEU A 346 21.84 8.13 20.63
C LEU A 346 20.80 7.05 20.49
N ASN A 347 20.72 6.41 19.31
CA ASN A 347 19.82 5.30 19.11
C ASN A 347 20.48 4.02 19.63
N PRO A 348 19.95 3.43 20.71
CA PRO A 348 20.63 2.30 21.33
C PRO A 348 20.27 0.94 20.69
N LEU A 349 19.52 0.93 19.59
CA LEU A 349 18.98 -0.33 19.07
C LEU A 349 20.08 -1.33 18.66
N GLY A 350 21.12 -0.86 18.00
CA GLY A 350 22.22 -1.73 17.60
C GLY A 350 22.81 -2.47 18.81
N MET A 351 23.11 -1.70 19.84
CA MET A 351 23.68 -2.28 21.07
C MET A 351 22.67 -3.18 21.79
N VAL A 352 21.42 -2.74 21.87
CA VAL A 352 20.36 -3.54 22.46
C VAL A 352 20.17 -4.88 21.72
N GLU A 353 20.23 -4.85 20.39
CA GLU A 353 20.11 -6.11 19.65
C GLU A 353 21.26 -7.04 20.01
N GLY A 354 22.46 -6.46 20.17
CA GLY A 354 23.61 -7.26 20.60
C GLY A 354 23.42 -7.88 22.00
N LEU A 355 22.94 -7.07 22.94
CA LEU A 355 22.74 -7.54 24.31
C LEU A 355 21.65 -8.59 24.33
N ILE A 356 20.56 -8.37 23.60
CA ILE A 356 19.50 -9.38 23.44
C ILE A 356 20.08 -10.70 22.94
N GLY A 357 20.90 -10.62 21.91
CA GLY A 357 21.52 -11.80 21.33
C GLY A 357 22.36 -12.55 22.34
N ALA A 358 23.19 -11.81 23.06
CA ALA A 358 24.02 -12.40 24.11
C ALA A 358 23.20 -13.02 25.24
N MET A 359 22.18 -12.31 25.74
CA MET A 359 21.37 -12.85 26.85
C MET A 359 20.60 -14.10 26.41
N ASN A 360 20.05 -14.07 25.19
CA ASN A 360 19.36 -15.25 24.65
C ASN A 360 20.29 -16.44 24.50
N HIS A 361 21.47 -16.19 23.94
CA HIS A 361 22.44 -17.26 23.79
C HIS A 361 22.90 -17.81 25.14
N ALA A 362 23.15 -16.92 26.09
CA ALA A 362 23.53 -17.34 27.45
C ALA A 362 22.45 -18.25 28.04
N ALA A 363 21.19 -17.83 27.95
CA ALA A 363 20.08 -18.64 28.48
C ALA A 363 19.98 -19.99 27.77
N ASP A 364 20.15 -19.98 26.45
CA ASP A 364 20.03 -21.20 25.66
C ASP A 364 21.19 -22.16 25.85
N VAL A 365 22.42 -21.66 25.79
CA VAL A 365 23.58 -22.55 25.88
C VAL A 365 23.79 -23.14 27.28
N HIS A 366 23.31 -22.45 28.31
CA HIS A 366 23.35 -22.92 29.70
C HIS A 366 22.04 -23.51 30.21
N ASN A 367 20.98 -23.43 29.41
CA ASN A 367 19.63 -23.89 29.77
C ASN A 367 19.15 -23.33 31.12
N ILE A 368 19.17 -21.99 31.19
CA ILE A 368 18.77 -21.27 32.39
C ILE A 368 17.73 -20.22 32.04
N ASP A 369 16.55 -20.37 32.64
CA ASP A 369 15.43 -19.43 32.54
C ASP A 369 15.19 -18.98 31.09
N ARG A 370 15.15 -19.96 30.18
CA ARG A 370 15.01 -19.66 28.74
C ARG A 370 13.73 -18.93 28.37
N ASP A 371 12.60 -19.49 28.79
CA ASP A 371 11.33 -18.88 28.44
C ASP A 371 11.24 -17.44 28.92
N ARG A 372 11.59 -17.19 30.19
CA ARG A 372 11.45 -15.84 30.75
C ARG A 372 12.45 -14.84 30.13
N THR A 373 13.66 -15.32 29.82
CA THR A 373 14.67 -14.47 29.15
C THR A 373 14.23 -14.10 27.73
N HIS A 374 13.84 -15.11 26.95
CA HIS A 374 13.33 -14.87 25.61
C HIS A 374 12.12 -13.95 25.61
N ALA A 375 11.20 -14.13 26.57
CA ALA A 375 10.05 -13.23 26.68
C ALA A 375 10.49 -11.80 27.00
N PHE A 376 11.44 -11.67 27.90
CA PHE A 376 11.92 -10.33 28.31
C PHE A 376 12.68 -9.61 27.20
N THR A 377 13.57 -10.32 26.53
CA THR A 377 14.30 -9.68 25.42
C THR A 377 13.34 -9.30 24.27
N THR A 378 12.39 -10.17 23.96
CA THR A 378 11.33 -9.85 22.98
C THR A 378 10.53 -8.61 23.40
N LYS A 379 10.19 -8.52 24.68
CA LYS A 379 9.49 -7.35 25.23
C LYS A 379 10.28 -6.05 25.05
N MET A 380 11.60 -6.08 25.30
CA MET A 380 12.41 -4.88 25.11
C MET A 380 12.29 -4.43 23.65
N ARG A 381 12.43 -5.38 22.72
CA ARG A 381 12.35 -5.04 21.30
C ARG A 381 10.95 -4.51 20.93
N THR A 382 9.91 -5.18 21.42
CA THR A 382 8.52 -4.79 21.14
C THR A 382 8.24 -3.38 21.65
N VAL A 383 8.71 -3.06 22.86
CA VAL A 383 8.53 -1.72 23.43
C VAL A 383 9.25 -0.66 22.60
N ILE A 384 10.50 -0.94 22.24
CA ILE A 384 11.29 -0.03 21.43
C ILE A 384 10.58 0.29 20.09
N HIS A 385 10.17 -0.75 19.37
CA HIS A 385 9.58 -0.56 18.05
C HIS A 385 8.30 0.30 18.13
N GLN A 386 7.46 -0.01 19.11
CA GLN A 386 6.21 0.75 19.34
C GLN A 386 6.50 2.23 19.59
N LEU A 387 7.53 2.53 20.38
CA LEU A 387 7.89 3.95 20.61
C LEU A 387 8.30 4.65 19.31
N PHE A 388 9.11 3.98 18.49
CA PHE A 388 9.45 4.53 17.16
C PHE A 388 8.20 4.78 16.30
N ARG A 389 7.23 3.89 16.35
CA ARG A 389 5.99 4.02 15.56
C ARG A 389 5.15 5.21 16.01
N GLU A 390 5.14 5.46 17.31
CA GLU A 390 4.51 6.66 17.89
C GLU A 390 5.24 7.99 17.64
N GLY A 391 6.43 7.95 17.05
CA GLY A 391 7.28 9.13 16.86
C GLY A 391 8.07 9.49 18.10
N LYS A 392 8.21 8.53 19.01
CA LYS A 392 8.91 8.70 20.28
C LYS A 392 10.20 7.88 20.32
N GLY A 393 10.74 7.58 19.14
CA GLY A 393 12.10 7.11 19.03
C GLY A 393 13.09 8.25 19.07
N THR A 394 14.34 7.89 18.82
CA THR A 394 15.43 8.84 18.79
C THR A 394 15.42 9.65 17.50
N ARG A 395 16.16 10.74 17.50
CA ARG A 395 16.04 11.78 16.48
C ARG A 395 16.65 11.40 15.14
N ASP A 396 17.50 10.36 15.12
CA ASP A 396 18.03 9.84 13.86
C ASP A 396 16.89 9.45 12.91
N LEU A 397 15.88 8.77 13.44
CA LEU A 397 14.74 8.29 12.64
C LEU A 397 13.47 9.12 12.82
N CYS A 398 13.30 9.77 13.97
CA CYS A 398 12.05 10.48 14.27
C CYS A 398 12.15 12.01 14.08
N GLY A 399 13.28 12.51 13.58
CA GLY A 399 13.50 13.95 13.41
C GLY A 399 13.67 14.73 14.70
N PRO A 400 13.72 16.08 14.62
CA PRO A 400 13.89 16.92 15.81
C PRO A 400 12.88 16.71 16.92
N SER A 401 11.68 16.24 16.61
CA SER A 401 10.67 15.98 17.63
C SER A 401 10.88 14.64 18.35
N GLY A 402 11.81 13.82 17.88
CA GLY A 402 12.18 12.60 18.61
C GLY A 402 12.75 12.88 19.99
N LEU A 403 12.84 11.81 20.79
CA LEU A 403 13.31 11.89 22.17
C LEU A 403 14.83 11.99 22.28
N THR A 404 15.29 12.59 23.38
CA THR A 404 16.70 12.61 23.71
C THR A 404 17.08 11.22 24.19
N THR A 405 18.39 11.01 24.28
CA THR A 405 18.98 9.76 24.77
C THR A 405 18.32 9.29 26.06
N GLU A 406 18.25 10.20 27.03
CA GLU A 406 17.73 9.90 28.38
C GLU A 406 16.22 9.73 28.40
N GLN A 407 15.50 10.61 27.69
CA GLN A 407 14.03 10.50 27.56
C GLN A 407 13.65 9.15 26.96
N PHE A 408 14.37 8.75 25.91
CA PHE A 408 14.09 7.48 25.25
C PHE A 408 14.32 6.33 26.20
N ILE A 409 15.46 6.36 26.89
CA ILE A 409 15.76 5.35 27.91
C ILE A 409 14.66 5.26 28.98
N ASP A 410 14.21 6.40 29.49
CA ASP A 410 13.13 6.41 30.51
C ASP A 410 11.77 5.99 29.93
N ALA A 411 11.51 6.36 28.67
CA ALA A 411 10.29 5.96 27.98
C ALA A 411 10.16 4.44 27.88
N VAL A 412 11.27 3.78 27.53
CA VAL A 412 11.26 2.31 27.48
C VAL A 412 11.05 1.72 28.88
N ALA A 413 11.80 2.23 29.85
CA ALA A 413 11.76 1.67 31.20
C ALA A 413 10.36 1.62 31.78
N GLU A 414 9.61 2.71 31.63
CA GLU A 414 8.26 2.77 32.19
C GLU A 414 7.23 1.88 31.47
N ARG A 415 7.57 1.37 30.28
CA ARG A 415 6.72 0.46 29.54
C ARG A 415 7.08 -1.02 29.64
N LEU A 416 8.25 -1.36 30.19
CA LEU A 416 8.66 -2.76 30.29
C LEU A 416 7.81 -3.62 31.20
N ASP A 417 7.29 -3.02 32.28
CA ASP A 417 6.70 -3.72 33.44
C ASP A 417 7.77 -4.38 34.29
N SER B 13 31.46 11.79 -51.32
CA SER B 13 32.07 10.43 -51.18
C SER B 13 31.84 9.85 -49.78
N LYS B 14 31.97 8.54 -49.64
CA LYS B 14 31.93 7.91 -48.32
C LYS B 14 33.15 8.27 -47.47
N ILE B 15 32.99 8.23 -46.15
CA ILE B 15 34.15 8.40 -45.25
C ILE B 15 35.10 7.22 -45.40
N THR B 16 36.40 7.49 -45.49
CA THR B 16 37.42 6.45 -45.51
C THR B 16 37.73 6.05 -44.06
N ALA B 17 37.30 4.85 -43.67
CA ALA B 17 37.56 4.34 -42.33
C ALA B 17 39.04 4.09 -42.17
N ALA B 18 39.62 4.57 -41.07
CA ALA B 18 40.98 4.22 -40.71
C ALA B 18 41.03 2.72 -40.40
N PRO B 19 42.24 2.14 -40.45
CA PRO B 19 42.38 0.76 -40.02
C PRO B 19 41.84 0.53 -38.59
N MET B 20 41.06 -0.52 -38.43
CA MET B 20 40.45 -0.90 -37.16
C MET B 20 40.20 -2.42 -37.16
N VAL B 21 40.41 -3.04 -36.00
CA VAL B 21 40.04 -4.43 -35.79
C VAL B 21 38.57 -4.52 -35.38
N TYR B 22 37.80 -5.42 -36.02
CA TYR B 22 36.42 -5.69 -35.68
C TYR B 22 36.32 -7.18 -35.28
N VAL B 23 35.87 -7.44 -34.04
CA VAL B 23 35.68 -8.82 -33.52
C VAL B 23 34.18 -9.09 -33.41
N ARG B 24 33.67 -9.97 -34.29
CA ARG B 24 32.25 -10.36 -34.31
C ARG B 24 32.06 -11.53 -33.35
N GLY B 25 30.90 -11.56 -32.69
CA GLY B 25 30.50 -12.65 -31.80
C GLY B 25 29.43 -13.53 -32.43
N GLU B 26 28.25 -13.59 -31.81
CA GLU B 26 27.15 -14.45 -32.30
C GLU B 26 25.85 -14.11 -31.58
N GLU B 27 24.78 -14.85 -31.87
CA GLU B 27 23.46 -14.67 -31.23
C GLU B 27 22.86 -13.26 -31.45
N MET B 28 22.17 -12.67 -30.47
CA MET B 28 21.35 -11.50 -30.74
C MET B 28 22.18 -10.27 -31.10
N THR B 29 23.32 -10.12 -30.42
CA THR B 29 24.18 -8.96 -30.58
C THR B 29 24.89 -8.94 -31.93
N ALA B 30 25.29 -10.11 -32.42
CA ALA B 30 25.81 -10.19 -33.80
C ALA B 30 24.74 -9.90 -34.86
N TYR B 31 23.52 -10.39 -34.67
CA TYR B 31 22.39 -10.04 -35.56
C TYR B 31 22.21 -8.52 -35.60
N VAL B 32 22.14 -7.90 -34.42
CA VAL B 32 21.96 -6.45 -34.30
C VAL B 32 23.10 -5.67 -34.98
N MET B 33 24.35 -6.07 -34.75
CA MET B 33 25.50 -5.37 -35.33
C MET B 33 25.64 -5.57 -36.84
N ASP B 34 25.25 -6.75 -37.33
CA ASP B 34 25.14 -6.96 -38.79
C ASP B 34 24.21 -5.92 -39.40
N LEU B 35 23.06 -5.70 -38.77
CA LEU B 35 22.08 -4.71 -39.21
C LEU B 35 22.63 -3.29 -39.13
N ILE B 36 23.27 -2.97 -38.01
CA ILE B 36 23.85 -1.62 -37.82
C ILE B 36 24.93 -1.31 -38.84
N ARG B 37 25.81 -2.26 -39.09
CA ARG B 37 26.86 -2.09 -40.10
C ARG B 37 26.29 -1.91 -41.51
N SER B 38 25.26 -2.68 -41.83
CA SER B 38 24.68 -2.62 -43.18
C SER B 38 23.82 -1.38 -43.36
N ARG B 39 23.08 -0.95 -42.33
CA ARG B 39 22.13 0.17 -42.46
C ARG B 39 22.64 1.54 -42.01
N TRP B 40 23.58 1.58 -41.06
CA TRP B 40 24.14 2.85 -40.54
C TRP B 40 25.53 3.15 -41.10
N ILE B 41 26.43 2.18 -41.03
CA ILE B 41 27.84 2.42 -41.31
C ILE B 41 28.11 2.35 -42.81
N GLU B 42 27.81 1.21 -43.42
CA GLU B 42 28.22 0.96 -44.80
C GLU B 42 27.71 1.94 -45.85
N PRO B 43 26.47 2.45 -45.72
CA PRO B 43 26.02 3.46 -46.69
C PRO B 43 26.84 4.77 -46.68
N ARG B 44 27.50 5.05 -45.55
CA ARG B 44 28.21 6.31 -45.32
C ARG B 44 29.73 6.14 -45.19
N VAL B 45 30.22 4.91 -45.07
CA VAL B 45 31.61 4.66 -44.74
C VAL B 45 32.16 3.51 -45.56
N ASP B 46 33.34 3.73 -46.11
CA ASP B 46 34.14 2.71 -46.76
C ASP B 46 34.92 1.99 -45.67
N VAL B 47 34.56 0.73 -45.43
CA VAL B 47 35.13 -0.07 -44.36
C VAL B 47 36.22 -1.02 -44.84
N GLY B 48 36.82 -0.74 -46.00
CA GLY B 48 37.94 -1.56 -46.48
C GLY B 48 39.08 -1.73 -45.51
N GLY B 49 39.31 -0.72 -44.67
CA GLY B 49 40.36 -0.78 -43.67
C GLY B 49 40.07 -1.66 -42.45
N TRP B 50 38.82 -2.04 -42.25
CA TRP B 50 38.45 -2.87 -41.10
C TRP B 50 38.94 -4.29 -41.35
N GLU B 51 39.70 -4.84 -40.40
CA GLU B 51 40.06 -6.25 -40.42
C GLU B 51 39.12 -6.98 -39.47
N THR B 52 38.22 -7.78 -40.05
CA THR B 52 37.16 -8.45 -39.31
C THR B 52 37.58 -9.88 -38.88
N PHE B 53 37.08 -10.30 -37.71
CA PHE B 53 37.35 -11.65 -37.18
C PHE B 53 36.08 -12.29 -36.64
N ASP B 54 35.98 -13.59 -36.86
CA ASP B 54 34.86 -14.40 -36.42
C ASP B 54 35.29 -15.00 -35.08
N LEU B 55 34.76 -14.49 -33.97
CA LEU B 55 35.06 -15.06 -32.64
C LEU B 55 33.83 -15.75 -32.05
N ARG B 56 33.05 -16.41 -32.93
CA ARG B 56 32.10 -17.44 -32.50
C ARG B 56 32.87 -18.43 -31.63
N ALA B 57 32.20 -18.99 -30.61
CA ALA B 57 32.82 -20.07 -29.83
C ALA B 57 33.21 -21.23 -30.76
N LYS B 58 32.29 -21.62 -31.66
CA LYS B 58 32.55 -22.67 -32.67
C LYS B 58 33.76 -22.37 -33.51
N ASN B 59 33.92 -21.11 -33.94
CA ASN B 59 35.10 -20.71 -34.73
C ASN B 59 36.39 -20.73 -33.93
N ARG B 60 36.34 -20.34 -32.65
CA ARG B 60 37.53 -20.44 -31.77
C ARG B 60 37.96 -21.90 -31.64
N ASP B 61 36.97 -22.78 -31.44
CA ASP B 61 37.24 -24.23 -31.41
C ASP B 61 37.73 -24.71 -32.77
N ASP B 62 36.97 -24.43 -33.85
CA ASP B 62 37.33 -24.90 -35.21
C ASP B 62 38.74 -24.53 -35.63
N THR B 63 39.18 -23.33 -35.23
CA THR B 63 40.53 -22.83 -35.59
C THR B 63 41.60 -23.11 -34.54
N GLU B 64 41.26 -23.85 -33.48
CA GLU B 64 42.19 -24.07 -32.33
C GLU B 64 42.73 -22.75 -31.73
N ASP B 65 41.83 -21.76 -31.70
CA ASP B 65 42.14 -20.41 -31.19
C ASP B 65 43.18 -19.60 -32.00
N ARG B 66 43.40 -19.97 -33.26
CA ARG B 66 44.24 -19.17 -34.16
C ARG B 66 43.58 -17.81 -34.41
N VAL B 67 42.25 -17.80 -34.47
CA VAL B 67 41.53 -16.55 -34.67
C VAL B 67 41.80 -15.58 -33.51
N LEU B 68 41.82 -16.06 -32.27
CA LEU B 68 42.17 -15.19 -31.12
C LEU B 68 43.60 -14.66 -31.23
N ARG B 69 44.54 -15.52 -31.63
CA ARG B 69 45.92 -15.06 -31.86
C ARG B 69 46.04 -14.04 -33.01
N ASP B 70 45.25 -14.21 -34.06
CA ASP B 70 45.20 -13.21 -35.14
C ASP B 70 44.60 -11.86 -34.67
N VAL B 71 43.55 -11.94 -33.85
CA VAL B 71 42.99 -10.74 -33.20
C VAL B 71 44.06 -9.96 -32.44
N ILE B 72 44.89 -10.67 -31.66
CA ILE B 72 45.94 -10.02 -30.83
C ILE B 72 47.02 -9.33 -31.66
N GLU B 73 47.48 -10.02 -32.71
CA GLU B 73 48.44 -9.46 -33.65
C GLU B 73 47.90 -8.21 -34.32
N ALA B 74 46.69 -8.33 -34.87
CA ALA B 74 46.03 -7.22 -35.57
C ALA B 74 45.87 -6.00 -34.64
N GLY B 75 45.47 -6.24 -33.39
CA GLY B 75 45.33 -5.18 -32.39
C GLY B 75 46.62 -4.43 -32.06
N LYS B 76 47.71 -5.16 -31.93
CA LYS B 76 49.04 -4.54 -31.74
C LYS B 76 49.42 -3.64 -32.90
N ARG B 77 49.14 -4.11 -34.11
CA ARG B 77 49.51 -3.40 -35.32
C ARG B 77 48.61 -2.18 -35.55
N ILE B 78 47.31 -2.38 -35.41
CA ILE B 78 46.31 -1.36 -35.74
C ILE B 78 46.01 -0.39 -34.57
N LYS B 79 46.13 -0.87 -33.33
CA LYS B 79 45.99 -0.05 -32.08
C LYS B 79 44.57 0.28 -31.62
N ALA B 80 43.57 -0.09 -32.42
CA ALA B 80 42.18 0.27 -32.19
C ALA B 80 41.34 -0.96 -32.51
N ILE B 81 40.56 -1.42 -31.52
CA ILE B 81 39.78 -2.65 -31.64
C ILE B 81 38.38 -2.42 -31.12
N PHE B 82 37.39 -2.76 -31.94
CA PHE B 82 36.04 -2.99 -31.46
C PHE B 82 35.79 -4.48 -31.34
N LYS B 83 35.24 -4.90 -30.20
CA LYS B 83 34.87 -6.29 -30.01
C LYS B 83 33.41 -6.36 -29.55
N GLU B 84 32.64 -7.21 -30.22
CA GLU B 84 31.27 -7.52 -29.84
C GLU B 84 31.29 -8.44 -28.60
N PRO B 85 30.16 -8.52 -27.88
CA PRO B 85 30.05 -9.58 -26.87
C PRO B 85 30.24 -10.95 -27.52
N THR B 86 30.98 -11.83 -26.86
CA THR B 86 31.28 -13.16 -27.39
C THR B 86 30.90 -14.23 -26.39
N VAL B 87 30.77 -15.45 -26.88
CA VAL B 87 30.42 -16.61 -26.06
C VAL B 87 31.70 -17.31 -25.69
N THR B 88 32.08 -17.26 -24.41
CA THR B 88 33.28 -17.91 -23.94
C THR B 88 33.00 -19.40 -24.01
N PRO B 89 33.92 -20.19 -24.60
CA PRO B 89 33.64 -21.63 -24.71
C PRO B 89 33.91 -22.40 -23.41
N THR B 90 33.02 -22.22 -22.43
CA THR B 90 33.12 -22.91 -21.15
C THR B 90 32.74 -24.38 -21.38
N ALA B 91 32.88 -25.21 -20.34
CA ALA B 91 32.51 -26.63 -20.45
C ALA B 91 31.03 -26.81 -20.80
N ASP B 92 30.18 -25.93 -20.28
CA ASP B 92 28.74 -25.97 -20.55
C ASP B 92 28.39 -25.68 -22.00
N GLN B 93 29.20 -24.84 -22.65
CA GLN B 93 29.02 -24.51 -24.07
C GLN B 93 29.53 -25.61 -25.00
N VAL B 94 30.53 -26.37 -24.55
CA VAL B 94 31.00 -27.56 -25.26
C VAL B 94 29.82 -28.52 -25.49
N LYS B 95 29.12 -28.83 -24.39
CA LYS B 95 27.91 -29.64 -24.42
C LYS B 95 26.87 -29.09 -25.40
N ARG B 96 26.52 -27.81 -25.26
CA ARG B 96 25.45 -27.18 -26.03
C ARG B 96 25.80 -27.02 -27.52
N LEU B 97 26.87 -26.29 -27.81
CA LEU B 97 27.27 -25.97 -29.19
C LEU B 97 28.03 -27.11 -29.88
N GLY B 98 28.37 -28.17 -29.14
CA GLY B 98 28.99 -29.34 -29.72
C GLY B 98 30.43 -29.07 -30.12
N LEU B 99 31.21 -28.60 -29.15
CA LEU B 99 32.63 -28.30 -29.37
C LEU B 99 33.50 -29.50 -28.99
N ARG B 100 34.72 -29.49 -29.52
CA ARG B 100 35.71 -30.53 -29.29
C ARG B 100 36.49 -30.32 -27.98
N LYS B 101 36.76 -29.06 -27.63
CA LYS B 101 37.45 -28.72 -26.36
C LYS B 101 36.93 -27.40 -25.79
N SER B 102 37.17 -27.17 -24.50
CA SER B 102 36.79 -25.93 -23.83
C SER B 102 37.95 -24.94 -23.92
N TRP B 103 37.63 -23.64 -23.94
CA TRP B 103 38.64 -22.57 -24.04
C TRP B 103 38.31 -21.49 -23.02
N GLY B 104 39.33 -20.96 -22.35
CA GLY B 104 39.18 -19.90 -21.36
C GLY B 104 38.74 -18.57 -21.97
N SER B 105 38.43 -17.60 -21.11
CA SER B 105 38.10 -16.24 -21.55
C SER B 105 39.24 -15.65 -22.38
N PRO B 106 38.93 -14.90 -23.45
CA PRO B 106 39.97 -14.24 -24.23
C PRO B 106 40.61 -13.02 -23.55
N ASN B 107 40.02 -12.56 -22.43
CA ASN B 107 40.52 -11.36 -21.74
C ASN B 107 41.96 -11.41 -21.27
N GLY B 108 42.41 -12.55 -20.74
CA GLY B 108 43.81 -12.71 -20.35
C GLY B 108 44.79 -12.49 -21.50
N ALA B 109 44.49 -13.08 -22.66
CA ALA B 109 45.30 -12.95 -23.87
C ALA B 109 45.38 -11.51 -24.37
N MET B 110 44.26 -10.81 -24.36
CA MET B 110 44.22 -9.39 -24.75
C MET B 110 44.97 -8.50 -23.75
N ARG B 111 44.76 -8.74 -22.46
CA ARG B 111 45.41 -7.91 -21.42
C ARG B 111 46.93 -8.08 -21.40
N ARG B 112 47.40 -9.32 -21.61
CA ARG B 112 48.85 -9.56 -21.70
C ARG B 112 49.41 -9.11 -23.04
N GLY B 113 48.69 -9.43 -24.12
CA GLY B 113 49.13 -9.16 -25.48
C GLY B 113 49.27 -7.68 -25.78
N TRP B 114 48.39 -6.89 -25.20
CA TRP B 114 48.39 -5.44 -25.43
C TRP B 114 48.95 -4.62 -24.28
N ASN B 115 49.66 -5.28 -23.36
CA ASN B 115 50.27 -4.61 -22.19
C ASN B 115 49.27 -3.74 -21.43
N GLY B 116 48.14 -4.35 -21.09
CA GLY B 116 47.03 -3.67 -20.44
C GLY B 116 47.38 -2.86 -19.22
N ILE B 117 46.85 -1.64 -19.17
CA ILE B 117 46.99 -0.72 -18.05
C ILE B 117 45.70 -0.69 -17.21
N THR B 118 44.58 -0.43 -17.88
CA THR B 118 43.29 -0.28 -17.23
C THR B 118 42.17 -0.80 -18.07
N ILE B 119 41.13 -1.27 -17.39
CA ILE B 119 39.83 -1.44 -18.05
C ILE B 119 38.99 -0.27 -17.57
N SER B 120 38.67 0.66 -18.46
CA SER B 120 37.86 1.81 -18.10
C SER B 120 36.38 1.45 -18.11
N ARG B 121 35.75 1.65 -16.96
CA ARG B 121 34.38 1.24 -16.73
C ARG B 121 33.58 2.46 -16.30
N ASP B 122 33.07 3.16 -17.30
CA ASP B 122 32.46 4.46 -17.13
C ASP B 122 30.96 4.37 -17.34
N THR B 123 30.22 5.23 -16.64
CA THR B 123 28.77 5.25 -16.81
C THR B 123 28.44 5.85 -18.17
N ILE B 124 27.42 5.27 -18.79
CA ILE B 124 26.96 5.73 -20.10
C ILE B 124 25.72 6.58 -19.88
N HIS B 125 25.69 7.75 -20.50
CA HIS B 125 24.62 8.73 -20.32
C HIS B 125 23.91 9.11 -21.62
N ILE B 126 22.63 9.45 -21.47
CA ILE B 126 21.79 9.89 -22.57
C ILE B 126 21.24 11.24 -22.18
N ASP B 127 21.53 12.28 -22.97
CA ASP B 127 20.99 13.59 -22.66
C ASP B 127 19.45 13.59 -22.79
N GLY B 128 18.77 13.93 -21.69
CA GLY B 128 17.31 13.90 -21.62
C GLY B 128 16.70 12.69 -20.94
N VAL B 129 17.52 11.69 -20.57
CA VAL B 129 17.05 10.48 -19.89
C VAL B 129 17.84 10.34 -18.60
N GLU B 130 17.15 10.41 -17.48
CA GLU B 130 17.75 10.21 -16.16
C GLU B 130 18.03 8.72 -15.89
N LEU B 131 19.28 8.40 -15.57
CA LEU B 131 19.66 7.06 -15.13
C LEU B 131 20.10 7.18 -13.66
N GLY B 132 20.75 6.15 -13.10
CA GLY B 132 21.01 6.13 -11.66
C GLY B 132 21.93 7.23 -11.14
N TYR B 133 23.02 7.47 -11.85
CA TYR B 133 23.97 8.53 -11.56
C TYR B 133 23.62 9.73 -12.41
N LYS B 134 23.46 10.89 -11.77
CA LYS B 134 23.02 12.09 -12.48
C LYS B 134 24.11 12.60 -13.43
N LYS B 135 25.36 12.59 -12.96
CA LYS B 135 26.51 13.04 -13.76
C LYS B 135 27.51 11.91 -13.96
N PRO B 136 28.32 11.96 -15.05
CA PRO B 136 29.29 10.90 -15.34
C PRO B 136 30.15 10.46 -14.17
N VAL B 137 30.38 9.14 -14.10
CA VAL B 137 31.30 8.51 -13.19
C VAL B 137 32.33 7.78 -14.06
N LEU B 138 33.61 7.92 -13.70
CA LEU B 138 34.71 7.19 -14.34
C LEU B 138 35.27 6.17 -13.36
N PHE B 139 35.63 5.01 -13.87
CA PHE B 139 36.24 3.98 -13.03
C PHE B 139 37.37 3.31 -13.81
N GLU B 140 38.54 3.20 -13.18
CA GLU B 140 39.66 2.45 -13.72
C GLU B 140 39.88 1.17 -12.93
N ARG B 141 39.76 0.04 -13.62
CA ARG B 141 40.08 -1.24 -13.05
C ARG B 141 41.48 -1.60 -13.54
N HIS B 142 42.46 -1.65 -12.64
CA HIS B 142 43.84 -2.06 -13.02
C HIS B 142 43.76 -3.37 -13.80
N ALA B 143 44.39 -3.40 -14.98
CA ALA B 143 44.07 -4.43 -15.96
C ALA B 143 44.77 -5.75 -15.73
N VAL B 144 45.74 -5.75 -14.83
CA VAL B 144 46.61 -6.90 -14.62
C VAL B 144 46.83 -7.16 -13.14
N GLY B 145 47.43 -8.32 -12.83
CA GLY B 145 47.84 -8.64 -11.48
C GLY B 145 46.73 -9.21 -10.61
N GLY B 146 47.10 -9.57 -9.40
CA GLY B 146 46.15 -10.02 -8.40
C GLY B 146 45.82 -11.46 -8.63
N GLU B 147 44.69 -11.87 -8.04
CA GLU B 147 44.31 -13.28 -8.04
C GLU B 147 43.93 -13.86 -9.39
N TYR B 148 43.68 -13.00 -10.38
CA TYR B 148 43.39 -13.44 -11.75
C TYR B 148 44.53 -14.22 -12.38
N SER B 149 45.76 -13.93 -11.94
CA SER B 149 46.97 -14.63 -12.39
C SER B 149 47.67 -15.43 -11.28
N ALA B 150 46.92 -15.80 -10.24
CA ALA B 150 47.47 -16.60 -9.15
C ALA B 150 47.87 -18.02 -9.57
N GLY B 151 48.91 -18.54 -8.92
CA GLY B 151 49.17 -19.98 -8.85
C GLY B 151 48.58 -20.51 -7.56
N TYR B 152 48.09 -21.75 -7.59
CA TYR B 152 47.41 -22.32 -6.44
C TYR B 152 47.39 -23.83 -6.44
N LYS B 153 47.15 -24.38 -5.26
CA LYS B 153 46.88 -25.80 -5.07
C LYS B 153 45.86 -25.95 -3.97
N ASN B 154 45.09 -27.02 -4.04
CA ASN B 154 44.24 -27.44 -2.95
C ASN B 154 44.89 -28.65 -2.31
N VAL B 155 45.18 -28.51 -1.03
CA VAL B 155 46.07 -29.40 -0.30
C VAL B 155 45.52 -29.74 1.08
N GLY B 156 46.16 -30.73 1.70
CA GLY B 156 46.00 -31.02 3.12
C GLY B 156 47.14 -30.48 3.94
N LYS B 157 47.51 -31.23 4.98
CA LYS B 157 48.48 -30.75 5.96
C LYS B 157 49.89 -30.77 5.39
N GLY B 158 50.71 -29.81 5.79
CA GLY B 158 52.09 -29.72 5.30
C GLY B 158 52.67 -28.33 5.35
N LYS B 159 53.83 -28.19 4.73
CA LYS B 159 54.64 -27.00 4.87
C LYS B 159 54.67 -26.22 3.57
N LEU B 160 54.19 -24.98 3.62
CA LEU B 160 54.18 -24.07 2.48
C LEU B 160 55.28 -23.04 2.65
N THR B 161 56.09 -22.85 1.60
CA THR B 161 57.21 -21.92 1.64
C THR B 161 57.23 -21.11 0.34
N THR B 162 57.48 -19.81 0.46
CA THR B 162 57.59 -18.94 -0.70
C THR B 162 58.93 -18.24 -0.62
N THR B 163 59.75 -18.40 -1.67
CA THR B 163 61.04 -17.77 -1.76
C THR B 163 61.11 -16.78 -2.92
N PHE B 164 61.96 -15.78 -2.76
CA PHE B 164 62.21 -14.82 -3.82
C PHE B 164 63.71 -14.59 -3.97
N THR B 165 64.18 -14.60 -5.23
CA THR B 165 65.56 -14.32 -5.60
C THR B 165 65.60 -13.12 -6.54
N PRO B 166 65.97 -11.94 -6.03
CA PRO B 166 66.09 -10.80 -6.94
C PRO B 166 67.16 -11.04 -8.02
N SER B 167 66.97 -10.44 -9.20
CA SER B 167 67.90 -10.62 -10.32
C SER B 167 68.83 -9.42 -10.52
N GLU B 168 68.64 -8.36 -9.73
CA GLU B 168 69.46 -7.14 -9.84
C GLU B 168 69.46 -6.37 -8.51
N GLY B 169 70.21 -5.28 -8.46
CA GLY B 169 70.38 -4.51 -7.22
C GLY B 169 71.43 -5.14 -6.30
N PRO B 170 71.62 -4.56 -5.10
CA PRO B 170 72.60 -5.02 -4.10
C PRO B 170 72.57 -6.53 -3.77
N ASP B 171 71.36 -7.09 -3.62
CA ASP B 171 71.18 -8.48 -3.19
C ASP B 171 70.80 -9.44 -4.34
N ALA B 172 71.26 -9.11 -5.56
CA ALA B 172 71.05 -9.99 -6.71
C ALA B 172 71.60 -11.40 -6.47
N GLY B 173 70.83 -12.42 -6.85
CA GLY B 173 71.22 -13.83 -6.65
C GLY B 173 70.98 -14.45 -5.27
N LYS B 174 70.72 -13.63 -4.25
CA LYS B 174 70.52 -14.11 -2.87
C LYS B 174 69.03 -14.39 -2.57
N THR B 175 68.72 -15.66 -2.31
CA THR B 175 67.34 -16.10 -2.07
C THR B 175 66.90 -15.73 -0.65
N VAL B 176 65.71 -15.13 -0.53
CA VAL B 176 65.10 -14.83 0.77
C VAL B 176 63.71 -15.47 0.87
N VAL B 177 63.26 -15.66 2.11
CA VAL B 177 61.98 -16.29 2.36
C VAL B 177 60.95 -15.19 2.45
N VAL B 178 59.97 -15.21 1.55
CA VAL B 178 58.84 -14.28 1.59
C VAL B 178 57.81 -14.72 2.64
N ASP B 179 57.54 -16.02 2.69
CA ASP B 179 56.57 -16.56 3.62
C ASP B 179 56.88 -18.03 3.92
N GLU B 180 56.53 -18.44 5.12
CA GLU B 180 56.64 -19.84 5.56
C GLU B 180 55.42 -20.10 6.42
N ARG B 181 54.66 -21.15 6.16
CA ARG B 181 53.57 -21.51 7.08
C ARG B 181 53.24 -22.97 7.04
N GLU B 182 52.69 -23.44 8.15
CA GLU B 182 52.27 -24.81 8.31
C GLU B 182 50.76 -24.89 8.07
N ILE B 183 50.35 -25.71 7.10
CA ILE B 183 48.93 -25.94 6.88
C ILE B 183 48.51 -27.07 7.82
N VAL B 184 47.49 -26.78 8.62
CA VAL B 184 46.98 -27.73 9.62
C VAL B 184 45.58 -28.29 9.32
N ASP B 185 45.04 -27.94 8.16
CA ASP B 185 43.72 -28.41 7.71
C ASP B 185 43.87 -29.57 6.75
N GLU B 186 42.89 -30.49 6.79
CA GLU B 186 42.75 -31.52 5.77
C GLU B 186 42.36 -30.97 4.41
N GLU B 187 41.70 -29.82 4.39
CA GLU B 187 41.37 -29.12 3.14
C GLU B 187 41.76 -27.65 3.24
N ALA B 188 42.67 -27.22 2.39
CA ALA B 188 43.07 -25.82 2.35
C ALA B 188 43.42 -25.41 0.94
N ALA B 189 43.18 -24.14 0.62
CA ALA B 189 43.76 -23.53 -0.57
C ALA B 189 45.08 -22.89 -0.17
N VAL B 190 46.09 -23.04 -1.02
CA VAL B 190 47.32 -22.26 -0.92
C VAL B 190 47.47 -21.48 -2.23
N VAL B 191 47.83 -20.19 -2.11
CA VAL B 191 47.72 -19.24 -3.22
C VAL B 191 48.90 -18.26 -3.21
N THR B 192 49.46 -18.01 -4.40
CA THR B 192 50.51 -17.02 -4.57
C THR B 192 50.16 -16.20 -5.80
N TYR B 193 50.33 -14.89 -5.70
CA TYR B 193 50.13 -14.01 -6.84
C TYR B 193 51.06 -12.84 -6.74
N HIS B 194 51.11 -12.04 -7.80
CA HIS B 194 51.85 -10.79 -7.75
C HIS B 194 51.02 -9.64 -8.33
N ASN B 195 51.32 -8.43 -7.85
CA ASN B 195 50.83 -7.20 -8.45
C ASN B 195 51.98 -6.46 -9.13
N PRO B 196 51.96 -6.36 -10.47
CA PRO B 196 52.99 -5.55 -11.13
C PRO B 196 52.60 -4.07 -11.08
N TYR B 197 53.43 -3.22 -10.49
CA TYR B 197 53.05 -1.84 -10.23
C TYR B 197 53.75 -0.78 -11.07
N ASP B 198 54.67 -1.18 -11.95
CA ASP B 198 55.35 -0.20 -12.83
C ASP B 198 54.32 0.61 -13.66
N ASN B 199 53.32 -0.07 -14.21
CA ASN B 199 52.31 0.61 -15.03
C ASN B 199 51.23 1.42 -14.28
N VAL B 200 51.31 1.42 -12.95
CA VAL B 200 50.44 2.27 -12.15
C VAL B 200 50.82 3.73 -12.37
N HIS B 201 52.08 3.99 -12.76
CA HIS B 201 52.50 5.36 -13.13
C HIS B 201 51.68 5.81 -14.35
N ASP B 202 51.57 4.95 -15.35
CA ASP B 202 50.76 5.21 -16.55
C ASP B 202 49.27 5.31 -16.23
N LEU B 203 48.80 4.37 -15.41
CA LEU B 203 47.41 4.35 -14.95
C LEU B 203 47.03 5.68 -14.30
N ALA B 204 47.88 6.14 -13.39
CA ALA B 204 47.66 7.39 -12.67
C ALA B 204 47.54 8.57 -13.63
N ARG B 205 48.48 8.67 -14.56
CA ARG B 205 48.45 9.74 -15.57
C ARG B 205 47.22 9.67 -16.48
N PHE B 206 46.83 8.45 -16.84
CA PHE B 206 45.67 8.24 -17.69
C PHE B 206 44.37 8.62 -16.95
N PHE B 207 44.26 8.09 -15.73
CA PHE B 207 43.10 8.35 -14.83
C PHE B 207 42.93 9.81 -14.45
N PHE B 208 44.00 10.43 -13.96
CA PHE B 208 43.91 11.83 -13.58
C PHE B 208 43.71 12.77 -14.77
N GLY B 209 44.33 12.45 -15.89
CA GLY B 209 44.08 13.21 -17.12
C GLY B 209 42.61 13.22 -17.52
N ARG B 210 42.01 12.03 -17.47
CA ARG B 210 40.56 11.79 -17.77
C ARG B 210 39.64 12.52 -16.84
N CYS B 211 39.93 12.37 -15.54
CA CYS B 211 39.13 13.00 -14.51
C CYS B 211 39.16 14.54 -14.59
N LEU B 212 40.34 15.09 -14.88
CA LEU B 212 40.49 16.54 -15.07
C LEU B 212 39.62 17.04 -16.24
N GLU B 213 39.72 16.37 -17.38
CA GLU B 213 38.94 16.72 -18.58
C GLU B 213 37.46 16.57 -18.34
N ALA B 214 37.05 15.55 -17.59
CA ALA B 214 35.66 15.38 -17.19
C ALA B 214 35.22 16.25 -16.00
N LYS B 215 36.17 16.88 -15.30
CA LYS B 215 35.94 17.71 -14.11
C LYS B 215 35.24 16.91 -13.01
N VAL B 216 35.77 15.72 -12.75
CA VAL B 216 35.26 14.87 -11.68
C VAL B 216 36.33 14.66 -10.62
N THR B 217 35.89 14.52 -9.38
CA THR B 217 36.79 14.34 -8.25
C THR B 217 37.31 12.90 -8.23
N PRO B 218 38.64 12.73 -8.25
CA PRO B 218 39.22 11.40 -8.26
C PRO B 218 39.41 10.80 -6.86
N TYR B 219 39.29 9.48 -6.78
CA TYR B 219 39.51 8.72 -5.54
C TYR B 219 40.29 7.46 -5.88
N VAL B 220 41.20 7.07 -4.98
CA VAL B 220 41.95 5.83 -5.07
C VAL B 220 41.41 4.87 -4.03
N VAL B 221 41.15 3.62 -4.43
CA VAL B 221 40.43 2.65 -3.63
C VAL B 221 41.30 1.41 -3.46
N THR B 222 41.65 1.05 -2.23
CA THR B 222 42.40 -0.17 -1.93
C THR B 222 41.97 -0.70 -0.56
N LYS B 223 42.59 -1.82 -0.16
CA LYS B 223 42.50 -2.37 1.18
C LYS B 223 43.86 -2.26 1.88
N LYS B 224 44.62 -1.20 1.58
CA LYS B 224 46.05 -1.11 1.99
C LYS B 224 46.32 -1.04 3.48
N THR B 225 45.33 -0.65 4.28
CA THR B 225 45.49 -0.61 5.73
C THR B 225 45.79 -1.99 6.31
N VAL B 226 45.21 -3.02 5.69
CA VAL B 226 45.33 -4.42 6.09
C VAL B 226 46.14 -5.23 5.07
N PHE B 227 45.99 -4.95 3.78
CA PHE B 227 46.70 -5.70 2.73
C PHE B 227 47.86 -4.78 2.35
N LYS B 228 48.86 -4.75 3.23
CA LYS B 228 49.83 -3.67 3.23
C LYS B 228 50.73 -3.59 2.01
N TRP B 229 50.87 -4.71 1.32
CA TRP B 229 51.55 -4.79 0.00
C TRP B 229 50.94 -3.90 -1.09
N GLN B 230 49.70 -3.47 -0.90
CA GLN B 230 49.06 -2.53 -1.83
C GLN B 230 49.49 -1.07 -1.67
N GLU B 231 50.28 -0.74 -0.65
CA GLU B 231 50.63 0.64 -0.36
C GLU B 231 51.20 1.38 -1.59
N PRO B 232 52.10 0.74 -2.37
CA PRO B 232 52.60 1.40 -3.60
C PRO B 232 51.55 1.84 -4.61
N PHE B 233 50.41 1.14 -4.68
CA PHE B 233 49.32 1.55 -5.57
C PHE B 233 48.87 2.96 -5.20
N TRP B 234 48.68 3.19 -3.90
CA TRP B 234 48.33 4.50 -3.39
C TRP B 234 49.48 5.49 -3.59
N GLN B 235 50.66 5.11 -3.13
CA GLN B 235 51.81 6.05 -3.14
C GLN B 235 52.14 6.54 -4.54
N ILE B 236 52.13 5.62 -5.51
CA ILE B 236 52.40 5.99 -6.91
C ILE B 236 51.33 6.98 -7.38
N MET B 237 50.06 6.63 -7.14
CA MET B 237 48.95 7.50 -7.52
C MET B 237 49.03 8.88 -6.87
N ARG B 238 49.26 8.94 -5.55
CA ARG B 238 49.33 10.23 -4.83
C ARG B 238 50.52 11.10 -5.31
N THR B 239 51.66 10.46 -5.57
CA THR B 239 52.85 11.18 -6.03
C THR B 239 52.59 11.83 -7.38
N VAL B 240 52.05 11.04 -8.31
CA VAL B 240 51.70 11.59 -9.64
C VAL B 240 50.68 12.72 -9.47
N PHE B 241 49.64 12.49 -8.67
CA PHE B 241 48.63 13.50 -8.46
C PHE B 241 49.21 14.81 -7.93
N ASP B 242 49.97 14.74 -6.84
CA ASP B 242 50.51 15.93 -6.18
C ASP B 242 51.47 16.67 -7.10
N GLU B 243 52.31 15.93 -7.81
CA GLU B 243 53.37 16.53 -8.64
C GLU B 243 52.85 17.06 -9.95
N GLU B 244 51.88 16.36 -10.55
CA GLU B 244 51.50 16.64 -11.94
C GLU B 244 50.08 17.15 -12.16
N PHE B 245 49.18 17.00 -11.18
CA PHE B 245 47.76 17.31 -11.41
C PHE B 245 47.04 18.19 -10.40
N LYS B 246 47.47 18.18 -9.14
CA LYS B 246 46.70 18.76 -8.05
C LYS B 246 46.36 20.22 -8.32
N ALA B 247 47.37 21.04 -8.65
CA ALA B 247 47.10 22.46 -8.95
C ALA B 247 46.11 22.63 -10.10
N GLN B 248 46.21 21.75 -11.09
CA GLN B 248 45.29 21.77 -12.24
C GLN B 248 43.85 21.45 -11.84
N PHE B 249 43.65 20.48 -10.94
CA PHE B 249 42.30 20.20 -10.43
C PHE B 249 41.74 21.38 -9.63
N VAL B 250 42.59 22.09 -8.90
CA VAL B 250 42.17 23.34 -8.20
C VAL B 250 41.71 24.39 -9.21
N ALA B 251 42.56 24.65 -10.21
CA ALA B 251 42.25 25.64 -11.22
C ALA B 251 41.04 25.27 -12.13
N ALA B 252 40.74 23.97 -12.24
CA ALA B 252 39.53 23.52 -12.95
C ALA B 252 38.25 23.62 -12.12
N GLY B 253 38.39 23.96 -10.84
CA GLY B 253 37.26 24.15 -9.96
C GLY B 253 36.79 22.86 -9.34
N VAL B 254 37.58 21.79 -9.48
CA VAL B 254 37.15 20.44 -9.08
C VAL B 254 37.44 20.22 -7.60
N MET B 255 38.57 20.73 -7.11
CA MET B 255 38.99 20.52 -5.72
C MET B 255 39.41 21.87 -5.16
N LYS B 256 39.22 22.04 -3.86
CA LYS B 256 39.67 23.25 -3.17
C LYS B 256 41.16 23.18 -2.91
N GLU B 257 41.78 24.35 -2.78
CA GLU B 257 43.18 24.42 -2.42
C GLU B 257 43.38 23.84 -1.02
N GLY B 258 44.41 23.04 -0.84
CA GLY B 258 44.60 22.27 0.39
C GLY B 258 43.85 20.94 0.51
N GLU B 259 42.88 20.66 -0.38
CA GLU B 259 42.12 19.40 -0.37
C GLU B 259 43.03 18.32 -0.93
N GLU B 260 43.37 17.33 -0.11
CA GLU B 260 44.30 16.29 -0.55
C GLU B 260 43.54 15.19 -1.31
N LEU B 261 44.23 14.50 -2.22
CA LEU B 261 43.66 13.32 -2.84
C LEU B 261 43.17 12.36 -1.75
N VAL B 262 41.97 11.83 -1.92
CA VAL B 262 41.36 10.95 -0.93
C VAL B 262 41.60 9.49 -1.30
N HIS B 263 42.00 8.74 -0.28
CA HIS B 263 42.04 7.31 -0.31
C HIS B 263 40.76 6.74 0.32
N LEU B 264 40.12 5.80 -0.37
CA LEU B 264 38.93 5.11 0.15
C LEU B 264 39.28 3.66 0.32
N LEU B 265 38.95 3.10 1.47
CA LEU B 265 38.99 1.65 1.59
C LEU B 265 37.92 1.06 0.68
N SER B 266 38.20 -0.11 0.14
CA SER B 266 37.22 -0.80 -0.69
C SER B 266 35.88 -0.92 0.06
N ASP B 267 35.97 -1.16 1.37
CA ASP B 267 34.79 -1.22 2.26
C ASP B 267 33.96 0.04 2.25
N ALA B 268 34.62 1.20 2.19
CA ALA B 268 33.92 2.46 2.09
C ALA B 268 33.42 2.75 0.67
N ALA B 269 34.27 2.49 -0.32
CA ALA B 269 33.92 2.72 -1.72
C ALA B 269 32.61 2.00 -2.09
N THR B 270 32.41 0.79 -1.56
CA THR B 270 31.18 0.07 -1.86
C THR B 270 29.95 0.82 -1.32
N MET B 271 30.11 1.53 -0.21
CA MET B 271 29.05 2.35 0.35
C MET B 271 28.85 3.64 -0.46
N LYS B 272 29.96 4.26 -0.85
CA LYS B 272 29.88 5.51 -1.61
C LYS B 272 29.19 5.32 -2.97
N LEU B 273 29.36 4.16 -3.60
CA LEU B 273 28.69 3.91 -4.90
C LEU B 273 27.17 3.94 -4.78
N VAL B 274 26.65 3.50 -3.65
CA VAL B 274 25.22 3.56 -3.38
C VAL B 274 24.82 4.99 -2.99
N GLN B 275 25.64 5.66 -2.19
CA GLN B 275 25.32 6.99 -1.68
C GLN B 275 25.43 8.09 -2.73
N TRP B 276 26.49 8.06 -3.53
CA TRP B 276 26.82 9.21 -4.39
C TRP B 276 26.04 9.22 -5.72
N ARG B 277 24.72 9.30 -5.59
CA ARG B 277 23.81 9.25 -6.75
C ARG B 277 23.89 10.45 -7.69
N GLN B 278 24.54 11.52 -7.24
CA GLN B 278 24.79 12.67 -8.08
C GLN B 278 25.89 12.38 -9.13
N GLY B 279 26.68 11.32 -8.93
CA GLY B 279 27.81 11.06 -9.82
C GLY B 279 28.89 12.11 -9.73
N GLY B 280 29.61 12.32 -10.83
CA GLY B 280 30.67 13.34 -10.85
C GLY B 280 31.91 13.00 -10.06
N PHE B 281 32.28 11.71 -10.06
CA PHE B 281 33.50 11.26 -9.40
C PHE B 281 34.19 10.19 -10.24
N GLY B 282 35.46 9.93 -9.90
CA GLY B 282 36.26 8.88 -10.50
C GLY B 282 36.85 8.00 -9.42
N MET B 283 36.98 6.70 -9.70
CA MET B 283 37.67 5.79 -8.78
C MET B 283 38.67 4.96 -9.57
N ALA B 284 39.80 4.66 -8.93
CA ALA B 284 40.78 3.72 -9.48
C ALA B 284 41.08 2.66 -8.45
N ALA B 285 41.16 1.41 -8.88
CA ALA B 285 41.32 0.27 -7.97
C ALA B 285 42.14 -0.84 -8.63
N HIS B 286 42.53 -1.81 -7.80
CA HIS B 286 43.18 -3.04 -8.26
C HIS B 286 42.21 -3.87 -9.09
N ASN B 287 42.74 -4.91 -9.70
CA ASN B 287 42.00 -5.76 -10.61
C ASN B 287 40.68 -6.31 -10.03
N TYR B 288 40.77 -7.01 -8.91
CA TYR B 288 39.57 -7.65 -8.34
C TYR B 288 38.60 -6.63 -7.75
N ASP B 289 39.10 -5.69 -6.97
CA ASP B 289 38.24 -4.63 -6.44
C ASP B 289 37.50 -3.92 -7.58
N GLY B 290 38.21 -3.66 -8.67
CA GLY B 290 37.58 -3.04 -9.83
C GLY B 290 36.48 -3.87 -10.46
N ASP B 291 36.73 -5.17 -10.57
CA ASP B 291 35.75 -6.12 -11.11
C ASP B 291 34.47 -6.02 -10.27
N VAL B 292 34.61 -6.14 -8.96
CA VAL B 292 33.43 -6.18 -8.08
C VAL B 292 32.71 -4.84 -8.05
N LEU B 293 33.49 -3.79 -7.80
CA LEU B 293 32.91 -2.46 -7.62
C LEU B 293 32.26 -1.91 -8.89
N THR B 294 32.79 -2.24 -10.07
CA THR B 294 32.17 -1.77 -11.31
C THR B 294 30.87 -2.52 -11.66
N ASP B 295 30.71 -3.75 -11.18
CA ASP B 295 29.41 -4.39 -11.32
C ASP B 295 28.38 -3.77 -10.40
N GLU B 296 28.81 -3.39 -9.20
CA GLU B 296 27.96 -2.59 -8.32
C GLU B 296 27.55 -1.30 -9.00
N LEU B 297 28.54 -0.60 -9.55
CA LEU B 297 28.31 0.63 -10.34
C LEU B 297 27.24 0.43 -11.41
N ALA B 298 27.33 -0.69 -12.14
CA ALA B 298 26.36 -1.03 -13.18
C ALA B 298 24.94 -1.12 -12.63
N GLN B 299 24.78 -1.84 -11.53
CA GLN B 299 23.47 -1.99 -10.91
C GLN B 299 22.87 -0.67 -10.45
N VAL B 300 23.69 0.17 -9.81
CA VAL B 300 23.21 1.47 -9.34
C VAL B 300 22.81 2.35 -10.54
N HIS B 301 23.63 2.34 -11.59
CA HIS B 301 23.35 3.19 -12.76
C HIS B 301 22.09 2.71 -13.51
N LYS B 302 22.05 1.41 -13.84
CA LYS B 302 20.87 0.80 -14.50
C LYS B 302 21.08 -0.71 -14.65
N SER B 303 22.09 -1.07 -15.43
CA SER B 303 22.40 -2.46 -15.72
C SER B 303 23.77 -2.51 -16.40
N PRO B 304 24.34 -3.72 -16.60
CA PRO B 304 25.67 -3.85 -17.18
C PRO B 304 25.89 -3.12 -18.49
N GLY B 305 24.86 -3.10 -19.34
CA GLY B 305 24.91 -2.43 -20.63
C GLY B 305 25.19 -0.94 -20.63
N PHE B 306 24.95 -0.27 -19.50
CA PHE B 306 25.15 1.17 -19.35
C PHE B 306 26.48 1.55 -18.66
N ILE B 307 27.41 0.59 -18.59
CA ILE B 307 28.79 0.83 -18.19
C ILE B 307 29.71 0.34 -19.33
N THR B 308 30.77 1.08 -19.59
CA THR B 308 31.73 0.70 -20.64
C THR B 308 32.63 -0.43 -20.15
N SER B 309 33.28 -1.10 -21.08
CA SER B 309 34.42 -2.00 -20.77
C SER B 309 35.49 -1.75 -21.79
N ASN B 310 36.30 -0.74 -21.53
CA ASN B 310 37.27 -0.22 -22.48
C ASN B 310 38.69 -0.53 -22.02
N LEU B 311 39.31 -1.52 -22.65
CA LEU B 311 40.67 -1.92 -22.27
C LEU B 311 41.65 -0.96 -22.90
N VAL B 312 42.55 -0.44 -22.09
CA VAL B 312 43.58 0.47 -22.55
C VAL B 312 44.93 -0.14 -22.22
N GLY B 313 45.72 -0.38 -23.26
CA GLY B 313 47.08 -0.89 -23.14
C GLY B 313 48.03 0.04 -23.84
N VAL B 314 49.26 -0.41 -24.03
CA VAL B 314 50.28 0.41 -24.66
C VAL B 314 51.21 -0.47 -25.52
N HIS B 315 51.41 -0.06 -26.78
CA HIS B 315 52.43 -0.65 -27.65
C HIS B 315 53.81 -0.35 -27.08
N GLU B 316 54.80 -1.12 -27.51
CA GLU B 316 56.20 -0.89 -27.14
C GLU B 316 56.69 0.52 -27.58
N ASP B 317 56.11 1.04 -28.67
CA ASP B 317 56.47 2.34 -29.24
C ASP B 317 55.79 3.50 -28.52
N GLY B 318 54.92 3.19 -27.56
CA GLY B 318 54.30 4.20 -26.72
C GLY B 318 52.90 4.64 -27.12
N THR B 319 52.41 4.15 -28.27
CA THR B 319 51.05 4.43 -28.73
C THR B 319 50.05 3.62 -27.89
N LEU B 320 48.97 4.25 -27.45
CA LEU B 320 47.98 3.55 -26.66
C LEU B 320 47.20 2.60 -27.55
N ILE B 321 47.03 1.36 -27.08
CA ILE B 321 46.19 0.36 -27.72
C ILE B 321 44.86 0.39 -26.99
N LYS B 322 43.78 0.68 -27.71
CA LYS B 322 42.45 0.77 -27.12
C LYS B 322 41.47 -0.21 -27.73
N GLU B 323 40.89 -1.02 -26.86
CA GLU B 323 39.88 -1.97 -27.24
C GLU B 323 38.60 -1.57 -26.52
N PHE B 324 37.49 -1.67 -27.23
CA PHE B 324 36.21 -1.21 -26.72
C PHE B 324 35.19 -2.31 -26.87
N GLU B 325 34.36 -2.45 -25.83
CA GLU B 325 33.42 -3.55 -25.68
C GLU B 325 32.21 -3.07 -24.92
N ALA B 326 31.04 -3.57 -25.29
CA ALA B 326 29.87 -3.47 -24.42
C ALA B 326 30.06 -4.41 -23.24
N SER B 327 29.33 -4.13 -22.15
CA SER B 327 29.44 -4.93 -20.90
C SER B 327 28.34 -5.97 -20.70
N HIS B 328 27.35 -6.01 -21.59
CA HIS B 328 26.40 -7.12 -21.61
C HIS B 328 26.92 -8.27 -22.46
N GLY B 329 26.20 -9.40 -22.42
CA GLY B 329 26.56 -10.57 -23.23
C GLY B 329 25.86 -10.55 -24.58
N THR B 330 25.82 -11.71 -25.22
CA THR B 330 25.19 -11.92 -26.53
C THR B 330 23.64 -11.99 -26.53
N VAL B 331 23.02 -12.05 -25.34
CA VAL B 331 21.57 -11.96 -25.18
C VAL B 331 20.84 -13.11 -25.92
N ALA B 332 21.19 -14.33 -25.56
CA ALA B 332 20.63 -15.53 -26.17
C ALA B 332 19.11 -15.64 -25.95
N ASP B 333 18.62 -15.27 -24.76
CA ASP B 333 17.18 -15.33 -24.42
C ASP B 333 16.34 -14.53 -25.40
N MET B 334 16.89 -13.41 -25.86
CA MET B 334 16.24 -12.57 -26.85
C MET B 334 16.40 -13.12 -28.28
N ASP B 335 17.57 -13.65 -28.57
CA ASP B 335 17.86 -14.30 -29.85
C ASP B 335 16.95 -15.49 -30.13
N GLU B 336 16.72 -16.30 -29.11
CA GLU B 336 15.78 -17.41 -29.20
C GLU B 336 14.36 -16.91 -29.51
N ALA B 337 13.95 -15.85 -28.83
CA ALA B 337 12.64 -15.19 -29.10
C ALA B 337 12.52 -14.67 -30.54
N ARG B 338 13.64 -14.21 -31.12
CA ARG B 338 13.69 -13.77 -32.53
C ARG B 338 13.44 -14.91 -33.51
N LEU B 339 14.06 -16.06 -33.27
CA LEU B 339 13.91 -17.23 -34.14
C LEU B 339 12.55 -17.90 -33.99
N ARG B 340 11.88 -17.66 -32.86
CA ARG B 340 10.46 -18.00 -32.69
C ARG B 340 9.49 -16.97 -33.31
N GLY B 341 10.03 -15.84 -33.80
CA GLY B 341 9.25 -14.81 -34.46
C GLY B 341 8.58 -13.83 -33.52
N GLU B 342 9.02 -13.79 -32.26
CA GLU B 342 8.45 -12.88 -31.25
C GLU B 342 9.18 -11.53 -31.32
N GLU B 343 8.50 -10.46 -30.92
CA GLU B 343 9.10 -9.11 -30.95
C GLU B 343 10.24 -8.99 -29.94
N THR B 344 11.41 -8.52 -30.39
CA THR B 344 12.55 -8.20 -29.49
C THR B 344 12.80 -6.69 -29.37
N SER B 345 13.56 -6.28 -28.35
CA SER B 345 13.94 -4.87 -28.16
C SER B 345 15.32 -4.76 -27.49
N LEU B 346 16.37 -5.01 -28.27
CA LEU B 346 17.75 -4.88 -27.80
C LEU B 346 18.23 -3.43 -27.93
N ASN B 347 18.65 -2.84 -26.82
CA ASN B 347 19.26 -1.51 -26.83
C ASN B 347 20.71 -1.60 -27.31
N PRO B 348 21.02 -1.03 -28.49
CA PRO B 348 22.37 -1.17 -29.04
C PRO B 348 23.38 -0.11 -28.53
N LEU B 349 22.97 0.74 -27.59
CA LEU B 349 23.78 1.90 -27.18
C LEU B 349 25.17 1.49 -26.66
N GLY B 350 25.21 0.49 -25.79
CA GLY B 350 26.46 -0.03 -25.27
C GLY B 350 27.48 -0.39 -26.33
N MET B 351 27.03 -1.20 -27.29
CA MET B 351 27.89 -1.61 -28.39
C MET B 351 28.27 -0.43 -29.28
N VAL B 352 27.32 0.46 -29.54
CA VAL B 352 27.57 1.63 -30.41
C VAL B 352 28.62 2.56 -29.75
N GLU B 353 28.49 2.81 -28.44
CA GLU B 353 29.52 3.58 -27.72
C GLU B 353 30.90 3.00 -27.92
N GLY B 354 31.01 1.67 -27.84
CA GLY B 354 32.27 1.00 -28.07
C GLY B 354 32.79 1.17 -29.50
N LEU B 355 31.88 1.02 -30.47
CA LEU B 355 32.26 1.17 -31.87
C LEU B 355 32.74 2.61 -32.17
N ILE B 356 31.99 3.58 -31.64
CA ILE B 356 32.37 5.00 -31.69
C ILE B 356 33.78 5.22 -31.13
N GLY B 357 34.04 4.66 -29.95
CA GLY B 357 35.36 4.80 -29.33
C GLY B 357 36.44 4.21 -30.21
N ALA B 358 36.18 3.00 -30.73
CA ALA B 358 37.14 2.35 -31.60
C ALA B 358 37.37 3.13 -32.89
N MET B 359 36.29 3.51 -33.56
CA MET B 359 36.41 4.31 -34.81
C MET B 359 37.15 5.62 -34.56
N ASN B 360 36.77 6.33 -33.49
CA ASN B 360 37.49 7.58 -33.11
C ASN B 360 38.98 7.40 -32.88
N HIS B 361 39.35 6.36 -32.13
CA HIS B 361 40.74 6.11 -31.82
C HIS B 361 41.55 5.71 -33.07
N ALA B 362 40.95 4.85 -33.90
CA ALA B 362 41.52 4.50 -35.22
C ALA B 362 41.79 5.75 -36.07
N ALA B 363 40.81 6.63 -36.14
CA ALA B 363 40.94 7.89 -36.87
C ALA B 363 42.07 8.77 -36.32
N ASP B 364 42.20 8.84 -35.00
CA ASP B 364 43.28 9.63 -34.34
C ASP B 364 44.67 9.01 -34.46
N VAL B 365 44.76 7.70 -34.28
CA VAL B 365 46.04 7.00 -34.42
C VAL B 365 46.60 7.12 -35.85
N HIS B 366 45.74 6.87 -36.84
CA HIS B 366 46.22 6.74 -38.23
C HIS B 366 46.03 8.02 -39.07
N ASN B 367 45.29 8.99 -38.53
CA ASN B 367 45.00 10.26 -39.20
C ASN B 367 44.45 10.04 -40.61
N ILE B 368 43.41 9.23 -40.68
CA ILE B 368 42.70 8.98 -41.91
C ILE B 368 41.26 9.49 -41.70
N ASP B 369 40.88 10.47 -42.52
CA ASP B 369 39.53 11.04 -42.53
C ASP B 369 39.06 11.40 -41.09
N ARG B 370 39.95 12.03 -40.35
CA ARG B 370 39.76 12.24 -38.91
C ARG B 370 38.58 13.12 -38.61
N ASP B 371 38.50 14.28 -39.27
CA ASP B 371 37.41 15.24 -39.03
C ASP B 371 36.06 14.62 -39.35
N ARG B 372 35.95 14.00 -40.52
CA ARG B 372 34.66 13.46 -40.94
C ARG B 372 34.24 12.28 -40.05
N THR B 373 35.21 11.49 -39.61
CA THR B 373 34.89 10.35 -38.71
C THR B 373 34.32 10.81 -37.37
N HIS B 374 34.94 11.80 -36.72
CA HIS B 374 34.42 12.33 -35.44
C HIS B 374 33.05 12.95 -35.61
N ALA B 375 32.86 13.67 -36.72
CA ALA B 375 31.56 14.25 -37.03
C ALA B 375 30.51 13.15 -37.18
N PHE B 376 30.86 12.06 -37.87
CA PHE B 376 29.89 10.97 -38.09
C PHE B 376 29.56 10.21 -36.78
N THR B 377 30.58 9.91 -35.98
CA THR B 377 30.35 9.20 -34.73
C THR B 377 29.55 10.05 -33.72
N THR B 378 29.85 11.34 -33.68
CA THR B 378 29.07 12.30 -32.91
C THR B 378 27.61 12.33 -33.37
N LYS B 379 27.41 12.33 -34.69
CA LYS B 379 26.07 12.34 -35.26
C LYS B 379 25.28 11.10 -34.87
N MET B 380 25.90 9.92 -34.97
CA MET B 380 25.26 8.68 -34.50
C MET B 380 24.78 8.80 -33.08
N ARG B 381 25.68 9.19 -32.15
CA ARG B 381 25.28 9.36 -30.75
C ARG B 381 24.13 10.35 -30.60
N THR B 382 24.23 11.51 -31.25
CA THR B 382 23.19 12.55 -31.16
C THR B 382 21.83 12.05 -31.62
N VAL B 383 21.81 11.37 -32.76
CA VAL B 383 20.56 10.81 -33.30
C VAL B 383 19.98 9.77 -32.33
N ILE B 384 20.83 8.86 -31.84
CA ILE B 384 20.39 7.87 -30.85
C ILE B 384 19.74 8.56 -29.65
N HIS B 385 20.41 9.55 -29.07
CA HIS B 385 19.87 10.23 -27.89
C HIS B 385 18.55 10.94 -28.18
N GLN B 386 18.46 11.58 -29.35
CA GLN B 386 17.27 12.33 -29.72
C GLN B 386 16.07 11.37 -29.81
N LEU B 387 16.28 10.19 -30.38
CA LEU B 387 15.20 9.18 -30.46
C LEU B 387 14.72 8.73 -29.08
N PHE B 388 15.65 8.46 -28.17
CA PHE B 388 15.27 8.16 -26.78
C PHE B 388 14.47 9.29 -26.14
N ARG B 389 14.90 10.54 -26.33
CA ARG B 389 14.15 11.70 -25.84
C ARG B 389 12.72 11.73 -26.39
N GLU B 390 12.58 11.39 -27.66
CA GLU B 390 11.29 11.42 -28.35
C GLU B 390 10.36 10.24 -28.01
N GLY B 391 10.81 9.30 -27.18
CA GLY B 391 10.03 8.11 -26.84
C GLY B 391 10.14 7.01 -27.88
N LYS B 392 11.11 7.14 -28.80
CA LYS B 392 11.33 6.16 -29.85
C LYS B 392 12.57 5.31 -29.57
N GLY B 393 13.00 5.25 -28.31
CA GLY B 393 14.07 4.34 -27.92
C GLY B 393 13.53 2.94 -27.71
N THR B 394 14.43 2.05 -27.34
CA THR B 394 14.06 0.67 -27.03
C THR B 394 13.25 0.55 -25.73
N ARG B 395 12.68 -0.64 -25.53
CA ARG B 395 11.68 -0.84 -24.49
C ARG B 395 12.23 -0.93 -23.07
N ASP B 396 13.51 -1.26 -22.94
CA ASP B 396 14.23 -1.16 -21.66
C ASP B 396 14.06 0.21 -21.00
N LEU B 397 14.11 1.28 -21.79
CA LEU B 397 13.98 2.67 -21.28
C LEU B 397 12.69 3.41 -21.62
N CYS B 398 12.05 3.07 -22.73
CA CYS B 398 10.88 3.81 -23.20
C CYS B 398 9.56 3.10 -22.92
N GLY B 399 9.62 1.95 -22.23
CA GLY B 399 8.42 1.23 -21.84
C GLY B 399 7.88 0.36 -22.96
N PRO B 400 6.61 -0.10 -22.84
CA PRO B 400 6.03 -0.97 -23.88
C PRO B 400 5.79 -0.28 -25.22
N SER B 401 5.52 1.03 -25.21
CA SER B 401 5.40 1.82 -26.44
C SER B 401 6.75 2.15 -27.12
N GLY B 402 7.85 1.66 -26.55
CA GLY B 402 9.17 1.77 -27.17
C GLY B 402 9.31 0.86 -28.37
N LEU B 403 10.32 1.15 -29.19
CA LEU B 403 10.48 0.46 -30.47
C LEU B 403 11.12 -0.89 -30.32
N THR B 404 10.86 -1.76 -31.30
CA THR B 404 11.53 -3.03 -31.40
C THR B 404 12.96 -2.81 -31.89
N THR B 405 13.77 -3.86 -31.78
CA THR B 405 15.17 -3.88 -32.24
C THR B 405 15.32 -3.33 -33.67
N GLU B 406 14.47 -3.84 -34.57
CA GLU B 406 14.52 -3.53 -35.99
C GLU B 406 13.99 -2.13 -36.28
N GLN B 407 12.91 -1.75 -35.59
CA GLN B 407 12.33 -0.42 -35.73
C GLN B 407 13.31 0.66 -35.28
N PHE B 408 14.00 0.41 -34.16
CA PHE B 408 15.01 1.36 -33.68
C PHE B 408 16.18 1.52 -34.64
N ILE B 409 16.68 0.41 -35.14
CA ILE B 409 17.78 0.41 -36.11
C ILE B 409 17.40 1.13 -37.41
N ASP B 410 16.18 0.88 -37.89
CA ASP B 410 15.68 1.59 -39.07
C ASP B 410 15.45 3.05 -38.78
N ALA B 411 14.93 3.38 -37.60
CA ALA B 411 14.69 4.79 -37.23
C ALA B 411 15.97 5.61 -37.28
N VAL B 412 17.05 5.06 -36.73
CA VAL B 412 18.35 5.74 -36.76
C VAL B 412 18.84 5.91 -38.20
N ALA B 413 18.78 4.82 -38.98
CA ALA B 413 19.16 4.86 -40.40
C ALA B 413 18.45 5.98 -41.17
N GLU B 414 17.15 6.15 -40.92
CA GLU B 414 16.37 7.18 -41.62
C GLU B 414 16.79 8.58 -41.17
N ARG B 415 17.20 8.71 -39.91
CA ARG B 415 17.63 10.01 -39.37
C ARG B 415 19.05 10.41 -39.71
N LEU B 416 19.92 9.46 -40.05
CA LEU B 416 21.36 9.75 -40.21
C LEU B 416 21.85 10.64 -41.38
N ASP B 417 21.14 10.64 -42.51
CA ASP B 417 21.57 11.34 -43.76
C ASP B 417 22.74 10.62 -44.43
N SER C 13 -75.93 -20.91 5.96
CA SER C 13 -75.39 -20.25 7.19
C SER C 13 -74.19 -19.38 6.85
N LYS C 14 -74.16 -18.18 7.43
CA LYS C 14 -73.08 -17.23 7.21
C LYS C 14 -71.89 -17.57 8.09
N ILE C 15 -70.71 -17.17 7.64
CA ILE C 15 -69.50 -17.28 8.45
C ILE C 15 -69.62 -16.40 9.68
N THR C 16 -69.27 -16.92 10.84
CA THR C 16 -69.23 -16.14 12.06
C THR C 16 -67.90 -15.40 12.12
N ALA C 17 -67.96 -14.08 11.96
CA ALA C 17 -66.78 -13.24 12.08
C ALA C 17 -66.35 -13.21 13.53
N ALA C 18 -65.06 -13.42 13.77
CA ALA C 18 -64.49 -13.25 15.07
C ALA C 18 -64.54 -11.77 15.45
N PRO C 19 -64.54 -11.47 16.76
CA PRO C 19 -64.47 -10.07 17.14
C PRO C 19 -63.31 -9.36 16.45
N MET C 20 -63.58 -8.15 15.97
CA MET C 20 -62.60 -7.36 15.19
C MET C 20 -62.98 -5.87 15.31
N VAL C 21 -61.98 -5.01 15.41
CA VAL C 21 -62.20 -3.56 15.41
C VAL C 21 -62.16 -3.12 13.94
N TYR C 22 -63.21 -2.39 13.51
CA TYR C 22 -63.28 -1.77 12.18
C TYR C 22 -63.25 -0.26 12.37
N VAL C 23 -62.25 0.42 11.76
CA VAL C 23 -62.12 1.88 11.86
C VAL C 23 -62.44 2.47 10.48
N ARG C 24 -63.56 3.21 10.39
CA ARG C 24 -64.02 3.84 9.14
C ARG C 24 -63.42 5.24 9.01
N GLY C 25 -63.10 5.65 7.78
CA GLY C 25 -62.49 6.95 7.49
C GLY C 25 -63.50 7.85 6.83
N GLU C 26 -63.16 8.32 5.62
CA GLU C 26 -64.07 9.21 4.88
C GLU C 26 -63.63 9.29 3.41
N GLU C 27 -64.30 10.17 2.64
CA GLU C 27 -63.95 10.42 1.25
C GLU C 27 -64.05 9.14 0.39
N MET C 28 -63.16 8.90 -0.56
CA MET C 28 -63.47 7.88 -1.58
C MET C 28 -63.32 6.46 -1.01
N THR C 29 -62.33 6.27 -0.16
CA THR C 29 -62.04 4.99 0.45
C THR C 29 -63.19 4.49 1.34
N ALA C 30 -63.83 5.40 2.06
CA ALA C 30 -65.00 5.06 2.87
C ALA C 30 -66.21 4.71 1.99
N TYR C 31 -66.42 5.44 0.89
CA TYR C 31 -67.44 5.12 -0.10
C TYR C 31 -67.24 3.72 -0.65
N VAL C 32 -65.99 3.39 -1.00
CA VAL C 32 -65.67 2.08 -1.55
C VAL C 32 -65.87 0.97 -0.52
N MET C 33 -65.31 1.16 0.67
CA MET C 33 -65.47 0.17 1.74
C MET C 33 -66.92 -0.02 2.16
N ASP C 34 -67.73 1.04 2.14
CA ASP C 34 -69.19 0.83 2.34
C ASP C 34 -69.78 -0.15 1.32
N LEU C 35 -69.37 -0.05 0.05
CA LEU C 35 -69.87 -0.96 -0.98
C LEU C 35 -69.37 -2.39 -0.77
N ILE C 36 -68.09 -2.54 -0.45
CA ILE C 36 -67.49 -3.86 -0.21
C ILE C 36 -68.15 -4.58 0.97
N ARG C 37 -68.29 -3.88 2.09
CA ARG C 37 -68.97 -4.44 3.27
C ARG C 37 -70.38 -4.89 2.95
N SER C 38 -71.12 -4.00 2.28
CA SER C 38 -72.51 -4.29 1.94
C SER C 38 -72.67 -5.41 0.89
N ARG C 39 -71.80 -5.47 -0.12
CA ARG C 39 -71.98 -6.36 -1.27
C ARG C 39 -71.11 -7.61 -1.28
N TRP C 40 -69.93 -7.55 -0.66
CA TRP C 40 -69.00 -8.70 -0.60
C TRP C 40 -69.09 -9.42 0.73
N ILE C 41 -69.01 -8.68 1.83
CA ILE C 41 -68.83 -9.26 3.17
C ILE C 41 -70.18 -9.70 3.76
N GLU C 42 -71.05 -8.73 3.96
CA GLU C 42 -72.27 -8.95 4.77
C GLU C 42 -73.25 -10.04 4.30
N PRO C 43 -73.40 -10.25 2.98
CA PRO C 43 -74.22 -11.36 2.51
C PRO C 43 -73.65 -12.76 2.87
N ARG C 44 -72.36 -12.82 3.13
CA ARG C 44 -71.67 -14.08 3.41
C ARG C 44 -71.14 -14.23 4.84
N VAL C 45 -71.07 -13.12 5.57
CA VAL C 45 -70.45 -13.07 6.90
C VAL C 45 -71.33 -12.34 7.90
N ASP C 46 -71.63 -13.01 9.01
CA ASP C 46 -72.24 -12.37 10.17
C ASP C 46 -71.17 -11.51 10.83
N VAL C 47 -71.31 -10.18 10.72
CA VAL C 47 -70.34 -9.24 11.29
C VAL C 47 -70.78 -8.64 12.62
N GLY C 48 -71.67 -9.33 13.35
CA GLY C 48 -72.08 -8.89 14.68
C GLY C 48 -70.94 -8.70 15.65
N GLY C 49 -69.90 -9.52 15.53
CA GLY C 49 -68.70 -9.37 16.35
C GLY C 49 -67.84 -8.16 16.07
N TRP C 50 -68.01 -7.52 14.92
CA TRP C 50 -67.24 -6.31 14.62
C TRP C 50 -67.69 -5.17 15.51
N GLU C 51 -66.72 -4.42 16.01
CA GLU C 51 -66.98 -3.15 16.66
C GLU C 51 -66.47 -2.04 15.74
N THR C 52 -67.42 -1.28 15.20
CA THR C 52 -67.18 -0.27 14.18
C THR C 52 -67.06 1.09 14.83
N PHE C 53 -66.05 1.86 14.39
CA PHE C 53 -65.76 3.20 14.90
C PHE C 53 -65.68 4.21 13.74
N ASP C 54 -66.10 5.44 14.02
CA ASP C 54 -66.17 6.51 13.02
C ASP C 54 -64.97 7.40 13.24
N LEU C 55 -63.97 7.31 12.35
CA LEU C 55 -62.77 8.13 12.48
C LEU C 55 -62.63 9.23 11.42
N ARG C 56 -63.76 9.79 10.98
CA ARG C 56 -63.74 11.10 10.29
C ARG C 56 -62.87 12.10 11.05
N ALA C 57 -62.21 13.00 10.32
CA ALA C 57 -61.33 14.01 10.90
C ALA C 57 -62.08 14.89 11.91
N LYS C 58 -63.33 15.18 11.57
CA LYS C 58 -64.26 15.92 12.40
C LYS C 58 -64.41 15.30 13.79
N ASN C 59 -64.35 13.96 13.86
CA ASN C 59 -64.63 13.26 15.11
C ASN C 59 -63.44 13.25 16.06
N ARG C 60 -62.24 13.00 15.57
CA ARG C 60 -61.04 13.20 16.40
C ARG C 60 -61.08 14.55 17.14
N ASP C 61 -61.41 15.60 16.40
CA ASP C 61 -61.52 16.95 16.94
C ASP C 61 -62.77 17.12 17.83
N ASP C 62 -63.95 16.68 17.36
CA ASP C 62 -65.21 16.75 18.14
C ASP C 62 -65.15 16.06 19.53
N THR C 63 -64.51 14.90 19.61
CA THR C 63 -64.42 14.11 20.85
C THR C 63 -63.09 14.34 21.59
N GLU C 64 -62.33 15.38 21.24
CA GLU C 64 -61.03 15.63 21.89
C GLU C 64 -60.12 14.38 21.86
N ASP C 65 -60.20 13.60 20.77
CA ASP C 65 -59.53 12.30 20.60
C ASP C 65 -60.02 11.13 21.50
N ARG C 66 -61.25 11.24 22.02
CA ARG C 66 -61.85 10.15 22.81
C ARG C 66 -62.02 8.93 21.92
N VAL C 67 -62.51 9.16 20.70
CA VAL C 67 -62.71 8.11 19.72
C VAL C 67 -61.42 7.31 19.46
N LEU C 68 -60.29 7.99 19.35
CA LEU C 68 -58.98 7.35 19.21
C LEU C 68 -58.60 6.58 20.49
N ARG C 69 -58.77 7.21 21.66
CA ARG C 69 -58.50 6.54 22.95
C ARG C 69 -59.32 5.25 23.11
N ASP C 70 -60.59 5.31 22.69
CA ASP C 70 -61.47 4.15 22.62
C ASP C 70 -61.02 3.08 21.62
N VAL C 71 -60.59 3.51 20.43
CA VAL C 71 -60.07 2.57 19.43
C VAL C 71 -58.92 1.77 20.05
N ILE C 72 -58.05 2.43 20.80
CA ILE C 72 -56.92 1.79 21.48
C ILE C 72 -57.45 0.73 22.46
N GLU C 73 -58.46 1.12 23.26
CA GLU C 73 -59.06 0.21 24.25
C GLU C 73 -59.68 -1.02 23.61
N ALA C 74 -60.52 -0.81 22.60
CA ALA C 74 -61.15 -1.92 21.88
C ALA C 74 -60.11 -2.83 21.20
N GLY C 75 -59.07 -2.20 20.64
CA GLY C 75 -57.95 -2.95 20.04
C GLY C 75 -57.15 -3.81 21.02
N LYS C 76 -56.90 -3.28 22.22
CA LYS C 76 -56.25 -4.05 23.29
C LYS C 76 -57.10 -5.27 23.68
N ARG C 77 -58.42 -5.09 23.72
CA ARG C 77 -59.34 -6.18 24.10
C ARG C 77 -59.51 -7.23 23.01
N ILE C 78 -59.67 -6.79 21.76
CA ILE C 78 -60.10 -7.63 20.65
C ILE C 78 -58.91 -8.18 19.83
N LYS C 79 -57.79 -7.44 19.83
CA LYS C 79 -56.51 -7.87 19.24
C LYS C 79 -56.40 -7.86 17.71
N ALA C 80 -57.47 -7.53 17.00
CA ALA C 80 -57.52 -7.56 15.54
C ALA C 80 -58.23 -6.31 15.06
N ILE C 81 -57.52 -5.48 14.29
CA ILE C 81 -58.03 -4.19 13.85
C ILE C 81 -57.81 -4.03 12.33
N PHE C 82 -58.88 -3.68 11.62
CA PHE C 82 -58.75 -3.14 10.27
C PHE C 82 -59.04 -1.67 10.36
N LYS C 83 -58.15 -0.84 9.80
CA LYS C 83 -58.36 0.60 9.74
C LYS C 83 -58.32 1.05 8.28
N GLU C 84 -59.36 1.77 7.85
CA GLU C 84 -59.36 2.47 6.55
C GLU C 84 -58.37 3.64 6.53
N PRO C 85 -57.99 4.11 5.34
CA PRO C 85 -57.29 5.42 5.30
C PRO C 85 -58.14 6.50 5.96
N THR C 86 -57.49 7.41 6.66
CA THR C 86 -58.16 8.48 7.37
C THR C 86 -57.48 9.81 7.05
N VAL C 87 -58.21 10.90 7.30
CA VAL C 87 -57.68 12.24 7.12
C VAL C 87 -57.13 12.70 8.46
N THR C 88 -55.82 12.94 8.52
CA THR C 88 -55.19 13.47 9.74
C THR C 88 -55.59 14.93 9.82
N PRO C 89 -56.27 15.35 10.92
CA PRO C 89 -56.80 16.71 10.96
C PRO C 89 -55.68 17.75 11.20
N THR C 90 -54.85 17.94 10.18
CA THR C 90 -53.71 18.85 10.25
C THR C 90 -54.19 20.30 10.10
N ALA C 91 -53.23 21.24 10.18
CA ALA C 91 -53.48 22.67 9.97
C ALA C 91 -54.33 22.95 8.71
N ASP C 92 -53.90 22.39 7.56
CA ASP C 92 -54.64 22.53 6.30
C ASP C 92 -56.12 22.12 6.40
N GLN C 93 -56.38 21.02 7.09
CA GLN C 93 -57.75 20.49 7.21
C GLN C 93 -58.63 21.27 8.20
N VAL C 94 -58.01 22.05 9.08
CA VAL C 94 -58.75 22.91 10.02
C VAL C 94 -59.76 23.75 9.23
N LYS C 95 -59.24 24.55 8.30
CA LYS C 95 -60.07 25.43 7.47
C LYS C 95 -61.03 24.64 6.57
N ARG C 96 -60.50 23.65 5.86
CA ARG C 96 -61.28 22.88 4.88
C ARG C 96 -62.59 22.26 5.44
N LEU C 97 -62.56 21.81 6.71
CA LEU C 97 -63.74 21.21 7.37
C LEU C 97 -64.35 22.10 8.45
N GLY C 98 -63.51 22.57 9.39
CA GLY C 98 -63.94 23.47 10.47
C GLY C 98 -63.57 23.01 11.88
N LEU C 99 -62.33 22.59 12.04
CA LEU C 99 -61.87 22.03 13.31
C LEU C 99 -61.51 23.17 14.25
N ARG C 100 -61.50 22.87 15.54
CA ARG C 100 -61.16 23.83 16.57
C ARG C 100 -59.65 23.77 16.85
N LYS C 101 -59.01 22.64 16.56
CA LYS C 101 -57.55 22.54 16.64
C LYS C 101 -56.95 21.47 15.73
N SER C 102 -55.63 21.53 15.59
CA SER C 102 -54.86 20.55 14.84
C SER C 102 -54.53 19.31 15.68
N TRP C 103 -54.55 18.15 15.03
CA TRP C 103 -54.30 16.84 15.65
C TRP C 103 -53.24 16.08 14.87
N GLY C 104 -52.34 15.43 15.62
CA GLY C 104 -51.24 14.67 15.02
C GLY C 104 -51.75 13.37 14.43
N SER C 105 -50.88 12.63 13.77
CA SER C 105 -51.20 11.28 13.32
C SER C 105 -51.63 10.42 14.51
N PRO C 106 -52.62 9.53 14.32
CA PRO C 106 -53.00 8.58 15.37
C PRO C 106 -52.03 7.41 15.54
N ASN C 107 -50.99 7.33 14.71
CA ASN C 107 -50.07 6.20 14.71
C ASN C 107 -49.32 6.07 16.02
N GLY C 108 -48.79 7.20 16.51
CA GLY C 108 -48.07 7.24 17.77
C GLY C 108 -48.85 6.59 18.90
N ALA C 109 -50.12 6.98 19.04
CA ALA C 109 -51.01 6.45 20.07
C ALA C 109 -51.33 4.95 19.90
N MET C 110 -51.52 4.51 18.65
CA MET C 110 -51.76 3.09 18.36
C MET C 110 -50.53 2.25 18.66
N ARG C 111 -49.35 2.73 18.25
CA ARG C 111 -48.09 2.05 18.52
C ARG C 111 -47.76 1.95 20.01
N ARG C 112 -48.16 2.96 20.80
CA ARG C 112 -47.97 3.00 22.27
C ARG C 112 -48.97 2.09 22.95
N GLY C 113 -50.24 2.29 22.64
CA GLY C 113 -51.34 1.57 23.26
C GLY C 113 -51.30 0.08 23.04
N TRP C 114 -50.76 -0.35 21.89
CA TRP C 114 -50.71 -1.77 21.53
C TRP C 114 -49.34 -2.40 21.61
N ASN C 115 -48.39 -1.74 22.29
CA ASN C 115 -47.03 -2.25 22.47
C ASN C 115 -46.37 -2.68 21.15
N GLY C 116 -46.43 -1.76 20.18
CA GLY C 116 -45.95 -2.03 18.82
C GLY C 116 -44.51 -2.49 18.76
N ILE C 117 -44.27 -3.57 18.04
CA ILE C 117 -42.91 -4.03 17.73
C ILE C 117 -42.49 -3.68 16.30
N THR C 118 -43.42 -3.78 15.34
CA THR C 118 -43.11 -3.53 13.95
C THR C 118 -44.31 -2.96 13.19
N ILE C 119 -44.04 -2.17 12.16
CA ILE C 119 -44.97 -2.01 11.05
C ILE C 119 -44.44 -2.88 9.90
N SER C 120 -45.15 -3.97 9.60
CA SER C 120 -44.80 -4.85 8.49
C SER C 120 -45.24 -4.23 7.16
N ARG C 121 -44.26 -4.05 6.27
CA ARG C 121 -44.43 -3.35 5.01
C ARG C 121 -44.01 -4.31 3.90
N ASP C 122 -44.98 -5.08 3.42
CA ASP C 122 -44.72 -6.18 2.52
C ASP C 122 -45.25 -5.86 1.13
N THR C 123 -44.60 -6.38 0.10
CA THR C 123 -45.10 -6.21 -1.27
C THR C 123 -46.41 -6.97 -1.45
N ILE C 124 -47.35 -6.36 -2.18
CA ILE C 124 -48.62 -7.00 -2.54
C ILE C 124 -48.53 -7.50 -4.00
N HIS C 125 -48.97 -8.74 -4.21
CA HIS C 125 -48.81 -9.42 -5.49
C HIS C 125 -50.13 -9.87 -6.10
N ILE C 126 -50.18 -9.88 -7.42
CA ILE C 126 -51.36 -10.30 -8.17
C ILE C 126 -50.93 -11.43 -9.08
N ASP C 127 -51.52 -12.61 -8.87
CA ASP C 127 -51.30 -13.74 -9.75
C ASP C 127 -51.77 -13.39 -11.17
N GLY C 128 -50.80 -13.32 -12.09
CA GLY C 128 -51.06 -12.98 -13.49
C GLY C 128 -50.78 -11.55 -13.90
N VAL C 129 -50.26 -10.74 -12.98
CA VAL C 129 -49.83 -9.39 -13.33
C VAL C 129 -48.46 -9.17 -12.73
N GLU C 130 -47.49 -8.82 -13.57
CA GLU C 130 -46.11 -8.58 -13.12
C GLU C 130 -45.97 -7.17 -12.58
N LEU C 131 -45.50 -7.05 -11.34
CA LEU C 131 -45.16 -5.77 -10.76
C LEU C 131 -43.63 -5.70 -10.64
N GLY C 132 -43.10 -4.72 -9.91
CA GLY C 132 -41.66 -4.50 -9.82
C GLY C 132 -40.85 -5.66 -9.28
N TYR C 133 -41.28 -6.24 -8.17
CA TYR C 133 -40.62 -7.41 -7.60
C TYR C 133 -41.33 -8.68 -8.05
N LYS C 134 -40.57 -9.65 -8.57
CA LYS C 134 -41.16 -10.91 -9.06
C LYS C 134 -41.77 -11.76 -7.94
N LYS C 135 -41.04 -11.89 -6.84
CA LYS C 135 -41.47 -12.69 -5.67
C LYS C 135 -41.65 -11.81 -4.43
N PRO C 136 -42.50 -12.24 -3.47
CA PRO C 136 -42.74 -11.48 -2.25
C PRO C 136 -41.50 -10.96 -1.53
N VAL C 137 -41.59 -9.71 -1.09
CA VAL C 137 -40.61 -9.08 -0.24
C VAL C 137 -41.29 -8.70 1.08
N LEU C 138 -40.59 -9.00 2.18
CA LEU C 138 -41.07 -8.63 3.52
C LEU C 138 -40.17 -7.56 4.12
N PHE C 139 -40.75 -6.59 4.80
CA PHE C 139 -39.96 -5.57 5.50
C PHE C 139 -40.56 -5.31 6.87
N GLU C 140 -39.70 -5.26 7.90
CA GLU C 140 -40.10 -4.85 9.24
C GLU C 140 -39.52 -3.49 9.58
N ARG C 141 -40.38 -2.52 9.85
CA ARG C 141 -39.96 -1.23 10.40
C ARG C 141 -40.16 -1.25 11.90
N HIS C 142 -39.07 -1.21 12.66
CA HIS C 142 -39.14 -1.16 14.12
C HIS C 142 -40.07 -0.02 14.53
N ALA C 143 -41.10 -0.32 15.30
CA ALA C 143 -42.22 0.62 15.44
C ALA C 143 -42.04 1.69 16.52
N VAL C 144 -40.93 1.63 17.27
CA VAL C 144 -40.68 2.54 18.38
C VAL C 144 -39.26 3.09 18.32
N GLY C 145 -39.02 4.14 19.09
CA GLY C 145 -37.71 4.73 19.25
C GLY C 145 -37.28 5.66 18.14
N GLY C 146 -36.06 6.15 18.30
CA GLY C 146 -35.42 6.98 17.29
C GLY C 146 -35.91 8.41 17.40
N GLU C 147 -35.66 9.16 16.32
CA GLU C 147 -35.92 10.60 16.30
C GLU C 147 -37.40 10.99 16.34
N TYR C 148 -38.28 10.03 16.08
CA TYR C 148 -39.73 10.24 16.18
C TYR C 148 -40.16 10.65 17.59
N SER C 149 -39.42 10.22 18.61
CA SER C 149 -39.72 10.59 20.00
C SER C 149 -38.60 11.40 20.65
N ALA C 150 -37.85 12.14 19.84
CA ALA C 150 -36.73 12.93 20.36
C ALA C 150 -37.20 14.16 21.12
N GLY C 151 -36.37 14.60 22.06
CA GLY C 151 -36.47 15.93 22.63
C GLY C 151 -35.48 16.82 21.91
N TYR C 152 -35.81 18.07 21.74
CA TYR C 152 -34.96 18.97 20.96
C TYR C 152 -35.17 20.43 21.28
N LYS C 153 -34.22 21.24 20.81
CA LYS C 153 -34.32 22.67 20.85
C LYS C 153 -33.49 23.26 19.73
N ASN C 154 -33.93 24.38 19.19
CA ASN C 154 -33.14 25.17 18.26
C ASN C 154 -32.53 26.30 19.08
N VAL C 155 -31.20 26.36 19.07
CA VAL C 155 -30.44 27.22 19.99
C VAL C 155 -29.31 27.96 19.26
N GLY C 156 -28.67 28.86 20.00
CA GLY C 156 -27.45 29.53 19.57
C GLY C 156 -26.26 28.95 20.32
N LYS C 157 -25.25 29.77 20.58
CA LYS C 157 -24.03 29.28 21.23
C LYS C 157 -24.30 28.95 22.70
N GLY C 158 -23.64 27.90 23.20
CA GLY C 158 -23.78 27.45 24.57
C GLY C 158 -23.24 26.07 24.84
N LYS C 159 -23.49 25.58 26.06
CA LYS C 159 -23.01 24.27 26.52
C LYS C 159 -24.18 23.31 26.63
N LEU C 160 -24.02 22.14 26.02
CA LEU C 160 -25.02 21.07 26.01
C LEU C 160 -24.53 19.90 26.86
N THR C 161 -25.34 19.44 27.81
CA THR C 161 -24.91 18.34 28.67
C THR C 161 -26.00 17.28 28.76
N THR C 162 -25.61 16.02 28.59
CA THR C 162 -26.53 14.89 28.70
C THR C 162 -26.00 13.96 29.78
N THR C 163 -26.82 13.70 30.79
CA THR C 163 -26.46 12.78 31.86
C THR C 163 -27.45 11.61 31.92
N PHE C 164 -26.97 10.50 32.45
CA PHE C 164 -27.79 9.32 32.72
C PHE C 164 -27.54 8.83 34.14
N THR C 165 -28.61 8.41 34.81
CA THR C 165 -28.54 7.85 36.16
C THR C 165 -29.21 6.47 36.14
N PRO C 166 -28.43 5.39 36.16
CA PRO C 166 -29.04 4.05 36.26
C PRO C 166 -29.89 3.93 37.53
N SER C 167 -30.99 3.19 37.45
CA SER C 167 -31.88 2.96 38.60
C SER C 167 -31.74 1.57 39.21
N GLU C 168 -30.95 0.71 38.59
CA GLU C 168 -30.63 -0.61 39.14
C GLU C 168 -29.23 -1.02 38.70
N GLY C 169 -28.76 -2.14 39.23
CA GLY C 169 -27.40 -2.64 38.93
C GLY C 169 -26.35 -2.01 39.83
N PRO C 170 -25.07 -2.37 39.61
CA PRO C 170 -23.95 -1.93 40.48
C PRO C 170 -23.72 -0.41 40.60
N ASP C 171 -24.10 0.35 39.57
CA ASP C 171 -23.95 1.82 39.57
C ASP C 171 -25.25 2.58 39.82
N ALA C 172 -26.26 1.90 40.37
CA ALA C 172 -27.57 2.49 40.67
C ALA C 172 -27.44 3.79 41.48
N GLY C 173 -28.11 4.84 41.02
CA GLY C 173 -28.05 6.16 41.68
C GLY C 173 -26.87 7.06 41.33
N LYS C 174 -25.84 6.51 40.68
CA LYS C 174 -24.65 7.25 40.30
C LYS C 174 -24.80 7.86 38.90
N THR C 175 -24.83 9.19 38.84
CA THR C 175 -24.99 9.93 37.59
C THR C 175 -23.69 9.98 36.78
N VAL C 176 -23.79 9.65 35.48
CA VAL C 176 -22.64 9.71 34.57
C VAL C 176 -22.94 10.63 33.39
N VAL C 177 -21.91 11.26 32.84
CA VAL C 177 -22.06 12.13 31.69
C VAL C 177 -22.05 11.28 30.41
N VAL C 178 -23.16 11.33 29.68
CA VAL C 178 -23.30 10.66 28.38
C VAL C 178 -22.59 11.46 27.30
N ASP C 179 -22.80 12.78 27.32
CA ASP C 179 -22.22 13.70 26.33
C ASP C 179 -22.14 15.10 26.89
N GLU C 180 -21.14 15.86 26.43
CA GLU C 180 -21.08 17.28 26.69
C GLU C 180 -20.35 17.92 25.54
N ARG C 181 -20.89 19.03 25.05
CA ARG C 181 -20.31 19.72 23.90
C ARG C 181 -20.62 21.18 24.00
N GLU C 182 -19.74 21.97 23.40
CA GLU C 182 -19.93 23.39 23.24
C GLU C 182 -20.55 23.61 21.85
N ILE C 183 -21.70 24.28 21.79
CA ILE C 183 -22.31 24.67 20.52
C ILE C 183 -21.69 26.00 20.09
N VAL C 184 -21.10 26.03 18.89
CA VAL C 184 -20.40 27.23 18.41
C VAL C 184 -21.13 27.96 17.27
N ASP C 185 -22.31 27.48 16.90
CA ASP C 185 -23.11 28.11 15.86
C ASP C 185 -24.16 29.02 16.46
N GLU C 186 -24.44 30.12 15.78
CA GLU C 186 -25.57 31.00 16.12
C GLU C 186 -26.92 30.33 15.87
N GLU C 187 -26.94 29.40 14.90
CA GLU C 187 -28.13 28.58 14.62
C GLU C 187 -27.76 27.09 14.70
N ALA C 188 -28.35 26.38 15.65
CA ALA C 188 -28.15 24.94 15.76
C ALA C 188 -29.36 24.21 16.32
N ALA C 189 -29.44 22.93 16.00
CA ALA C 189 -30.41 22.04 16.59
C ALA C 189 -29.66 21.17 17.55
N VAL C 190 -30.23 20.95 18.74
CA VAL C 190 -29.69 20.00 19.71
C VAL C 190 -30.80 18.98 19.99
N VAL C 191 -30.42 17.71 20.01
CA VAL C 191 -31.40 16.62 19.93
C VAL C 191 -30.96 15.47 20.80
N THR C 192 -31.90 14.90 21.58
CA THR C 192 -31.64 13.70 22.33
C THR C 192 -32.77 12.72 22.05
N TYR C 193 -32.42 11.44 21.90
CA TYR C 193 -33.43 10.39 21.74
C TYR C 193 -32.94 9.07 22.34
N HIS C 194 -33.84 8.09 22.41
CA HIS C 194 -33.47 6.74 22.80
C HIS C 194 -34.06 5.71 21.86
N ASN C 195 -33.33 4.60 21.73
CA ASN C 195 -33.86 3.39 21.10
C ASN C 195 -34.12 2.32 22.18
N PRO C 196 -35.40 1.95 22.42
CA PRO C 196 -35.64 0.81 23.33
C PRO C 196 -35.43 -0.48 22.59
N TYR C 197 -34.59 -1.37 23.11
CA TYR C 197 -34.21 -2.58 22.39
C TYR C 197 -34.71 -3.91 22.98
N ASP C 198 -35.38 -3.88 24.14
CA ASP C 198 -35.90 -5.13 24.72
C ASP C 198 -36.82 -5.85 23.75
N ASN C 199 -37.70 -5.11 23.07
CA ASN C 199 -38.65 -5.74 22.11
C ASN C 199 -38.07 -6.16 20.75
N VAL C 200 -36.76 -5.97 20.55
CA VAL C 200 -36.09 -6.51 19.36
C VAL C 200 -35.99 -8.02 19.43
N HIS C 201 -35.96 -8.57 20.65
CA HIS C 201 -36.11 -10.01 20.83
C HIS C 201 -37.40 -10.51 20.19
N ASP C 202 -38.51 -9.87 20.54
CA ASP C 202 -39.82 -10.19 19.95
C ASP C 202 -39.85 -9.90 18.44
N LEU C 203 -39.27 -8.77 18.04
CA LEU C 203 -39.18 -8.41 16.62
C LEU C 203 -38.44 -9.47 15.81
N ALA C 204 -37.29 -9.90 16.32
CA ALA C 204 -36.48 -10.91 15.64
C ALA C 204 -37.26 -12.22 15.45
N ARG C 205 -37.92 -12.68 16.50
CA ARG C 205 -38.73 -13.91 16.44
C ARG C 205 -39.87 -13.85 15.42
N PHE C 206 -40.58 -12.74 15.43
CA PHE C 206 -41.66 -12.48 14.49
C PHE C 206 -41.16 -12.42 13.04
N PHE C 207 -40.07 -11.71 12.84
CA PHE C 207 -39.47 -11.50 11.52
C PHE C 207 -38.95 -12.78 10.92
N PHE C 208 -38.09 -13.46 11.66
CA PHE C 208 -37.51 -14.72 11.16
C PHE C 208 -38.59 -15.80 10.95
N GLY C 209 -39.56 -15.86 11.85
CA GLY C 209 -40.73 -16.76 11.69
C GLY C 209 -41.49 -16.51 10.38
N ARG C 210 -41.83 -15.24 10.14
CA ARG C 210 -42.44 -14.79 8.88
C ARG C 210 -41.62 -15.13 7.64
N CYS C 211 -40.34 -14.78 7.70
CA CYS C 211 -39.40 -15.07 6.61
C CYS C 211 -39.27 -16.55 6.29
N LEU C 212 -39.24 -17.39 7.32
CA LEU C 212 -39.20 -18.83 7.12
C LEU C 212 -40.44 -19.37 6.41
N GLU C 213 -41.62 -18.96 6.90
CA GLU C 213 -42.91 -19.32 6.27
C GLU C 213 -42.95 -18.90 4.80
N ALA C 214 -42.55 -17.65 4.53
CA ALA C 214 -42.50 -17.12 3.17
C ALA C 214 -41.35 -17.66 2.32
N LYS C 215 -40.37 -18.31 2.95
CA LYS C 215 -39.19 -18.87 2.29
C LYS C 215 -38.37 -17.78 1.61
N VAL C 216 -38.10 -16.72 2.36
CA VAL C 216 -37.32 -15.58 1.86
C VAL C 216 -36.09 -15.41 2.75
N THR C 217 -35.01 -14.94 2.15
CA THR C 217 -33.76 -14.75 2.87
C THR C 217 -33.86 -13.46 3.69
N PRO C 218 -33.58 -13.54 5.01
CA PRO C 218 -33.66 -12.36 5.87
C PRO C 218 -32.36 -11.55 5.91
N TYR C 219 -32.50 -10.24 6.04
CA TYR C 219 -31.37 -9.32 6.17
C TYR C 219 -31.66 -8.32 7.28
N VAL C 220 -30.63 -7.96 8.04
CA VAL C 220 -30.74 -6.88 9.03
C VAL C 220 -30.04 -5.63 8.50
N VAL C 221 -30.70 -4.48 8.66
CA VAL C 221 -30.26 -3.23 8.03
C VAL C 221 -30.10 -2.15 9.11
N THR C 222 -28.87 -1.66 9.28
CA THR C 222 -28.58 -0.57 10.22
C THR C 222 -27.46 0.32 9.66
N LYS C 223 -27.10 1.36 10.42
CA LYS C 223 -25.90 2.18 10.16
C LYS C 223 -24.89 1.98 11.30
N LYS C 224 -24.83 0.75 11.83
CA LYS C 224 -24.10 0.48 13.11
C LYS C 224 -22.60 0.72 13.03
N THR C 225 -22.03 0.65 11.83
CA THR C 225 -20.59 0.95 11.61
C THR C 225 -20.21 2.34 12.14
N VAL C 226 -21.12 3.29 11.93
CA VAL C 226 -20.95 4.69 12.31
C VAL C 226 -21.80 5.06 13.52
N PHE C 227 -23.06 4.62 13.51
CA PHE C 227 -23.98 4.90 14.62
C PHE C 227 -23.89 3.70 15.55
N LYS C 228 -22.80 3.66 16.31
CA LYS C 228 -22.39 2.44 17.00
C LYS C 228 -23.34 1.97 18.10
N TRP C 229 -24.13 2.89 18.64
CA TRP C 229 -25.23 2.57 19.56
C TRP C 229 -26.29 1.63 18.97
N GLN C 230 -26.33 1.51 17.64
CA GLN C 230 -27.23 0.55 16.99
C GLN C 230 -26.80 -0.91 17.06
N GLU C 231 -25.58 -1.17 17.53
CA GLU C 231 -25.02 -2.54 17.55
C GLU C 231 -25.97 -3.60 18.13
N PRO C 232 -26.65 -3.31 19.25
CA PRO C 232 -27.55 -4.33 19.80
C PRO C 232 -28.71 -4.77 18.89
N PHE C 233 -29.23 -3.86 18.07
CA PHE C 233 -30.25 -4.23 17.08
C PHE C 233 -29.76 -5.44 16.26
N TRP C 234 -28.54 -5.35 15.77
CA TRP C 234 -27.89 -6.45 15.06
C TRP C 234 -27.62 -7.69 15.95
N GLN C 235 -27.00 -7.45 17.11
CA GLN C 235 -26.57 -8.55 18.00
C GLN C 235 -27.73 -9.41 18.47
N ILE C 236 -28.82 -8.75 18.85
CA ILE C 236 -30.06 -9.43 19.26
C ILE C 236 -30.61 -10.25 18.09
N MET C 237 -30.78 -9.60 16.93
CA MET C 237 -31.21 -10.29 15.71
C MET C 237 -30.36 -11.53 15.39
N ARG C 238 -29.04 -11.37 15.32
CA ARG C 238 -28.12 -12.48 14.99
C ARG C 238 -28.22 -13.63 16.00
N THR C 239 -28.29 -13.27 17.29
CA THR C 239 -28.35 -14.26 18.36
C THR C 239 -29.61 -15.10 18.23
N VAL C 240 -30.74 -14.43 18.08
CA VAL C 240 -32.02 -15.13 17.90
C VAL C 240 -31.96 -16.00 16.65
N PHE C 241 -31.43 -15.47 15.55
CA PHE C 241 -31.33 -16.24 14.33
C PHE C 241 -30.51 -17.51 14.51
N ASP C 242 -29.29 -17.34 15.00
CA ASP C 242 -28.35 -18.47 15.15
C ASP C 242 -28.91 -19.55 16.08
N GLU C 243 -29.51 -19.14 17.19
CA GLU C 243 -29.97 -20.07 18.23
C GLU C 243 -31.30 -20.72 17.90
N GLU C 244 -32.20 -19.97 17.26
CA GLU C 244 -33.61 -20.40 17.11
C GLU C 244 -34.10 -20.62 15.68
N PHE C 245 -33.32 -20.22 14.66
CA PHE C 245 -33.83 -20.21 13.27
C PHE C 245 -32.90 -20.73 12.17
N LYS C 246 -31.59 -20.48 12.26
CA LYS C 246 -30.66 -20.85 11.17
C LYS C 246 -30.84 -22.30 10.71
N ALA C 247 -30.90 -23.22 11.65
CA ALA C 247 -31.06 -24.66 11.33
C ALA C 247 -32.34 -24.90 10.52
N GLN C 248 -33.41 -24.21 10.90
CA GLN C 248 -34.68 -24.30 10.21
C GLN C 248 -34.60 -23.74 8.78
N PHE C 249 -33.90 -22.61 8.61
CA PHE C 249 -33.69 -22.04 7.27
C PHE C 249 -32.92 -22.98 6.33
N VAL C 250 -31.93 -23.70 6.87
CA VAL C 250 -31.14 -24.65 6.08
C VAL C 250 -32.02 -25.84 5.72
N ALA C 251 -32.71 -26.38 6.73
CA ALA C 251 -33.65 -27.50 6.56
C ALA C 251 -34.73 -27.24 5.51
N ALA C 252 -35.24 -26.01 5.43
CA ALA C 252 -36.26 -25.65 4.44
C ALA C 252 -35.70 -25.27 3.05
N GLY C 253 -34.37 -25.27 2.90
CA GLY C 253 -33.72 -24.92 1.64
C GLY C 253 -33.61 -23.43 1.34
N VAL C 254 -33.93 -22.59 2.32
CA VAL C 254 -33.93 -21.12 2.12
C VAL C 254 -32.51 -20.55 2.15
N MET C 255 -31.66 -21.08 3.04
CA MET C 255 -30.24 -20.77 3.08
C MET C 255 -29.40 -22.05 3.02
N LYS C 256 -28.16 -21.94 2.57
CA LYS C 256 -27.23 -23.08 2.44
C LYS C 256 -26.50 -23.32 3.76
N GLU C 257 -26.06 -24.56 3.96
CA GLU C 257 -25.25 -24.89 5.13
C GLU C 257 -24.04 -23.95 5.23
N GLY C 258 -23.77 -23.47 6.45
CA GLY C 258 -22.71 -22.48 6.66
C GLY C 258 -22.97 -21.04 6.21
N GLU C 259 -24.17 -20.74 5.72
CA GLU C 259 -24.54 -19.35 5.35
C GLU C 259 -24.82 -18.59 6.66
N GLU C 260 -24.16 -17.45 6.86
CA GLU C 260 -24.45 -16.61 8.04
C GLU C 260 -25.55 -15.59 7.70
N LEU C 261 -26.31 -15.16 8.71
CA LEU C 261 -27.23 -14.03 8.54
C LEU C 261 -26.43 -12.82 8.08
N VAL C 262 -26.90 -12.15 7.04
CA VAL C 262 -26.22 -11.00 6.47
C VAL C 262 -26.71 -9.68 7.10
N HIS C 263 -25.76 -8.79 7.40
CA HIS C 263 -26.04 -7.43 7.80
C HIS C 263 -25.76 -6.50 6.61
N LEU C 264 -26.68 -5.60 6.34
CA LEU C 264 -26.53 -4.62 5.28
C LEU C 264 -26.53 -3.23 5.90
N LEU C 265 -25.59 -2.39 5.47
CA LEU C 265 -25.65 -0.97 5.83
C LEU C 265 -26.85 -0.35 5.16
N SER C 266 -27.46 0.63 5.81
CA SER C 266 -28.68 1.24 5.27
C SER C 266 -28.45 1.87 3.92
N ASP C 267 -27.26 2.44 3.70
CA ASP C 267 -26.97 3.03 2.41
C ASP C 267 -26.73 1.95 1.35
N ALA C 268 -26.21 0.80 1.73
CA ALA C 268 -26.21 -0.37 0.83
C ALA C 268 -27.61 -0.92 0.56
N ALA C 269 -28.47 -0.98 1.58
CA ALA C 269 -29.84 -1.51 1.40
C ALA C 269 -30.61 -0.74 0.32
N THR C 270 -30.40 0.57 0.27
CA THR C 270 -31.04 1.40 -0.73
C THR C 270 -30.68 0.97 -2.17
N MET C 271 -29.47 0.46 -2.36
CA MET C 271 -29.02 -0.02 -3.66
C MET C 271 -29.63 -1.39 -3.93
N LYS C 272 -29.60 -2.27 -2.91
CA LYS C 272 -30.19 -3.60 -3.04
C LYS C 272 -31.68 -3.58 -3.42
N LEU C 273 -32.44 -2.63 -2.88
CA LEU C 273 -33.87 -2.51 -3.25
C LEU C 273 -34.09 -2.28 -4.73
N VAL C 274 -33.18 -1.56 -5.39
CA VAL C 274 -33.27 -1.33 -6.83
C VAL C 274 -32.76 -2.55 -7.60
N GLN C 275 -31.66 -3.14 -7.12
CA GLN C 275 -31.04 -4.29 -7.80
C GLN C 275 -31.89 -5.54 -7.74
N TRP C 276 -32.41 -5.84 -6.57
CA TRP C 276 -32.99 -7.15 -6.30
C TRP C 276 -34.43 -7.29 -6.80
N ARG C 277 -34.59 -7.15 -8.11
CA ARG C 277 -35.91 -7.15 -8.74
C ARG C 277 -36.60 -8.50 -8.74
N GLN C 278 -35.86 -9.59 -8.50
CA GLN C 278 -36.49 -10.90 -8.27
C GLN C 278 -37.28 -11.00 -6.98
N GLY C 279 -37.03 -10.11 -6.02
CA GLY C 279 -37.69 -10.18 -4.72
C GLY C 279 -37.24 -11.39 -3.94
N GLY C 280 -38.12 -11.95 -3.13
CA GLY C 280 -37.80 -13.12 -2.33
C GLY C 280 -36.80 -12.89 -1.20
N PHE C 281 -36.84 -11.69 -0.61
CA PHE C 281 -36.01 -11.35 0.55
C PHE C 281 -36.83 -10.62 1.64
N GLY C 282 -36.25 -10.57 2.83
CA GLY C 282 -36.80 -9.86 3.98
C GLY C 282 -35.77 -8.89 4.52
N MET C 283 -36.22 -7.70 4.93
CA MET C 283 -35.38 -6.75 5.65
C MET C 283 -36.02 -6.28 6.95
N ALA C 284 -35.19 -6.10 7.98
CA ALA C 284 -35.60 -5.50 9.25
C ALA C 284 -34.69 -4.30 9.54
N ALA C 285 -35.30 -3.20 9.96
CA ALA C 285 -34.57 -1.97 10.22
C ALA C 285 -35.18 -1.19 11.38
N HIS C 286 -34.44 -0.17 11.83
CA HIS C 286 -34.92 0.79 12.83
C HIS C 286 -36.05 1.65 12.24
N ASN C 287 -36.70 2.44 13.11
CA ASN C 287 -37.90 3.21 12.79
C ASN C 287 -37.74 4.11 11.55
N TYR C 288 -36.78 5.03 11.58
CA TYR C 288 -36.60 5.96 10.44
C TYR C 288 -36.11 5.25 9.18
N ASP C 289 -35.10 4.41 9.31
CA ASP C 289 -34.59 3.68 8.12
C ASP C 289 -35.72 2.89 7.46
N GLY C 290 -36.58 2.30 8.27
CA GLY C 290 -37.74 1.57 7.77
C GLY C 290 -38.74 2.50 7.04
N ASP C 291 -38.96 3.68 7.61
CA ASP C 291 -39.82 4.70 7.02
C ASP C 291 -39.33 5.04 5.62
N VAL C 292 -38.05 5.30 5.48
CA VAL C 292 -37.50 5.73 4.19
C VAL C 292 -37.40 4.56 3.19
N LEU C 293 -36.78 3.48 3.62
CA LEU C 293 -36.58 2.33 2.74
C LEU C 293 -37.87 1.70 2.20
N THR C 294 -38.94 1.73 3.00
CA THR C 294 -40.20 1.10 2.56
C THR C 294 -40.94 1.93 1.55
N ASP C 295 -40.72 3.25 1.54
CA ASP C 295 -41.21 4.08 0.45
C ASP C 295 -40.42 3.86 -0.83
N GLU C 296 -39.11 3.65 -0.70
CA GLU C 296 -38.32 3.21 -1.85
C GLU C 296 -38.86 1.90 -2.42
N LEU C 297 -39.09 0.93 -1.53
CA LEU C 297 -39.66 -0.36 -1.90
C LEU C 297 -41.00 -0.19 -2.65
N ALA C 298 -41.86 0.72 -2.17
CA ALA C 298 -43.12 1.01 -2.86
C ALA C 298 -42.91 1.47 -4.30
N GLN C 299 -41.94 2.36 -4.50
CA GLN C 299 -41.71 2.93 -5.82
C GLN C 299 -41.13 1.89 -6.79
N VAL C 300 -40.23 1.03 -6.31
CA VAL C 300 -39.70 -0.05 -7.13
C VAL C 300 -40.79 -1.06 -7.47
N HIS C 301 -41.65 -1.37 -6.50
CA HIS C 301 -42.70 -2.36 -6.72
C HIS C 301 -43.77 -1.83 -7.67
N LYS C 302 -44.33 -0.68 -7.36
CA LYS C 302 -45.30 -0.01 -8.22
C LYS C 302 -45.64 1.36 -7.66
N SER C 303 -46.26 1.37 -6.48
CA SER C 303 -46.68 2.60 -5.80
C SER C 303 -47.04 2.27 -4.34
N PRO C 304 -47.30 3.33 -3.52
CA PRO C 304 -47.55 3.08 -2.11
C PRO C 304 -48.63 2.06 -1.81
N GLY C 305 -49.70 2.08 -2.61
CA GLY C 305 -50.84 1.19 -2.44
C GLY C 305 -50.55 -0.30 -2.55
N PHE C 306 -49.42 -0.66 -3.18
CA PHE C 306 -49.01 -2.06 -3.31
C PHE C 306 -48.02 -2.54 -2.24
N ILE C 307 -47.88 -1.77 -1.14
CA ILE C 307 -47.13 -2.21 0.04
C ILE C 307 -48.08 -2.18 1.23
N THR C 308 -48.02 -3.19 2.11
CA THR C 308 -48.84 -3.18 3.33
C THR C 308 -48.34 -2.16 4.37
N SER C 309 -49.19 -1.85 5.36
CA SER C 309 -48.77 -1.13 6.60
C SER C 309 -49.46 -1.79 7.78
N ASN C 310 -48.85 -2.86 8.28
CA ASN C 310 -49.47 -3.73 9.27
C ASN C 310 -48.75 -3.63 10.60
N LEU C 311 -49.37 -2.94 11.55
CA LEU C 311 -48.80 -2.77 12.88
C LEU C 311 -48.95 -4.06 13.69
N VAL C 312 -47.85 -4.55 14.25
CA VAL C 312 -47.89 -5.70 15.14
C VAL C 312 -47.36 -5.33 16.51
N GLY C 313 -48.15 -5.64 17.53
CA GLY C 313 -47.76 -5.43 18.92
C GLY C 313 -47.98 -6.66 19.78
N VAL C 314 -47.54 -6.57 21.03
CA VAL C 314 -47.52 -7.71 21.96
C VAL C 314 -48.45 -7.37 23.10
N HIS C 315 -49.52 -8.15 23.21
CA HIS C 315 -50.43 -8.04 24.34
C HIS C 315 -49.73 -8.54 25.60
N GLU C 316 -50.21 -8.03 26.73
CA GLU C 316 -49.75 -8.43 28.07
C GLU C 316 -49.89 -9.95 28.33
N ASP C 317 -50.82 -10.61 27.65
CA ASP C 317 -51.15 -12.03 27.86
C ASP C 317 -50.33 -12.93 26.92
N GLY C 318 -49.44 -12.32 26.12
CA GLY C 318 -48.55 -13.06 25.24
C GLY C 318 -49.01 -13.17 23.78
N THR C 319 -50.28 -12.91 23.50
CA THR C 319 -50.79 -13.00 22.12
C THR C 319 -50.46 -11.69 21.41
N LEU C 320 -50.64 -11.67 20.09
CA LEU C 320 -50.31 -10.49 19.27
C LEU C 320 -51.54 -9.67 18.92
N ILE C 321 -51.38 -8.36 18.99
CA ILE C 321 -52.36 -7.38 18.53
C ILE C 321 -51.90 -7.00 17.13
N LYS C 322 -52.78 -7.16 16.15
CA LYS C 322 -52.44 -6.87 14.76
C LYS C 322 -53.46 -5.89 14.18
N GLU C 323 -52.95 -4.75 13.71
CA GLU C 323 -53.72 -3.75 13.01
C GLU C 323 -53.27 -3.70 11.55
N PHE C 324 -54.23 -3.55 10.63
CA PHE C 324 -53.98 -3.63 9.20
C PHE C 324 -54.53 -2.39 8.51
N GLU C 325 -53.72 -1.78 7.64
CA GLU C 325 -54.10 -0.61 6.84
C GLU C 325 -53.52 -0.69 5.44
N ALA C 326 -54.21 -0.06 4.49
CA ALA C 326 -53.62 0.20 3.18
C ALA C 326 -52.63 1.35 3.32
N SER C 327 -51.69 1.47 2.39
CA SER C 327 -50.66 2.50 2.48
C SER C 327 -50.94 3.73 1.63
N HIS C 328 -52.13 3.82 1.05
CA HIS C 328 -52.56 5.03 0.36
C HIS C 328 -53.49 5.81 1.28
N GLY C 329 -53.82 7.03 0.88
CA GLY C 329 -54.75 7.89 1.62
C GLY C 329 -56.20 7.68 1.20
N THR C 330 -57.03 8.70 1.43
CA THR C 330 -58.45 8.60 1.17
C THR C 330 -58.85 8.83 -0.29
N VAL C 331 -57.88 9.12 -1.16
CA VAL C 331 -58.11 9.27 -2.60
C VAL C 331 -59.17 10.38 -2.82
N ALA C 332 -58.92 11.50 -2.16
CA ALA C 332 -59.78 12.68 -2.23
C ALA C 332 -60.01 13.18 -3.66
N ASP C 333 -59.02 13.04 -4.55
CA ASP C 333 -59.18 13.48 -5.94
C ASP C 333 -60.30 12.69 -6.68
N MET C 334 -60.38 11.38 -6.42
CA MET C 334 -61.48 10.57 -6.96
C MET C 334 -62.79 10.88 -6.26
N ASP C 335 -62.77 11.15 -4.96
CA ASP C 335 -63.98 11.56 -4.26
C ASP C 335 -64.56 12.83 -4.90
N GLU C 336 -63.69 13.78 -5.22
CA GLU C 336 -64.13 15.01 -5.94
C GLU C 336 -64.72 14.68 -7.31
N ALA C 337 -64.05 13.80 -8.07
CA ALA C 337 -64.53 13.37 -9.37
C ALA C 337 -65.92 12.71 -9.30
N ARG C 338 -66.11 11.87 -8.28
CA ARG C 338 -67.39 11.22 -8.03
C ARG C 338 -68.50 12.27 -7.85
N LEU C 339 -68.21 13.28 -7.04
CA LEU C 339 -69.16 14.39 -6.74
C LEU C 339 -69.24 15.45 -7.87
N ARG C 340 -68.37 15.32 -8.88
CA ARG C 340 -68.54 15.97 -10.20
C ARG C 340 -69.24 15.10 -11.27
N GLY C 341 -69.75 13.93 -10.88
CA GLY C 341 -70.42 13.03 -11.82
C GLY C 341 -69.51 12.36 -12.83
N GLU C 342 -68.21 12.28 -12.52
CA GLU C 342 -67.23 11.66 -13.40
C GLU C 342 -66.95 10.23 -12.94
N GLU C 343 -66.63 9.36 -13.89
CA GLU C 343 -66.23 8.00 -13.56
C GLU C 343 -64.97 7.97 -12.71
N THR C 344 -64.91 6.98 -11.82
CA THR C 344 -63.74 6.73 -11.00
C THR C 344 -63.32 5.28 -11.18
N SER C 345 -62.09 4.97 -10.76
CA SER C 345 -61.62 3.58 -10.77
C SER C 345 -60.61 3.41 -9.64
N LEU C 346 -61.12 3.28 -8.42
CA LEU C 346 -60.30 3.03 -7.25
C LEU C 346 -60.01 1.53 -7.13
N ASN C 347 -58.72 1.20 -7.05
CA ASN C 347 -58.27 -0.17 -6.86
C ASN C 347 -58.33 -0.51 -5.38
N PRO C 348 -59.28 -1.38 -4.98
CA PRO C 348 -59.42 -1.64 -3.55
C PRO C 348 -58.47 -2.71 -3.02
N LEU C 349 -57.51 -3.18 -3.82
CA LEU C 349 -56.69 -4.33 -3.42
C LEU C 349 -55.90 -4.08 -2.14
N GLY C 350 -55.37 -2.88 -1.96
CA GLY C 350 -54.64 -2.53 -0.74
C GLY C 350 -55.49 -2.64 0.54
N MET C 351 -56.66 -2.03 0.50
CA MET C 351 -57.61 -2.12 1.61
C MET C 351 -58.14 -3.54 1.84
N VAL C 352 -58.41 -4.27 0.77
CA VAL C 352 -58.89 -5.66 0.88
C VAL C 352 -57.81 -6.55 1.49
N GLU C 353 -56.55 -6.36 1.11
CA GLU C 353 -55.45 -7.09 1.76
C GLU C 353 -55.41 -6.80 3.26
N GLY C 354 -55.63 -5.54 3.63
CA GLY C 354 -55.71 -5.18 5.04
C GLY C 354 -56.88 -5.88 5.76
N LEU C 355 -58.06 -5.85 5.14
CA LEU C 355 -59.25 -6.45 5.74
C LEU C 355 -59.11 -7.98 5.82
N ILE C 356 -58.54 -8.57 4.79
CA ILE C 356 -58.21 -10.00 4.81
C ILE C 356 -57.33 -10.33 6.00
N GLY C 357 -56.23 -9.58 6.15
CA GLY C 357 -55.34 -9.83 7.28
C GLY C 357 -56.01 -9.68 8.62
N ALA C 358 -56.84 -8.64 8.75
CA ALA C 358 -57.56 -8.39 10.00
C ALA C 358 -58.56 -9.50 10.29
N MET C 359 -59.34 -9.91 9.29
CA MET C 359 -60.34 -10.97 9.50
C MET C 359 -59.67 -12.33 9.82
N ASN C 360 -58.57 -12.62 9.13
CA ASN C 360 -57.79 -13.84 9.39
C ASN C 360 -57.22 -13.85 10.79
N HIS C 361 -56.62 -12.75 11.19
CA HIS C 361 -56.08 -12.66 12.52
C HIS C 361 -57.17 -12.72 13.61
N ALA C 362 -58.31 -12.08 13.36
CA ALA C 362 -59.41 -12.14 14.31
C ALA C 362 -59.84 -13.60 14.53
N ALA C 363 -60.01 -14.33 13.44
CA ALA C 363 -60.37 -15.75 13.49
C ALA C 363 -59.30 -16.58 14.20
N ASP C 364 -58.03 -16.31 13.90
CA ASP C 364 -56.93 -17.10 14.50
C ASP C 364 -56.72 -16.81 15.98
N VAL C 365 -56.68 -15.53 16.35
CA VAL C 365 -56.39 -15.18 17.75
C VAL C 365 -57.55 -15.56 18.70
N HIS C 366 -58.78 -15.57 18.19
CA HIS C 366 -59.95 -16.01 18.98
C HIS C 366 -60.41 -17.45 18.74
N ASN C 367 -59.82 -18.12 17.74
CA ASN C 367 -60.19 -19.49 17.35
C ASN C 367 -61.68 -19.61 17.04
N ILE C 368 -62.15 -18.76 16.12
CA ILE C 368 -63.56 -18.71 15.69
C ILE C 368 -63.64 -18.82 14.18
N ASP C 369 -64.24 -19.91 13.71
CA ASP C 369 -64.55 -20.16 12.29
C ASP C 369 -63.30 -19.99 11.39
N ARG C 370 -62.17 -20.53 11.84
CA ARG C 370 -60.89 -20.31 11.15
C ARG C 370 -60.89 -20.81 9.71
N ASP C 371 -61.29 -22.06 9.52
CA ASP C 371 -61.28 -22.66 8.17
C ASP C 371 -62.12 -21.86 7.17
N ARG C 372 -63.35 -21.54 7.55
CA ARG C 372 -64.26 -20.85 6.63
C ARG C 372 -63.83 -19.40 6.37
N THR C 373 -63.30 -18.74 7.40
CA THR C 373 -62.78 -17.38 7.26
C THR C 373 -61.59 -17.36 6.28
N HIS C 374 -60.61 -18.24 6.49
CA HIS C 374 -59.45 -18.29 5.58
C HIS C 374 -59.85 -18.65 4.17
N ALA C 375 -60.80 -19.58 4.03
CA ALA C 375 -61.31 -19.97 2.72
C ALA C 375 -61.95 -18.80 1.99
N PHE C 376 -62.75 -18.03 2.73
CA PHE C 376 -63.46 -16.88 2.18
C PHE C 376 -62.50 -15.76 1.81
N THR C 377 -61.58 -15.41 2.71
CA THR C 377 -60.59 -14.36 2.42
C THR C 377 -59.68 -14.72 1.24
N THR C 378 -59.26 -15.99 1.16
CA THR C 378 -58.52 -16.48 0.00
C THR C 378 -59.37 -16.38 -1.28
N LYS C 379 -60.64 -16.71 -1.17
CA LYS C 379 -61.57 -16.59 -2.29
C LYS C 379 -61.65 -15.16 -2.83
N MET C 380 -61.83 -14.19 -1.94
CA MET C 380 -61.82 -12.77 -2.35
C MET C 380 -60.56 -12.45 -3.14
N ARG C 381 -59.40 -12.86 -2.61
CA ARG C 381 -58.14 -12.55 -3.28
C ARG C 381 -58.09 -13.21 -4.65
N THR C 382 -58.41 -14.50 -4.72
CA THR C 382 -58.39 -15.25 -5.97
C THR C 382 -59.28 -14.64 -7.06
N VAL C 383 -60.48 -14.23 -6.67
CA VAL C 383 -61.45 -13.59 -7.59
C VAL C 383 -60.91 -12.27 -8.11
N ILE C 384 -60.40 -11.45 -7.21
CA ILE C 384 -59.80 -10.17 -7.60
C ILE C 384 -58.67 -10.40 -8.61
N HIS C 385 -57.77 -11.33 -8.30
CA HIS C 385 -56.62 -11.56 -9.18
C HIS C 385 -57.04 -12.03 -10.57
N GLN C 386 -58.00 -12.94 -10.60
CA GLN C 386 -58.53 -13.48 -11.86
C GLN C 386 -59.13 -12.37 -12.71
N LEU C 387 -59.88 -11.46 -12.09
CA LEU C 387 -60.42 -10.30 -12.81
C LEU C 387 -59.32 -9.43 -13.43
N PHE C 388 -58.28 -9.11 -12.65
CA PHE C 388 -57.13 -8.39 -13.22
C PHE C 388 -56.47 -9.12 -14.39
N ARG C 389 -56.32 -10.44 -14.26
CA ARG C 389 -55.76 -11.31 -15.31
C ARG C 389 -56.54 -11.18 -16.63
N GLU C 390 -57.87 -11.10 -16.52
CA GLU C 390 -58.76 -10.99 -17.68
C GLU C 390 -58.87 -9.57 -18.27
N GLY C 391 -58.15 -8.60 -17.72
CA GLY C 391 -58.31 -7.20 -18.10
C GLY C 391 -59.61 -6.59 -17.58
N LYS C 392 -60.18 -7.16 -16.52
CA LYS C 392 -61.40 -6.65 -15.88
C LYS C 392 -61.08 -6.08 -14.49
N GLY C 393 -59.84 -5.66 -14.27
CA GLY C 393 -59.50 -4.97 -13.05
C GLY C 393 -59.71 -3.49 -13.25
N THR C 394 -59.26 -2.73 -12.27
CA THR C 394 -59.35 -1.28 -12.31
C THR C 394 -58.38 -0.66 -13.33
N ARG C 395 -58.61 0.61 -13.64
CA ARG C 395 -57.95 1.28 -14.76
C ARG C 395 -56.49 1.61 -14.50
N ASP C 396 -56.11 1.68 -13.23
CA ASP C 396 -54.71 1.84 -12.85
C ASP C 396 -53.80 0.78 -13.46
N LEU C 397 -54.25 -0.48 -13.48
CA LEU C 397 -53.48 -1.58 -14.06
C LEU C 397 -53.99 -2.09 -15.41
N CYS C 398 -55.27 -1.91 -15.71
CA CYS C 398 -55.84 -2.45 -16.95
C CYS C 398 -56.06 -1.39 -18.02
N GLY C 399 -55.70 -0.15 -17.73
CA GLY C 399 -55.86 0.94 -18.69
C GLY C 399 -57.30 1.37 -18.86
N PRO C 400 -57.57 2.23 -19.87
CA PRO C 400 -58.91 2.77 -20.14
C PRO C 400 -60.03 1.73 -20.19
N SER C 401 -59.75 0.54 -20.73
CA SER C 401 -60.75 -0.52 -20.84
C SER C 401 -61.08 -1.19 -19.50
N GLY C 402 -60.30 -0.91 -18.46
CA GLY C 402 -60.61 -1.39 -17.11
C GLY C 402 -61.96 -0.92 -16.59
N LEU C 403 -62.41 -1.57 -15.54
CA LEU C 403 -63.69 -1.29 -14.92
C LEU C 403 -63.63 -0.08 -13.98
N THR C 404 -64.77 0.59 -13.86
CA THR C 404 -64.96 1.64 -12.89
C THR C 404 -65.00 1.02 -11.48
N THR C 405 -64.91 1.90 -10.48
CA THR C 405 -64.99 1.50 -9.08
C THR C 405 -66.19 0.58 -8.84
N GLU C 406 -67.36 1.04 -9.26
CA GLU C 406 -68.62 0.35 -8.98
C GLU C 406 -68.77 -0.92 -9.80
N GLN C 407 -68.36 -0.85 -11.08
CA GLN C 407 -68.31 -2.03 -11.96
C GLN C 407 -67.42 -3.14 -11.39
N PHE C 408 -66.25 -2.74 -10.88
CA PHE C 408 -65.36 -3.71 -10.26
C PHE C 408 -65.96 -4.35 -9.01
N ILE C 409 -66.56 -3.55 -8.14
CA ILE C 409 -67.26 -4.07 -6.97
C ILE C 409 -68.32 -5.12 -7.37
N ASP C 410 -69.09 -4.84 -8.42
CA ASP C 410 -70.09 -5.79 -8.93
C ASP C 410 -69.47 -7.06 -9.49
N ALA C 411 -68.40 -6.89 -10.26
CA ALA C 411 -67.71 -8.01 -10.91
C ALA C 411 -67.21 -9.03 -9.89
N VAL C 412 -66.64 -8.54 -8.78
CA VAL C 412 -66.20 -9.39 -7.68
C VAL C 412 -67.41 -10.07 -7.00
N ALA C 413 -68.40 -9.27 -6.60
CA ALA C 413 -69.59 -9.79 -5.91
C ALA C 413 -70.24 -10.96 -6.64
N GLU C 414 -70.36 -10.87 -7.96
CA GLU C 414 -71.06 -11.91 -8.73
C GLU C 414 -70.22 -13.18 -8.97
N ARG C 415 -68.91 -13.12 -8.67
CA ARG C 415 -68.05 -14.29 -8.75
C ARG C 415 -67.70 -14.92 -7.39
N LEU C 416 -68.00 -14.23 -6.28
CA LEU C 416 -67.77 -14.79 -4.95
C LEU C 416 -68.60 -16.05 -4.60
N ASP C 417 -69.79 -16.15 -5.21
CA ASP C 417 -70.84 -17.18 -4.97
C ASP C 417 -71.85 -16.79 -3.88
N SER D 13 7.96 21.95 -23.02
CA SER D 13 8.03 22.48 -21.62
C SER D 13 6.88 21.93 -20.78
N LYS D 14 7.20 21.20 -19.70
CA LYS D 14 6.16 20.62 -18.86
C LYS D 14 5.37 21.68 -18.12
N ILE D 15 4.11 21.36 -17.84
CA ILE D 15 3.26 22.19 -17.01
C ILE D 15 3.82 22.16 -15.58
N THR D 16 3.88 23.30 -14.92
CA THR D 16 4.23 23.32 -13.51
C THR D 16 2.94 23.13 -12.71
N ALA D 17 2.80 21.99 -12.04
CA ALA D 17 1.63 21.71 -11.22
C ALA D 17 1.63 22.59 -9.98
N ALA D 18 0.48 23.17 -9.66
CA ALA D 18 0.30 23.92 -8.42
C ALA D 18 0.47 22.98 -7.22
N PRO D 19 0.81 23.53 -6.04
CA PRO D 19 0.78 22.72 -4.83
C PRO D 19 -0.57 21.99 -4.69
N MET D 20 -0.51 20.70 -4.38
CA MET D 20 -1.71 19.85 -4.26
C MET D 20 -1.41 18.72 -3.30
N VAL D 21 -2.38 18.35 -2.47
CA VAL D 21 -2.22 17.13 -1.65
C VAL D 21 -2.68 15.92 -2.47
N TYR D 22 -1.85 14.88 -2.49
CA TYR D 22 -2.17 13.61 -3.17
C TYR D 22 -2.18 12.51 -2.10
N VAL D 23 -3.34 11.89 -1.88
CA VAL D 23 -3.46 10.78 -0.93
C VAL D 23 -3.57 9.43 -1.65
N ARG D 24 -2.53 8.61 -1.52
CA ARG D 24 -2.45 7.29 -2.15
C ARG D 24 -3.08 6.22 -1.25
N GLY D 25 -3.73 5.24 -1.89
CA GLY D 25 -4.35 4.10 -1.20
C GLY D 25 -3.58 2.82 -1.44
N GLU D 26 -4.26 1.81 -1.95
CA GLU D 26 -3.64 0.51 -2.18
C GLU D 26 -4.46 -0.31 -3.15
N GLU D 27 -3.99 -1.53 -3.41
CA GLU D 27 -4.70 -2.53 -4.21
C GLU D 27 -4.88 -2.04 -5.68
N MET D 28 -6.01 -2.32 -6.32
CA MET D 28 -6.12 -2.11 -7.77
C MET D 28 -6.09 -0.63 -8.15
N THR D 29 -6.75 0.19 -7.36
CA THR D 29 -6.85 1.62 -7.65
C THR D 29 -5.49 2.34 -7.53
N ALA D 30 -4.67 1.95 -6.54
CA ALA D 30 -3.31 2.47 -6.48
C ALA D 30 -2.44 2.02 -7.66
N TYR D 31 -2.60 0.76 -8.06
CA TYR D 31 -1.90 0.22 -9.25
C TYR D 31 -2.25 1.07 -10.50
N VAL D 32 -3.55 1.33 -10.68
CA VAL D 32 -3.99 2.13 -11.83
C VAL D 32 -3.49 3.56 -11.77
N MET D 33 -3.61 4.21 -10.61
CA MET D 33 -3.12 5.59 -10.50
C MET D 33 -1.61 5.71 -10.65
N ASP D 34 -0.85 4.70 -10.22
CA ASP D 34 0.60 4.69 -10.47
C ASP D 34 0.87 4.73 -11.99
N LEU D 35 0.15 3.91 -12.73
CA LEU D 35 0.24 3.90 -14.20
C LEU D 35 -0.19 5.23 -14.82
N ILE D 36 -1.28 5.79 -14.31
CA ILE D 36 -1.74 7.08 -14.82
C ILE D 36 -0.74 8.19 -14.54
N ARG D 37 -0.18 8.24 -13.33
CA ARG D 37 0.83 9.24 -13.01
C ARG D 37 2.07 9.05 -13.88
N SER D 38 2.46 7.80 -14.06
CA SER D 38 3.62 7.41 -14.89
C SER D 38 3.46 7.79 -16.36
N ARG D 39 2.32 7.45 -16.95
CA ARG D 39 2.13 7.50 -18.42
C ARG D 39 1.35 8.72 -18.93
N TRP D 40 0.42 9.25 -18.14
CA TRP D 40 -0.32 10.44 -18.53
C TRP D 40 0.28 11.72 -17.96
N ILE D 41 0.48 11.74 -16.64
CA ILE D 41 0.75 13.00 -15.94
C ILE D 41 2.23 13.43 -16.03
N GLU D 42 3.12 12.59 -15.51
CA GLU D 42 4.54 12.94 -15.37
C GLU D 42 5.29 13.37 -16.66
N PRO D 43 4.99 12.75 -17.81
CA PRO D 43 5.65 13.21 -19.05
C PRO D 43 5.24 14.62 -19.52
N ARG D 44 4.09 15.11 -19.04
CA ARG D 44 3.53 16.41 -19.42
C ARG D 44 3.49 17.46 -18.32
N VAL D 45 3.64 17.03 -17.06
CA VAL D 45 3.45 17.87 -15.91
C VAL D 45 4.57 17.63 -14.90
N ASP D 46 5.20 18.71 -14.45
CA ASP D 46 6.15 18.65 -13.33
C ASP D 46 5.32 18.65 -12.07
N VAL D 47 5.32 17.52 -11.36
CA VAL D 47 4.52 17.33 -10.13
C VAL D 47 5.32 17.49 -8.81
N GLY D 48 6.45 18.21 -8.87
CA GLY D 48 7.23 18.53 -7.67
C GLY D 48 6.42 19.20 -6.56
N GLY D 49 5.48 20.06 -6.94
CA GLY D 49 4.59 20.72 -5.98
C GLY D 49 3.62 19.82 -5.23
N TRP D 50 3.38 18.60 -5.71
CA TRP D 50 2.48 17.64 -5.03
C TRP D 50 3.12 17.14 -3.76
N GLU D 51 2.35 17.11 -2.68
CA GLU D 51 2.76 16.45 -1.45
C GLU D 51 1.96 15.17 -1.36
N THR D 52 2.67 14.04 -1.38
CA THR D 52 2.05 12.73 -1.45
C THR D 52 2.08 12.08 -0.08
N PHE D 53 1.00 11.39 0.25
CA PHE D 53 0.85 10.72 1.54
C PHE D 53 0.42 9.29 1.32
N ASP D 54 0.96 8.40 2.13
CA ASP D 54 0.71 6.98 2.01
C ASP D 54 -0.41 6.63 2.98
N LEU D 55 -1.62 6.41 2.47
CA LEU D 55 -2.74 6.01 3.30
C LEU D 55 -3.16 4.58 3.08
N ARG D 56 -2.18 3.70 2.88
CA ARG D 56 -2.41 2.28 3.06
C ARG D 56 -2.91 2.08 4.49
N ALA D 57 -3.81 1.11 4.68
CA ALA D 57 -4.26 0.74 6.02
C ALA D 57 -3.06 0.44 6.94
N LYS D 58 -2.09 -0.28 6.39
CA LYS D 58 -0.83 -0.61 7.09
C LYS D 58 -0.06 0.62 7.54
N ASN D 59 -0.06 1.68 6.73
CA ASN D 59 0.62 2.90 7.11
C ASN D 59 -0.10 3.74 8.17
N ARG D 60 -1.44 3.74 8.15
CA ARG D 60 -2.17 4.34 9.26
C ARG D 60 -1.79 3.66 10.57
N ASP D 61 -1.76 2.32 10.54
CA ASP D 61 -1.37 1.50 11.69
C ASP D 61 0.10 1.74 12.12
N ASP D 62 1.00 1.72 11.15
CA ASP D 62 2.45 1.86 11.43
C ASP D 62 2.87 3.23 11.96
N THR D 63 2.11 4.28 11.62
CA THR D 63 2.39 5.66 12.06
C THR D 63 1.49 6.11 13.20
N GLU D 64 0.71 5.18 13.76
CA GLU D 64 -0.27 5.52 14.80
C GLU D 64 -1.14 6.69 14.34
N ASP D 65 -1.51 6.65 13.07
CA ASP D 65 -2.33 7.68 12.40
C ASP D 65 -1.73 9.09 12.31
N ARG D 66 -0.42 9.23 12.52
CA ARG D 66 0.25 10.50 12.27
C ARG D 66 0.10 10.89 10.79
N VAL D 67 0.07 9.90 9.89
CA VAL D 67 -0.10 10.20 8.46
C VAL D 67 -1.44 10.93 8.18
N LEU D 68 -2.51 10.53 8.85
CA LEU D 68 -3.82 11.18 8.67
C LEU D 68 -3.78 12.62 9.20
N ARG D 69 -3.14 12.79 10.36
CA ARG D 69 -2.90 14.12 10.93
C ARG D 69 -2.16 15.01 9.93
N ASP D 70 -1.13 14.43 9.29
CA ASP D 70 -0.34 15.17 8.30
C ASP D 70 -1.16 15.51 7.06
N VAL D 71 -2.00 14.58 6.61
CA VAL D 71 -2.93 14.85 5.50
C VAL D 71 -3.82 16.06 5.81
N ILE D 72 -4.42 16.09 7.00
CA ILE D 72 -5.32 17.21 7.40
C ILE D 72 -4.58 18.56 7.41
N GLU D 73 -3.40 18.58 8.02
CA GLU D 73 -2.59 19.81 8.07
C GLU D 73 -2.16 20.27 6.68
N ALA D 74 -1.77 19.35 5.81
CA ALA D 74 -1.40 19.70 4.42
C ALA D 74 -2.60 20.22 3.61
N GLY D 75 -3.77 19.61 3.83
CA GLY D 75 -4.99 20.07 3.18
C GLY D 75 -5.37 21.49 3.59
N LYS D 76 -5.16 21.84 4.86
CA LYS D 76 -5.39 23.23 5.32
C LYS D 76 -4.42 24.20 4.63
N ARG D 77 -3.15 23.82 4.60
CA ARG D 77 -2.12 24.66 4.02
C ARG D 77 -2.26 24.85 2.51
N ILE D 78 -2.56 23.75 1.80
CA ILE D 78 -2.57 23.73 0.33
C ILE D 78 -3.95 23.95 -0.30
N LYS D 79 -5.03 23.62 0.43
CA LYS D 79 -6.43 23.88 0.00
C LYS D 79 -7.01 22.94 -1.07
N ALA D 80 -6.22 22.04 -1.64
CA ALA D 80 -6.64 21.23 -2.80
C ALA D 80 -6.11 19.83 -2.57
N ILE D 81 -7.01 18.85 -2.55
CA ILE D 81 -6.65 17.49 -2.18
C ILE D 81 -7.32 16.51 -3.14
N PHE D 82 -6.52 15.61 -3.72
CA PHE D 82 -7.05 14.43 -4.41
C PHE D 82 -6.80 13.24 -3.51
N LYS D 83 -7.83 12.43 -3.28
CA LYS D 83 -7.65 11.21 -2.50
C LYS D 83 -8.11 10.01 -3.30
N GLU D 84 -7.25 9.02 -3.42
CA GLU D 84 -7.61 7.72 -3.98
C GLU D 84 -8.56 6.97 -3.04
N PRO D 85 -9.28 5.97 -3.56
CA PRO D 85 -9.96 5.04 -2.65
C PRO D 85 -8.98 4.43 -1.66
N THR D 86 -9.42 4.23 -0.43
CA THR D 86 -8.57 3.67 0.60
C THR D 86 -9.29 2.55 1.32
N VAL D 87 -8.50 1.74 2.03
CA VAL D 87 -9.04 0.67 2.86
C VAL D 87 -9.06 1.18 4.28
N THR D 88 -10.26 1.29 4.85
CA THR D 88 -10.41 1.66 6.23
C THR D 88 -9.95 0.48 7.10
N PRO D 89 -9.13 0.76 8.14
CA PRO D 89 -8.62 -0.42 8.90
C PRO D 89 -9.63 -1.00 9.89
N THR D 90 -10.67 -1.65 9.35
CA THR D 90 -11.73 -2.27 10.17
C THR D 90 -11.17 -3.50 10.88
N ALA D 91 -11.93 -4.03 11.84
CA ALA D 91 -11.58 -5.29 12.52
C ALA D 91 -11.24 -6.39 11.54
N ASP D 92 -12.03 -6.51 10.47
CA ASP D 92 -11.81 -7.55 9.44
C ASP D 92 -10.54 -7.32 8.63
N GLN D 93 -10.23 -6.05 8.36
CA GLN D 93 -8.99 -5.71 7.66
C GLN D 93 -7.76 -5.94 8.53
N VAL D 94 -7.88 -5.71 9.84
CA VAL D 94 -6.79 -5.98 10.79
C VAL D 94 -6.35 -7.44 10.64
N LYS D 95 -7.31 -8.37 10.64
CA LYS D 95 -7.04 -9.79 10.42
C LYS D 95 -6.44 -10.09 9.05
N ARG D 96 -7.08 -9.57 7.99
CA ARG D 96 -6.66 -9.82 6.61
C ARG D 96 -5.28 -9.25 6.28
N LEU D 97 -5.01 -8.02 6.74
CA LEU D 97 -3.77 -7.31 6.41
C LEU D 97 -2.65 -7.49 7.44
N GLY D 98 -2.95 -8.16 8.55
CA GLY D 98 -1.97 -8.38 9.62
C GLY D 98 -1.56 -7.11 10.34
N LEU D 99 -2.54 -6.29 10.69
CA LEU D 99 -2.30 -5.03 11.39
C LEU D 99 -2.37 -5.25 12.90
N ARG D 100 -1.93 -4.26 13.67
CA ARG D 100 -1.90 -4.33 15.13
C ARG D 100 -3.19 -3.88 15.80
N LYS D 101 -3.75 -2.76 15.30
CA LYS D 101 -4.95 -2.15 15.87
C LYS D 101 -5.92 -1.83 14.73
N SER D 102 -7.21 -1.71 15.05
CA SER D 102 -8.18 -1.15 14.13
C SER D 102 -8.16 0.37 14.22
N TRP D 103 -8.61 1.02 13.15
CA TRP D 103 -8.70 2.49 13.07
C TRP D 103 -10.00 2.85 12.37
N GLY D 104 -10.63 3.93 12.78
CA GLY D 104 -11.90 4.34 12.18
C GLY D 104 -11.71 4.98 10.82
N SER D 105 -12.83 5.24 10.15
CA SER D 105 -12.82 5.91 8.86
C SER D 105 -12.10 7.25 8.99
N PRO D 106 -11.36 7.67 7.96
CA PRO D 106 -10.73 8.98 8.00
C PRO D 106 -11.68 10.13 7.67
N ASN D 107 -12.93 9.81 7.30
CA ASN D 107 -13.87 10.80 6.78
C ASN D 107 -14.22 11.91 7.76
N GLY D 108 -14.53 11.53 8.99
CA GLY D 108 -14.89 12.49 10.03
C GLY D 108 -13.81 13.53 10.28
N ALA D 109 -12.57 13.05 10.41
CA ALA D 109 -11.41 13.90 10.61
C ALA D 109 -11.20 14.92 9.48
N MET D 110 -11.38 14.49 8.23
CA MET D 110 -11.28 15.41 7.08
C MET D 110 -12.44 16.42 7.06
N ARG D 111 -13.65 15.91 7.20
CA ARG D 111 -14.86 16.76 7.13
C ARG D 111 -14.87 17.83 8.21
N ARG D 112 -14.49 17.44 9.41
CA ARG D 112 -14.42 18.38 10.53
C ARG D 112 -13.15 19.21 10.47
N GLY D 113 -12.01 18.57 10.19
CA GLY D 113 -10.73 19.27 10.06
C GLY D 113 -10.69 20.41 9.05
N TRP D 114 -11.43 20.24 7.94
CA TRP D 114 -11.49 21.26 6.90
C TRP D 114 -12.77 22.11 6.94
N ASN D 115 -13.44 22.11 8.09
CA ASN D 115 -14.65 22.92 8.27
C ASN D 115 -15.62 22.64 7.13
N GLY D 116 -15.92 21.34 6.93
CA GLY D 116 -16.74 20.90 5.81
C GLY D 116 -18.12 21.56 5.71
N ILE D 117 -18.50 21.91 4.48
CA ILE D 117 -19.79 22.54 4.19
C ILE D 117 -20.66 21.51 3.48
N THR D 118 -20.20 21.01 2.34
CA THR D 118 -20.92 20.02 1.57
C THR D 118 -20.03 18.94 1.01
N ILE D 119 -20.65 17.78 0.76
CA ILE D 119 -20.07 16.74 -0.04
C ILE D 119 -20.95 16.69 -1.29
N SER D 120 -20.38 17.15 -2.41
CA SER D 120 -21.07 17.12 -3.70
C SER D 120 -21.01 15.72 -4.32
N ARG D 121 -22.20 15.19 -4.64
CA ARG D 121 -22.36 13.83 -5.14
C ARG D 121 -23.18 13.89 -6.43
N ASP D 122 -22.48 14.11 -7.55
CA ASP D 122 -23.13 14.38 -8.82
C ASP D 122 -23.02 13.21 -9.76
N THR D 123 -24.01 13.03 -10.63
CA THR D 123 -23.92 11.97 -11.62
C THR D 123 -22.86 12.31 -12.64
N ILE D 124 -22.09 11.31 -13.06
CA ILE D 124 -21.04 11.48 -14.07
C ILE D 124 -21.62 11.10 -15.42
N HIS D 125 -21.37 11.94 -16.43
CA HIS D 125 -21.96 11.74 -17.75
C HIS D 125 -20.87 11.70 -18.80
N ILE D 126 -21.15 10.93 -19.87
CA ILE D 126 -20.32 10.94 -21.06
C ILE D 126 -21.27 11.20 -22.23
N ASP D 127 -21.05 12.28 -22.97
CA ASP D 127 -21.82 12.55 -24.18
C ASP D 127 -21.74 11.35 -25.13
N GLY D 128 -22.88 10.88 -25.59
CA GLY D 128 -22.94 9.71 -26.47
C GLY D 128 -23.03 8.37 -25.77
N VAL D 129 -23.16 8.36 -24.44
CA VAL D 129 -23.28 7.12 -23.67
C VAL D 129 -24.50 7.27 -22.76
N GLU D 130 -25.39 6.29 -22.79
CA GLU D 130 -26.64 6.33 -22.01
C GLU D 130 -26.44 5.63 -20.67
N LEU D 131 -26.56 6.38 -19.57
CA LEU D 131 -26.56 5.79 -18.25
C LEU D 131 -27.96 5.90 -17.66
N GLY D 132 -28.13 5.63 -16.37
CA GLY D 132 -29.46 5.60 -15.75
C GLY D 132 -30.25 6.91 -15.81
N TYR D 133 -29.57 8.04 -15.59
CA TYR D 133 -30.18 9.36 -15.64
C TYR D 133 -29.78 10.00 -16.96
N LYS D 134 -30.75 10.51 -17.71
CA LYS D 134 -30.49 11.06 -19.05
C LYS D 134 -29.69 12.36 -18.97
N LYS D 135 -30.06 13.24 -18.06
CA LYS D 135 -29.43 14.55 -17.85
C LYS D 135 -28.81 14.61 -16.44
N PRO D 136 -27.80 15.48 -16.24
CA PRO D 136 -27.10 15.58 -14.96
C PRO D 136 -28.00 15.78 -13.73
N VAL D 137 -27.68 15.06 -12.67
CA VAL D 137 -28.31 15.26 -11.36
C VAL D 137 -27.21 15.75 -10.42
N LEU D 138 -27.54 16.72 -9.59
CA LEU D 138 -26.63 17.25 -8.59
C LEU D 138 -27.15 16.92 -7.21
N PHE D 139 -26.26 16.62 -6.27
CA PHE D 139 -26.68 16.36 -4.88
C PHE D 139 -25.70 17.00 -3.90
N GLU D 140 -26.22 17.74 -2.91
CA GLU D 140 -25.37 18.26 -1.84
C GLU D 140 -25.74 17.59 -0.55
N ARG D 141 -24.79 16.88 0.02
CA ARG D 141 -24.89 16.29 1.33
C ARG D 141 -24.24 17.23 2.33
N HIS D 142 -25.01 17.75 3.30
CA HIS D 142 -24.46 18.55 4.38
C HIS D 142 -23.31 17.78 5.02
N ALA D 143 -22.12 18.37 5.06
CA ALA D 143 -20.90 17.60 5.33
C ALA D 143 -20.68 17.25 6.79
N VAL D 144 -21.40 17.92 7.69
CA VAL D 144 -21.19 17.76 9.13
C VAL D 144 -22.52 17.66 9.87
N GLY D 145 -22.41 17.25 11.11
CA GLY D 145 -23.54 17.25 12.02
C GLY D 145 -24.33 15.96 12.00
N GLY D 146 -25.35 15.96 12.84
CA GLY D 146 -26.22 14.83 12.97
C GLY D 146 -25.58 13.72 13.75
N GLU D 147 -26.06 12.51 13.50
CA GLU D 147 -25.65 11.34 14.26
C GLU D 147 -24.19 10.95 14.04
N TYR D 148 -23.56 11.53 13.01
CA TYR D 148 -22.14 11.28 12.75
C TYR D 148 -21.24 11.82 13.88
N SER D 149 -21.70 12.83 14.60
CA SER D 149 -20.95 13.38 15.74
C SER D 149 -21.72 13.25 17.07
N ALA D 150 -22.60 12.25 17.13
CA ALA D 150 -23.36 11.98 18.35
C ALA D 150 -22.52 11.45 19.51
N GLY D 151 -22.95 11.84 20.71
CA GLY D 151 -22.56 11.17 21.95
C GLY D 151 -23.61 10.15 22.31
N TYR D 152 -23.21 9.02 22.87
CA TYR D 152 -24.18 8.00 23.19
C TYR D 152 -23.72 7.06 24.26
N LYS D 153 -24.67 6.27 24.75
CA LYS D 153 -24.36 5.18 25.63
C LYS D 153 -25.40 4.10 25.47
N ASN D 154 -25.00 2.85 25.69
CA ASN D 154 -25.95 1.75 25.71
C ASN D 154 -26.18 1.47 27.18
N VAL D 155 -27.43 1.57 27.62
CA VAL D 155 -27.77 1.56 29.06
C VAL D 155 -28.96 0.65 29.35
N GLY D 156 -29.19 0.43 30.64
CA GLY D 156 -30.40 -0.18 31.15
C GLY D 156 -31.36 0.88 31.66
N LYS D 157 -32.13 0.51 32.68
CA LYS D 157 -33.20 1.38 33.16
C LYS D 157 -32.61 2.56 33.92
N GLY D 158 -33.27 3.71 33.84
CA GLY D 158 -32.76 4.91 34.51
C GLY D 158 -33.27 6.21 33.93
N LYS D 159 -32.68 7.33 34.35
CA LYS D 159 -33.16 8.66 34.01
C LYS D 159 -32.14 9.39 33.15
N LEU D 160 -32.60 9.89 32.00
CA LEU D 160 -31.78 10.60 31.03
C LEU D 160 -32.19 12.07 31.05
N THR D 161 -31.20 12.95 31.19
CA THR D 161 -31.44 14.39 31.26
C THR D 161 -30.49 15.13 30.33
N THR D 162 -31.05 16.05 29.53
CA THR D 162 -30.28 16.90 28.61
C THR D 162 -30.56 18.35 28.97
N THR D 163 -29.52 19.11 29.23
CA THR D 163 -29.64 20.54 29.54
C THR D 163 -28.85 21.38 28.54
N PHE D 164 -29.29 22.62 28.38
CA PHE D 164 -28.59 23.60 27.56
C PHE D 164 -28.45 24.90 28.32
N THR D 165 -27.25 25.48 28.27
CA THR D 165 -26.98 26.78 28.89
C THR D 165 -26.41 27.70 27.81
N PRO D 166 -27.22 28.68 27.33
CA PRO D 166 -26.69 29.60 26.33
C PRO D 166 -25.58 30.48 26.89
N SER D 167 -24.63 30.85 26.05
CA SER D 167 -23.49 31.68 26.45
C SER D 167 -23.66 33.14 26.07
N GLU D 168 -24.68 33.46 25.27
CA GLU D 168 -24.94 34.84 24.87
C GLU D 168 -26.44 35.10 24.78
N GLY D 169 -26.79 36.36 24.56
CA GLY D 169 -28.18 36.77 24.47
C GLY D 169 -28.77 37.05 25.84
N PRO D 170 -30.07 37.43 25.87
CA PRO D 170 -30.80 37.76 27.11
C PRO D 170 -30.83 36.63 28.16
N ASP D 171 -30.78 35.38 27.69
CA ASP D 171 -30.82 34.21 28.57
C ASP D 171 -29.45 33.58 28.84
N ALA D 172 -28.37 34.34 28.62
CA ALA D 172 -27.02 33.85 28.87
C ALA D 172 -26.84 33.34 30.30
N GLY D 173 -26.29 32.13 30.43
CA GLY D 173 -25.95 31.57 31.73
C GLY D 173 -27.10 30.89 32.47
N LYS D 174 -28.29 30.87 31.86
CA LYS D 174 -29.44 30.22 32.48
C LYS D 174 -29.70 28.86 31.84
N THR D 175 -29.48 27.82 32.62
CA THR D 175 -29.61 26.43 32.19
C THR D 175 -31.09 26.06 32.02
N VAL D 176 -31.45 25.51 30.86
CA VAL D 176 -32.80 24.99 30.64
C VAL D 176 -32.71 23.49 30.32
N VAL D 177 -33.80 22.78 30.60
CA VAL D 177 -33.87 21.34 30.33
C VAL D 177 -34.37 21.12 28.90
N VAL D 178 -33.54 20.52 28.05
CA VAL D 178 -33.91 20.23 26.66
C VAL D 178 -34.83 19.01 26.59
N ASP D 179 -34.52 18.02 27.40
CA ASP D 179 -35.23 16.75 27.39
C ASP D 179 -34.99 16.08 28.73
N GLU D 180 -35.99 15.33 29.17
CA GLU D 180 -35.83 14.45 30.31
C GLU D 180 -36.70 13.23 30.06
N ARG D 181 -36.15 12.04 30.27
CA ARG D 181 -36.92 10.83 30.07
C ARG D 181 -36.45 9.70 30.94
N GLU D 182 -37.39 8.81 31.23
CA GLU D 182 -37.12 7.60 31.98
C GLU D 182 -36.94 6.49 30.97
N ILE D 183 -35.80 5.80 31.02
CA ILE D 183 -35.56 4.61 30.24
C ILE D 183 -36.11 3.42 31.03
N VAL D 184 -37.00 2.65 30.40
CA VAL D 184 -37.67 1.49 31.03
C VAL D 184 -37.23 0.15 30.45
N ASP D 185 -36.28 0.15 29.51
CA ASP D 185 -35.74 -1.07 28.93
C ASP D 185 -34.43 -1.49 29.61
N GLU D 186 -34.20 -2.79 29.72
CA GLU D 186 -32.93 -3.32 30.16
C GLU D 186 -31.80 -3.12 29.13
N GLU D 187 -32.16 -2.98 27.86
CA GLU D 187 -31.21 -2.62 26.79
C GLU D 187 -31.78 -1.44 26.01
N ALA D 188 -31.08 -0.30 26.05
CA ALA D 188 -31.48 0.86 25.28
C ALA D 188 -30.26 1.63 24.82
N ALA D 189 -30.41 2.35 23.71
CA ALA D 189 -29.43 3.36 23.33
C ALA D 189 -29.95 4.71 23.75
N VAL D 190 -29.05 5.56 24.24
CA VAL D 190 -29.36 6.96 24.50
C VAL D 190 -28.36 7.79 23.72
N VAL D 191 -28.86 8.80 23.00
CA VAL D 191 -28.10 9.48 21.96
C VAL D 191 -28.37 10.97 22.02
N THR D 192 -27.31 11.77 21.95
CA THR D 192 -27.44 13.21 21.78
C THR D 192 -26.54 13.65 20.63
N TYR D 193 -27.06 14.56 19.81
CA TYR D 193 -26.28 15.13 18.71
C TYR D 193 -26.69 16.57 18.49
N HIS D 194 -25.93 17.28 17.65
CA HIS D 194 -26.33 18.60 17.16
C HIS D 194 -26.19 18.75 15.64
N ASN D 195 -27.00 19.66 15.09
CA ASN D 195 -26.86 20.11 13.70
C ASN D 195 -26.38 21.54 13.72
N PRO D 196 -25.16 21.81 13.19
CA PRO D 196 -24.70 23.20 13.12
C PRO D 196 -25.17 23.80 11.81
N TYR D 197 -26.01 24.83 11.88
CA TYR D 197 -26.70 25.33 10.70
C TYR D 197 -26.14 26.63 10.12
N ASP D 198 -25.14 27.25 10.75
CA ASP D 198 -24.57 28.49 10.20
C ASP D 198 -24.09 28.29 8.78
N ASN D 199 -23.42 27.17 8.51
CA ASN D 199 -22.84 26.98 7.19
C ASN D 199 -23.85 26.52 6.13
N VAL D 200 -25.10 26.29 6.53
CA VAL D 200 -26.16 26.02 5.57
C VAL D 200 -26.43 27.24 4.67
N HIS D 201 -26.14 28.43 5.17
CA HIS D 201 -26.20 29.62 4.33
C HIS D 201 -25.21 29.46 3.18
N ASP D 202 -23.99 29.01 3.48
CA ASP D 202 -22.95 28.75 2.46
C ASP D 202 -23.35 27.58 1.57
N LEU D 203 -23.84 26.50 2.18
CA LEU D 203 -24.37 25.36 1.44
C LEU D 203 -25.43 25.79 0.41
N ALA D 204 -26.37 26.62 0.83
CA ALA D 204 -27.42 27.12 -0.05
C ALA D 204 -26.87 27.86 -1.25
N ARG D 205 -25.96 28.80 -1.03
CA ARG D 205 -25.39 29.58 -2.13
C ARG D 205 -24.64 28.70 -3.09
N PHE D 206 -23.88 27.75 -2.53
CA PHE D 206 -23.09 26.82 -3.32
C PHE D 206 -24.03 25.97 -4.18
N PHE D 207 -25.06 25.42 -3.54
CA PHE D 207 -26.01 24.54 -4.20
C PHE D 207 -26.80 25.22 -5.32
N PHE D 208 -27.41 26.35 -5.00
CA PHE D 208 -28.22 27.04 -5.99
C PHE D 208 -27.37 27.58 -7.13
N GLY D 209 -26.15 28.00 -6.83
CA GLY D 209 -25.22 28.48 -7.86
C GLY D 209 -24.92 27.39 -8.87
N ARG D 210 -24.65 26.19 -8.36
CA ARG D 210 -24.35 25.03 -9.20
C ARG D 210 -25.54 24.60 -10.01
N CYS D 211 -26.71 24.58 -9.36
CA CYS D 211 -27.94 24.18 -10.03
C CYS D 211 -28.32 25.15 -11.15
N LEU D 212 -28.07 26.45 -10.93
CA LEU D 212 -28.37 27.50 -11.90
C LEU D 212 -27.50 27.34 -13.13
N GLU D 213 -26.19 27.17 -12.92
CA GLU D 213 -25.23 26.91 -14.00
C GLU D 213 -25.59 25.65 -14.82
N ALA D 214 -26.01 24.59 -14.12
CA ALA D 214 -26.40 23.33 -14.76
C ALA D 214 -27.83 23.37 -15.36
N LYS D 215 -28.59 24.41 -15.02
CA LYS D 215 -30.00 24.55 -15.38
C LYS D 215 -30.82 23.36 -14.93
N VAL D 216 -30.65 22.96 -13.67
CA VAL D 216 -31.45 21.88 -13.07
C VAL D 216 -32.36 22.45 -12.00
N THR D 217 -33.51 21.79 -11.81
CA THR D 217 -34.50 22.21 -10.82
C THR D 217 -34.02 21.76 -9.42
N PRO D 218 -33.87 22.71 -8.48
CA PRO D 218 -33.43 22.37 -7.15
C PRO D 218 -34.57 21.91 -6.25
N TYR D 219 -34.23 21.01 -5.34
CA TYR D 219 -35.14 20.55 -4.27
C TYR D 219 -34.40 20.47 -2.95
N VAL D 220 -35.10 20.75 -1.85
CA VAL D 220 -34.53 20.59 -0.50
C VAL D 220 -35.22 19.39 0.13
N VAL D 221 -34.43 18.51 0.74
CA VAL D 221 -34.92 17.24 1.25
C VAL D 221 -34.70 17.12 2.76
N THR D 222 -35.77 16.99 3.55
CA THR D 222 -35.66 16.78 5.00
C THR D 222 -36.80 15.91 5.54
N LYS D 223 -36.76 15.62 6.83
CA LYS D 223 -37.88 14.97 7.54
C LYS D 223 -38.51 15.96 8.53
N LYS D 224 -38.54 17.23 8.13
CA LYS D 224 -38.88 18.33 9.06
C LYS D 224 -40.32 18.32 9.59
N THR D 225 -41.23 17.66 8.88
CA THR D 225 -42.61 17.53 9.33
C THR D 225 -42.70 16.82 10.70
N VAL D 226 -41.81 15.86 10.91
CA VAL D 226 -41.73 15.06 12.11
C VAL D 226 -40.52 15.44 12.93
N PHE D 227 -39.36 15.57 12.29
CA PHE D 227 -38.11 15.96 12.97
C PHE D 227 -38.01 17.48 12.91
N LYS D 228 -38.81 18.14 13.75
CA LYS D 228 -39.08 19.59 13.61
C LYS D 228 -37.89 20.52 13.80
N TRP D 229 -36.86 20.02 14.47
CA TRP D 229 -35.59 20.73 14.64
C TRP D 229 -34.86 21.00 13.33
N GLN D 230 -35.25 20.27 12.28
CA GLN D 230 -34.71 20.47 10.93
C GLN D 230 -35.28 21.64 10.14
N GLU D 231 -36.34 22.26 10.65
CA GLU D 231 -37.01 23.37 9.97
C GLU D 231 -36.03 24.45 9.50
N PRO D 232 -35.04 24.86 10.32
CA PRO D 232 -34.09 25.88 9.85
C PRO D 232 -33.28 25.51 8.59
N PHE D 233 -33.00 24.23 8.39
CA PHE D 233 -32.35 23.77 7.16
C PHE D 233 -33.17 24.25 5.96
N TRP D 234 -34.47 24.01 6.02
CA TRP D 234 -35.38 24.46 4.97
C TRP D 234 -35.48 25.99 4.89
N GLN D 235 -35.72 26.64 6.02
CA GLN D 235 -35.92 28.10 6.07
C GLN D 235 -34.71 28.86 5.51
N ILE D 236 -33.54 28.46 5.95
CA ILE D 236 -32.29 29.04 5.47
C ILE D 236 -32.19 28.88 3.95
N MET D 237 -32.40 27.66 3.47
CA MET D 237 -32.32 27.41 2.04
C MET D 237 -33.35 28.20 1.24
N ARG D 238 -34.61 28.20 1.69
CA ARG D 238 -35.67 28.91 0.97
C ARG D 238 -35.40 30.41 0.92
N THR D 239 -34.89 30.96 2.02
CA THR D 239 -34.65 32.41 2.12
C THR D 239 -33.59 32.82 1.08
N VAL D 240 -32.47 32.12 1.07
CA VAL D 240 -31.43 32.34 0.08
C VAL D 240 -31.95 32.18 -1.34
N PHE D 241 -32.76 31.15 -1.58
CA PHE D 241 -33.30 30.93 -2.88
C PHE D 241 -34.16 32.12 -3.31
N ASP D 242 -35.14 32.47 -2.48
CA ASP D 242 -36.08 33.55 -2.83
C ASP D 242 -35.38 34.90 -3.03
N GLU D 243 -34.44 35.21 -2.14
CA GLU D 243 -33.76 36.51 -2.15
C GLU D 243 -32.70 36.62 -3.24
N GLU D 244 -31.96 35.54 -3.49
CA GLU D 244 -30.76 35.61 -4.35
C GLU D 244 -30.82 34.84 -5.67
N PHE D 245 -31.78 33.94 -5.85
CA PHE D 245 -31.76 33.03 -7.01
C PHE D 245 -33.03 32.86 -7.83
N LYS D 246 -34.20 32.97 -7.20
CA LYS D 246 -35.46 32.61 -7.87
C LYS D 246 -35.63 33.30 -9.23
N ALA D 247 -35.46 34.61 -9.29
CA ALA D 247 -35.60 35.34 -10.56
C ALA D 247 -34.64 34.84 -11.64
N GLN D 248 -33.41 34.49 -11.26
CA GLN D 248 -32.42 33.87 -12.18
C GLN D 248 -32.85 32.51 -12.68
N PHE D 249 -33.41 31.68 -11.79
CA PHE D 249 -33.93 30.39 -12.22
C PHE D 249 -35.08 30.55 -13.22
N VAL D 250 -35.92 31.58 -13.05
CA VAL D 250 -36.96 31.90 -14.02
C VAL D 250 -36.37 32.29 -15.37
N ALA D 251 -35.42 33.24 -15.35
CA ALA D 251 -34.81 33.75 -16.56
C ALA D 251 -33.95 32.69 -17.28
N ALA D 252 -33.46 31.72 -16.52
CA ALA D 252 -32.75 30.56 -17.09
C ALA D 252 -33.68 29.50 -17.73
N GLY D 253 -34.99 29.64 -17.55
CA GLY D 253 -35.96 28.70 -18.15
C GLY D 253 -36.17 27.46 -17.29
N VAL D 254 -35.65 27.45 -16.06
CA VAL D 254 -35.71 26.27 -15.20
C VAL D 254 -37.06 26.19 -14.50
N MET D 255 -37.58 27.34 -14.05
CA MET D 255 -38.81 27.42 -13.29
C MET D 255 -39.70 28.55 -13.83
N LYS D 256 -41.01 28.42 -13.65
CA LYS D 256 -42.01 29.42 -14.04
C LYS D 256 -42.15 30.45 -12.94
N GLU D 257 -42.56 31.68 -13.30
CA GLU D 257 -42.89 32.68 -12.28
C GLU D 257 -44.03 32.17 -11.45
N GLY D 258 -43.98 32.42 -10.15
CA GLY D 258 -44.97 31.86 -9.22
C GLY D 258 -44.75 30.41 -8.83
N GLU D 259 -43.78 29.72 -9.45
CA GLU D 259 -43.33 28.41 -8.97
C GLU D 259 -42.45 28.67 -7.74
N GLU D 260 -42.69 27.98 -6.63
CA GLU D 260 -41.88 28.14 -5.43
C GLU D 260 -40.87 27.00 -5.34
N LEU D 261 -39.79 27.21 -4.59
CA LEU D 261 -38.82 26.13 -4.26
C LEU D 261 -39.60 25.03 -3.57
N VAL D 262 -39.36 23.79 -4.01
CA VAL D 262 -40.09 22.63 -3.50
C VAL D 262 -39.29 21.95 -2.39
N HIS D 263 -39.98 21.64 -1.30
CA HIS D 263 -39.44 20.79 -0.26
C HIS D 263 -39.94 19.35 -0.48
N LEU D 264 -39.04 18.37 -0.41
CA LEU D 264 -39.40 16.95 -0.49
C LEU D 264 -39.10 16.30 0.85
N LEU D 265 -40.03 15.51 1.35
CA LEU D 265 -39.74 14.65 2.48
C LEU D 265 -38.72 13.62 2.03
N SER D 266 -37.82 13.23 2.91
CA SER D 266 -36.78 12.25 2.54
C SER D 266 -37.40 11.01 2.00
N ASP D 267 -38.49 10.60 2.63
CA ASP D 267 -39.15 9.41 2.12
C ASP D 267 -39.96 9.58 0.83
N ALA D 268 -40.21 10.82 0.37
CA ALA D 268 -40.65 11.07 -1.01
C ALA D 268 -39.45 11.10 -1.94
N ALA D 269 -38.35 11.69 -1.49
CA ALA D 269 -37.14 11.82 -2.30
C ALA D 269 -36.61 10.45 -2.75
N THR D 270 -36.65 9.46 -1.85
CA THR D 270 -36.26 8.09 -2.20
C THR D 270 -37.10 7.50 -3.35
N MET D 271 -38.36 7.92 -3.48
CA MET D 271 -39.20 7.50 -4.61
C MET D 271 -38.84 8.28 -5.86
N LYS D 272 -38.65 9.59 -5.70
CA LYS D 272 -38.31 10.44 -6.84
C LYS D 272 -37.01 10.01 -7.53
N LEU D 273 -36.04 9.51 -6.76
CA LEU D 273 -34.75 9.10 -7.34
C LEU D 273 -34.93 7.94 -8.34
N VAL D 274 -35.92 7.10 -8.08
CA VAL D 274 -36.25 6.00 -8.97
C VAL D 274 -37.12 6.49 -10.12
N GLN D 275 -38.06 7.38 -9.84
CA GLN D 275 -38.97 7.87 -10.89
C GLN D 275 -38.28 8.74 -11.92
N TRP D 276 -37.46 9.67 -11.45
CA TRP D 276 -36.98 10.77 -12.28
C TRP D 276 -35.78 10.38 -13.14
N ARG D 277 -36.00 9.38 -14.00
CA ARG D 277 -34.94 8.87 -14.87
C ARG D 277 -34.47 9.86 -15.93
N GLN D 278 -35.24 10.91 -16.20
CA GLN D 278 -34.79 12.00 -17.07
C GLN D 278 -33.63 12.80 -16.45
N GLY D 279 -33.49 12.76 -15.11
CA GLY D 279 -32.47 13.56 -14.44
C GLY D 279 -32.81 15.03 -14.54
N GLY D 280 -31.78 15.87 -14.52
CA GLY D 280 -31.98 17.32 -14.61
C GLY D 280 -32.59 17.94 -13.38
N PHE D 281 -32.19 17.45 -12.21
CA PHE D 281 -32.61 18.04 -10.94
C PHE D 281 -31.45 18.05 -9.93
N GLY D 282 -31.65 18.79 -8.85
CA GLY D 282 -30.72 18.86 -7.75
C GLY D 282 -31.41 18.64 -6.41
N MET D 283 -30.75 17.95 -5.48
CA MET D 283 -31.28 17.82 -4.11
C MET D 283 -30.21 18.19 -3.10
N ALA D 284 -30.63 18.83 -2.01
CA ALA D 284 -29.76 19.12 -0.88
C ALA D 284 -30.39 18.53 0.37
N ALA D 285 -29.55 17.91 1.19
CA ALA D 285 -30.03 17.21 2.38
C ALA D 285 -29.04 17.27 3.53
N HIS D 286 -29.52 16.87 4.72
CA HIS D 286 -28.65 16.69 5.88
C HIS D 286 -27.65 15.55 5.63
N ASN D 287 -26.70 15.45 6.56
CA ASN D 287 -25.60 14.50 6.48
C ASN D 287 -26.08 13.06 6.21
N TYR D 288 -26.93 12.52 7.08
CA TYR D 288 -27.33 11.12 6.92
C TYR D 288 -28.25 10.88 5.73
N ASP D 289 -29.30 11.67 5.57
CA ASP D 289 -30.15 11.57 4.39
C ASP D 289 -29.31 11.61 3.10
N GLY D 290 -28.34 12.53 3.06
CA GLY D 290 -27.44 12.60 1.91
C GLY D 290 -26.62 11.34 1.71
N ASP D 291 -26.19 10.73 2.80
CA ASP D 291 -25.43 9.49 2.71
C ASP D 291 -26.25 8.40 2.01
N VAL D 292 -27.45 8.20 2.53
CA VAL D 292 -28.35 7.16 2.06
C VAL D 292 -28.83 7.44 0.61
N LEU D 293 -29.35 8.64 0.39
CA LEU D 293 -29.91 8.98 -0.93
C LEU D 293 -28.88 8.96 -2.04
N THR D 294 -27.62 9.33 -1.75
CA THR D 294 -26.62 9.35 -2.83
C THR D 294 -26.15 7.96 -3.22
N ASP D 295 -26.23 7.00 -2.31
CA ASP D 295 -26.01 5.61 -2.71
C ASP D 295 -27.13 5.06 -3.58
N GLU D 296 -28.37 5.43 -3.27
CA GLU D 296 -29.49 5.13 -4.15
C GLU D 296 -29.29 5.73 -5.53
N LEU D 297 -28.93 7.02 -5.57
CA LEU D 297 -28.56 7.73 -6.80
C LEU D 297 -27.52 6.95 -7.62
N ALA D 298 -26.48 6.44 -6.96
CA ALA D 298 -25.46 5.63 -7.64
C ALA D 298 -26.05 4.41 -8.31
N GLN D 299 -26.93 3.69 -7.61
CA GLN D 299 -27.48 2.47 -8.15
C GLN D 299 -28.38 2.75 -9.36
N VAL D 300 -29.18 3.81 -9.30
CA VAL D 300 -30.07 4.14 -10.41
C VAL D 300 -29.21 4.58 -11.61
N HIS D 301 -28.14 5.32 -11.36
CA HIS D 301 -27.33 5.85 -12.45
C HIS D 301 -26.52 4.75 -13.13
N LYS D 302 -25.76 4.01 -12.34
CA LYS D 302 -25.10 2.79 -12.80
C LYS D 302 -24.49 2.07 -11.62
N SER D 303 -23.54 2.73 -10.97
CA SER D 303 -22.81 2.18 -9.83
C SER D 303 -22.10 3.31 -9.08
N PRO D 304 -21.54 3.01 -7.89
CA PRO D 304 -20.87 4.07 -7.13
C PRO D 304 -19.79 4.82 -7.89
N GLY D 305 -19.09 4.15 -8.80
CA GLY D 305 -18.08 4.79 -9.62
C GLY D 305 -18.52 5.95 -10.49
N PHE D 306 -19.83 6.03 -10.78
CA PHE D 306 -20.39 7.06 -11.66
C PHE D 306 -21.05 8.22 -10.92
N ILE D 307 -20.82 8.28 -9.60
CA ILE D 307 -21.16 9.45 -8.78
C ILE D 307 -19.88 10.06 -8.18
N THR D 308 -19.76 11.39 -8.24
CA THR D 308 -18.63 12.11 -7.63
C THR D 308 -18.72 12.10 -6.08
N SER D 309 -17.62 12.45 -5.41
CA SER D 309 -17.56 12.62 -3.94
C SER D 309 -16.61 13.76 -3.65
N ASN D 310 -17.11 14.98 -3.77
CA ASN D 310 -16.29 16.19 -3.67
C ASN D 310 -16.62 16.98 -2.41
N LEU D 311 -15.71 16.91 -1.43
CA LEU D 311 -15.86 17.61 -0.17
C LEU D 311 -15.45 19.05 -0.34
N VAL D 312 -16.32 19.97 0.06
CA VAL D 312 -16.00 21.40 0.08
C VAL D 312 -16.07 21.93 1.51
N GLY D 313 -14.93 22.40 1.99
CA GLY D 313 -14.82 23.08 3.27
C GLY D 313 -14.20 24.46 3.08
N VAL D 314 -13.72 25.04 4.17
CA VAL D 314 -13.23 26.40 4.15
C VAL D 314 -12.15 26.61 5.20
N HIS D 315 -11.11 27.36 4.83
CA HIS D 315 -10.00 27.67 5.72
C HIS D 315 -10.45 28.81 6.65
N GLU D 316 -9.78 28.90 7.78
CA GLU D 316 -10.01 29.99 8.75
C GLU D 316 -9.95 31.39 8.07
N ASP D 317 -9.16 31.52 7.01
CA ASP D 317 -8.98 32.75 6.21
C ASP D 317 -9.95 32.92 5.04
N GLY D 318 -10.92 32.03 4.89
CA GLY D 318 -11.95 32.17 3.86
C GLY D 318 -11.70 31.46 2.55
N THR D 319 -10.50 30.91 2.34
CA THR D 319 -10.22 30.14 1.10
C THR D 319 -10.91 28.78 1.19
N LEU D 320 -11.61 28.41 0.13
CA LEU D 320 -12.27 27.11 0.08
C LEU D 320 -11.22 26.01 -0.01
N ILE D 321 -11.42 24.97 0.80
CA ILE D 321 -10.62 23.78 0.79
C ILE D 321 -11.46 22.74 0.06
N LYS D 322 -10.94 22.20 -1.04
CA LYS D 322 -11.67 21.17 -1.82
C LYS D 322 -10.92 19.84 -1.90
N GLU D 323 -11.61 18.75 -1.57
CA GLU D 323 -11.05 17.41 -1.68
C GLU D 323 -11.94 16.65 -2.65
N PHE D 324 -11.30 15.83 -3.48
CA PHE D 324 -11.98 15.12 -4.55
C PHE D 324 -11.59 13.64 -4.47
N GLU D 325 -12.59 12.79 -4.62
CA GLU D 325 -12.46 11.36 -4.41
C GLU D 325 -13.38 10.65 -5.39
N ALA D 326 -12.98 9.50 -5.93
CA ALA D 326 -13.92 8.60 -6.59
C ALA D 326 -14.75 7.93 -5.51
N SER D 327 -15.92 7.45 -5.88
CA SER D 327 -16.84 6.87 -4.89
C SER D 327 -16.82 5.33 -4.80
N HIS D 328 -16.10 4.68 -5.70
CA HIS D 328 -15.90 3.22 -5.57
C HIS D 328 -14.76 2.98 -4.59
N GLY D 329 -14.55 1.72 -4.24
CA GLY D 329 -13.45 1.33 -3.36
C GLY D 329 -12.17 0.99 -4.12
N THR D 330 -11.30 0.21 -3.47
CA THR D 330 -10.00 -0.14 -4.03
C THR D 330 -10.03 -1.35 -4.98
N VAL D 331 -11.19 -2.01 -5.09
CA VAL D 331 -11.44 -3.06 -6.08
C VAL D 331 -10.47 -4.23 -5.85
N ALA D 332 -10.51 -4.76 -4.64
CA ALA D 332 -9.63 -5.83 -4.17
C ALA D 332 -9.68 -7.07 -5.07
N ASP D 333 -10.89 -7.45 -5.47
CA ASP D 333 -11.12 -8.64 -6.33
C ASP D 333 -10.36 -8.55 -7.65
N MET D 334 -10.35 -7.37 -8.25
CA MET D 334 -9.64 -7.13 -9.49
C MET D 334 -8.12 -7.10 -9.28
N ASP D 335 -7.67 -6.52 -8.15
CA ASP D 335 -6.27 -6.58 -7.76
C ASP D 335 -5.80 -8.04 -7.65
N GLU D 336 -6.63 -8.89 -7.04
CA GLU D 336 -6.29 -10.32 -6.87
C GLU D 336 -6.16 -11.01 -8.23
N ALA D 337 -7.12 -10.74 -9.12
CA ALA D 337 -7.06 -11.25 -10.50
C ALA D 337 -5.79 -10.82 -11.21
N ARG D 338 -5.45 -9.53 -11.11
CA ARG D 338 -4.22 -8.98 -11.68
C ARG D 338 -3.00 -9.76 -11.24
N LEU D 339 -2.89 -9.97 -9.93
CA LEU D 339 -1.76 -10.68 -9.36
C LEU D 339 -1.71 -12.17 -9.75
N ARG D 340 -2.87 -12.76 -10.06
CA ARG D 340 -2.91 -14.07 -10.75
C ARG D 340 -2.58 -14.04 -12.27
N GLY D 341 -2.21 -12.88 -12.82
CA GLY D 341 -1.87 -12.74 -14.24
C GLY D 341 -3.08 -12.68 -15.17
N GLU D 342 -4.27 -12.48 -14.61
CA GLU D 342 -5.53 -12.52 -15.35
C GLU D 342 -5.90 -11.12 -15.82
N GLU D 343 -6.72 -11.04 -16.87
CA GLU D 343 -7.13 -9.75 -17.44
C GLU D 343 -8.02 -8.97 -16.47
N THR D 344 -7.86 -7.64 -16.46
CA THR D 344 -8.75 -6.74 -15.72
C THR D 344 -9.22 -5.60 -16.62
N SER D 345 -10.31 -4.96 -16.22
CA SER D 345 -10.77 -3.74 -16.88
C SER D 345 -11.39 -2.77 -15.88
N LEU D 346 -10.52 -2.00 -15.24
CA LEU D 346 -10.92 -0.96 -14.30
C LEU D 346 -11.11 0.37 -15.04
N ASN D 347 -12.29 0.94 -14.93
CA ASN D 347 -12.61 2.21 -15.55
C ASN D 347 -12.06 3.35 -14.68
N PRO D 348 -11.07 4.10 -15.17
CA PRO D 348 -10.45 5.12 -14.33
C PRO D 348 -11.20 6.45 -14.27
N LEU D 349 -12.37 6.56 -14.91
CA LEU D 349 -13.01 7.86 -15.08
C LEU D 349 -13.36 8.53 -13.76
N GLY D 350 -13.92 7.77 -12.82
CA GLY D 350 -14.25 8.32 -11.50
C GLY D 350 -13.05 8.96 -10.81
N MET D 351 -11.94 8.22 -10.75
CA MET D 351 -10.73 8.76 -10.15
C MET D 351 -10.16 9.92 -10.93
N VAL D 352 -10.21 9.86 -12.26
CA VAL D 352 -9.66 10.92 -13.10
C VAL D 352 -10.50 12.20 -12.95
N GLU D 353 -11.83 12.07 -12.85
CA GLU D 353 -12.69 13.26 -12.58
C GLU D 353 -12.27 13.94 -11.28
N GLY D 354 -12.01 13.14 -10.25
CA GLY D 354 -11.54 13.64 -8.97
C GLY D 354 -10.22 14.38 -9.10
N LEU D 355 -9.27 13.76 -9.80
CA LEU D 355 -7.95 14.35 -9.98
C LEU D 355 -8.02 15.66 -10.78
N ILE D 356 -8.84 15.68 -11.83
CA ILE D 356 -9.10 16.89 -12.60
C ILE D 356 -9.56 18.02 -11.67
N GLY D 357 -10.57 17.73 -10.86
CA GLY D 357 -11.09 18.71 -9.92
C GLY D 357 -10.03 19.25 -8.98
N ALA D 358 -9.23 18.35 -8.42
CA ALA D 358 -8.20 18.73 -7.48
C ALA D 358 -7.11 19.61 -8.13
N MET D 359 -6.65 19.19 -9.31
CA MET D 359 -5.63 19.93 -10.05
C MET D 359 -6.11 21.32 -10.45
N ASN D 360 -7.37 21.41 -10.90
CA ASN D 360 -7.96 22.68 -11.31
C ASN D 360 -8.09 23.64 -10.15
N HIS D 361 -8.56 23.14 -9.02
CA HIS D 361 -8.70 23.95 -7.82
C HIS D 361 -7.33 24.41 -7.33
N ALA D 362 -6.36 23.50 -7.32
CA ALA D 362 -4.99 23.86 -6.97
C ALA D 362 -4.47 24.99 -7.85
N ALA D 363 -4.69 24.85 -9.16
CA ALA D 363 -4.27 25.86 -10.14
C ALA D 363 -4.93 27.23 -9.88
N ASP D 364 -6.22 27.21 -9.56
CA ASP D 364 -6.98 28.44 -9.30
C ASP D 364 -6.60 29.13 -7.98
N VAL D 365 -6.40 28.35 -6.92
CA VAL D 365 -6.04 28.89 -5.61
C VAL D 365 -4.66 29.54 -5.66
N HIS D 366 -3.70 28.81 -6.24
CA HIS D 366 -2.29 29.22 -6.19
C HIS D 366 -1.86 30.02 -7.41
N ASN D 367 -2.67 30.02 -8.47
CA ASN D 367 -2.40 30.75 -9.73
C ASN D 367 -1.04 30.37 -10.32
N ILE D 368 -0.84 29.06 -10.46
CA ILE D 368 0.37 28.51 -11.03
C ILE D 368 -0.02 27.74 -12.26
N ASP D 369 0.37 28.26 -13.43
CA ASP D 369 0.16 27.61 -14.72
C ASP D 369 -1.34 27.29 -14.94
N ARG D 370 -2.18 28.26 -14.59
CA ARG D 370 -3.62 28.09 -14.49
C ARG D 370 -4.25 27.68 -15.81
N ASP D 371 -4.00 28.48 -16.84
CA ASP D 371 -4.61 28.27 -18.16
C ASP D 371 -4.17 26.93 -18.77
N ARG D 372 -2.88 26.64 -18.68
CA ARG D 372 -2.35 25.38 -19.22
C ARG D 372 -2.83 24.14 -18.46
N THR D 373 -3.01 24.26 -17.15
CA THR D 373 -3.50 23.13 -16.35
C THR D 373 -4.96 22.83 -16.75
N HIS D 374 -5.80 23.86 -16.84
CA HIS D 374 -7.20 23.67 -17.28
C HIS D 374 -7.30 23.03 -18.68
N ALA D 375 -6.44 23.47 -19.61
CA ALA D 375 -6.42 22.87 -20.94
C ALA D 375 -6.01 21.40 -20.87
N PHE D 376 -5.03 21.06 -20.03
CA PHE D 376 -4.60 19.65 -19.88
C PHE D 376 -5.65 18.76 -19.20
N THR D 377 -6.30 19.24 -18.14
CA THR D 377 -7.34 18.42 -17.48
C THR D 377 -8.58 18.25 -18.37
N THR D 378 -8.96 19.29 -19.09
CA THR D 378 -10.02 19.20 -20.10
C THR D 378 -9.69 18.14 -21.17
N LYS D 379 -8.43 18.13 -21.59
CA LYS D 379 -7.94 17.17 -22.59
C LYS D 379 -8.02 15.72 -22.13
N MET D 380 -7.62 15.46 -20.89
CA MET D 380 -7.73 14.11 -20.31
C MET D 380 -9.17 13.63 -20.36
N ARG D 381 -10.11 14.48 -19.94
CA ARG D 381 -11.52 14.11 -19.93
C ARG D 381 -12.03 13.86 -21.34
N THR D 382 -11.72 14.80 -22.25
CA THR D 382 -12.15 14.64 -23.65
C THR D 382 -11.61 13.36 -24.30
N VAL D 383 -10.34 13.05 -24.08
CA VAL D 383 -9.75 11.84 -24.66
C VAL D 383 -10.44 10.58 -24.12
N ILE D 384 -10.70 10.57 -22.81
CA ILE D 384 -11.40 9.45 -22.17
C ILE D 384 -12.79 9.28 -22.75
N HIS D 385 -13.56 10.37 -22.76
CA HIS D 385 -14.94 10.32 -23.23
C HIS D 385 -15.03 9.83 -24.68
N GLN D 386 -14.16 10.35 -25.54
CA GLN D 386 -14.16 9.99 -26.96
C GLN D 386 -13.84 8.52 -27.20
N LEU D 387 -12.91 7.97 -26.42
CA LEU D 387 -12.61 6.54 -26.49
C LEU D 387 -13.85 5.69 -26.20
N PHE D 388 -14.65 6.08 -25.22
CA PHE D 388 -15.92 5.39 -24.94
C PHE D 388 -16.90 5.50 -26.12
N ARG D 389 -16.95 6.67 -26.76
CA ARG D 389 -17.82 6.86 -27.94
C ARG D 389 -17.42 5.98 -29.13
N GLU D 390 -16.14 5.64 -29.20
CA GLU D 390 -15.59 4.76 -30.24
C GLU D 390 -15.60 3.27 -29.90
N GLY D 391 -16.21 2.89 -28.78
CA GLY D 391 -16.20 1.50 -28.34
C GLY D 391 -14.84 1.01 -27.86
N LYS D 392 -13.98 1.95 -27.47
CA LYS D 392 -12.66 1.66 -26.97
C LYS D 392 -12.54 2.12 -25.52
N GLY D 393 -13.66 2.06 -24.80
CA GLY D 393 -13.67 2.21 -23.36
C GLY D 393 -13.45 0.87 -22.70
N THR D 394 -13.47 0.91 -21.38
CA THR D 394 -13.39 -0.29 -20.56
C THR D 394 -14.66 -1.13 -20.63
N ARG D 395 -14.58 -2.35 -20.10
CA ARG D 395 -15.62 -3.37 -20.27
C ARG D 395 -16.93 -3.18 -19.51
N ASP D 396 -16.88 -2.42 -18.41
CA ASP D 396 -18.09 -2.00 -17.70
C ASP D 396 -19.12 -1.33 -18.60
N LEU D 397 -18.67 -0.47 -19.52
CA LEU D 397 -19.57 0.25 -20.44
C LEU D 397 -19.57 -0.26 -21.89
N CYS D 398 -18.45 -0.86 -22.33
CA CYS D 398 -18.31 -1.29 -23.73
C CYS D 398 -18.44 -2.81 -23.90
N GLY D 399 -18.71 -3.54 -22.82
CA GLY D 399 -18.84 -4.99 -22.87
C GLY D 399 -17.53 -5.72 -23.03
N PRO D 400 -17.60 -7.04 -23.32
CA PRO D 400 -16.39 -7.86 -23.52
C PRO D 400 -15.42 -7.35 -24.60
N SER D 401 -15.92 -6.62 -25.58
CA SER D 401 -15.08 -6.02 -26.62
C SER D 401 -14.26 -4.82 -26.10
N GLY D 402 -14.62 -4.29 -24.93
CA GLY D 402 -13.87 -3.24 -24.27
C GLY D 402 -12.43 -3.56 -23.95
N LEU D 403 -11.68 -2.50 -23.69
CA LEU D 403 -10.27 -2.57 -23.45
C LEU D 403 -9.98 -3.00 -22.02
N THR D 404 -8.87 -3.70 -21.86
CA THR D 404 -8.32 -4.01 -20.53
C THR D 404 -7.82 -2.72 -19.86
N THR D 405 -7.61 -2.82 -18.55
CA THR D 405 -7.08 -1.72 -17.74
C THR D 405 -5.88 -1.09 -18.43
N GLU D 406 -4.89 -1.92 -18.80
CA GLU D 406 -3.63 -1.44 -19.36
C GLU D 406 -3.80 -0.92 -20.80
N GLN D 407 -4.62 -1.60 -21.60
CA GLN D 407 -4.91 -1.14 -22.97
C GLN D 407 -5.54 0.23 -22.95
N PHE D 408 -6.47 0.43 -22.02
CA PHE D 408 -7.14 1.73 -21.90
C PHE D 408 -6.19 2.86 -21.50
N ILE D 409 -5.36 2.59 -20.50
CA ILE D 409 -4.33 3.57 -20.08
C ILE D 409 -3.40 3.95 -21.23
N ASP D 410 -2.91 2.95 -21.96
CA ASP D 410 -2.09 3.22 -23.14
C ASP D 410 -2.86 3.93 -24.26
N ALA D 411 -4.13 3.57 -24.45
CA ALA D 411 -4.97 4.22 -25.46
C ALA D 411 -5.14 5.71 -25.17
N VAL D 412 -5.38 6.07 -23.91
CA VAL D 412 -5.43 7.47 -23.53
C VAL D 412 -4.08 8.14 -23.73
N ALA D 413 -3.01 7.50 -23.26
CA ALA D 413 -1.66 8.10 -23.29
C ALA D 413 -1.20 8.47 -24.70
N GLU D 414 -1.47 7.60 -25.67
CA GLU D 414 -1.08 7.88 -27.06
C GLU D 414 -1.89 9.01 -27.73
N ARG D 415 -3.09 9.31 -27.22
CA ARG D 415 -3.91 10.41 -27.73
C ARG D 415 -3.77 11.75 -26.99
N LEU D 416 -3.04 11.79 -25.88
CA LEU D 416 -2.93 13.02 -25.08
C LEU D 416 -2.16 14.17 -25.76
N ASP D 417 -1.20 13.82 -26.62
CA ASP D 417 -0.30 14.78 -27.32
C ASP D 417 0.67 15.46 -26.34
PA NAD E . 30.85 6.45 15.28
O1A NAD E . 30.18 5.23 14.70
O2A NAD E . 31.25 6.49 16.75
O5B NAD E . 29.95 7.74 14.91
C5B NAD E . 30.04 8.33 13.59
C4B NAD E . 28.81 9.17 13.30
O4B NAD E . 27.62 8.36 13.32
C3B NAD E . 28.65 10.25 14.36
O3B NAD E . 28.26 11.49 13.76
C2B NAD E . 27.55 9.70 15.25
O2B NAD E . 26.76 10.70 15.89
C1B NAD E . 26.72 8.76 14.37
N9A NAD E . 26.24 7.59 15.15
C8A NAD E . 26.92 6.42 15.31
N7A NAD E . 26.22 5.55 16.09
C5A NAD E . 25.06 6.16 16.44
C6A NAD E . 23.87 5.81 17.26
N6A NAD E . 23.78 4.60 17.84
N1A NAD E . 22.87 6.73 17.37
C2A NAD E . 22.95 7.95 16.78
N3A NAD E . 24.02 8.33 16.03
C4A NAD E . 25.09 7.51 15.82
O3 NAD E . 32.14 6.78 14.37
PN NAD E . 33.59 6.07 14.36
O1N NAD E . 33.31 4.54 13.87
O2N NAD E . 34.37 6.78 13.28
O5D NAD E . 34.13 6.03 15.77
MG MG F . 34.18 -3.97 5.99
C1 GOL G . 21.46 3.22 14.91
O1 GOL G . 22.48 4.06 15.46
C2 GOL G . 21.52 1.82 15.51
O2 GOL G . 21.17 1.83 16.89
C3 GOL G . 20.51 0.96 14.77
O3 GOL G . 20.62 -0.43 15.13
S SO4 H . 46.49 -9.75 15.76
O1 SO4 H . 47.91 -9.95 15.38
O2 SO4 H . 45.64 -10.66 14.95
O3 SO4 H . 46.10 -8.37 15.44
O4 SO4 H . 46.34 -10.03 17.21
S SO4 I . 13.20 -22.86 31.06
O1 SO4 I . 12.87 -24.13 30.37
O2 SO4 I . 14.68 -22.64 30.94
O3 SO4 I . 12.81 -22.98 32.49
O4 SO4 I . 12.41 -21.77 30.44
C1 GOL J . 32.06 12.88 -4.29
O1 GOL J . 33.17 13.55 -4.89
C2 GOL J . 30.78 13.46 -4.88
O2 GOL J . 30.24 14.36 -3.92
C3 GOL J . 29.75 12.38 -5.13
O3 GOL J . 28.74 12.76 -6.06
S SO4 K . 37.00 -10.55 -16.26
O1 SO4 K . 36.79 -11.65 -17.22
O2 SO4 K . 38.38 -10.62 -15.74
O3 SO4 K . 36.76 -9.26 -16.96
O4 SO4 K . 36.06 -10.67 -15.12
S SO4 L . 23.18 -11.26 -21.28
O1 SO4 L . 23.44 -12.12 -20.10
O2 SO4 L . 23.66 -11.99 -22.48
O3 SO4 L . 21.72 -10.93 -21.37
O4 SO4 L . 23.90 -9.98 -21.13
PA NAD M . -53.67 9.41 -1.96
O1A NAD M . -52.82 8.21 -1.62
O2A NAD M . -55.05 9.58 -1.35
O5B NAD M . -53.73 9.58 -3.55
C5B NAD M . -52.55 9.93 -4.30
C4B NAD M . -52.76 9.61 -5.78
O4B NAD M . -52.78 8.19 -5.98
C3B NAD M . -54.08 10.16 -6.32
O3B NAD M . -53.93 10.63 -7.66
C2B NAD M . -55.01 8.95 -6.27
O2B NAD M . -56.06 9.04 -7.24
C1B NAD M . -54.07 7.77 -6.47
N9A NAD M . -54.51 6.60 -5.70
C8A NAD M . -54.23 6.36 -4.40
N7A NAD M . -54.79 5.19 -3.98
C5A NAD M . -55.43 4.65 -5.05
C6A NAD M . -56.23 3.44 -5.30
N6A NAD M . -56.43 2.57 -4.30
N1A NAD M . -56.73 3.24 -6.54
C2A NAD M . -56.52 4.13 -7.54
N3A NAD M . -55.80 5.28 -7.37
C4A NAD M . -55.24 5.58 -6.18
O3 NAD M . -52.80 10.74 -1.68
PN NAD M . -52.50 11.41 -0.25
O1N NAD M . -51.78 10.24 0.60
O2N NAD M . -51.47 12.50 -0.51
O5D NAD M . -53.83 11.78 0.40
C1 GOL N . -30.90 -11.75 -2.29
O1 GOL N . -31.62 -12.46 -1.26
C2 GOL N . -31.52 -11.93 -3.67
O2 GOL N . -31.51 -13.31 -4.10
C3 GOL N . -32.98 -11.49 -3.65
O3 GOL N . -33.46 -11.24 -4.98
S SO4 O . -62.40 -23.89 12.95
O1 SO4 O . -61.53 -25.02 13.39
O2 SO4 O . -62.22 -23.77 11.48
O3 SO4 O . -63.82 -24.16 13.30
O4 SO4 O . -61.97 -22.64 13.64
S SO4 P . -45.72 7.16 10.16
O1 SO4 P . -46.07 5.74 9.89
O2 SO4 P . -44.37 7.30 10.76
O3 SO4 P . -45.74 7.86 8.84
O4 SO4 P . -46.71 7.81 11.08
C1 GOL Q . -23.09 6.46 1.25
O1 GOL Q . -23.10 7.43 0.21
C2 GOL Q . -21.74 5.77 1.52
O2 GOL Q . -21.81 4.35 1.23
C3 GOL Q . -21.35 6.00 2.98
O3 GOL Q . -20.35 5.14 3.51
S SO4 R . -15.32 -1.98 -4.78
O1 SO4 R . -13.94 -1.94 -4.27
O2 SO4 R . -15.39 -2.93 -5.93
O3 SO4 R . -15.82 -0.62 -5.15
O4 SO4 R . -16.23 -2.51 -3.73
S SO4 S . -20.11 7.97 5.50
O1 SO4 S . -20.24 8.80 4.30
O2 SO4 S . -19.05 6.94 5.27
O3 SO4 S . -21.39 7.29 5.80
O4 SO4 S . -19.70 8.85 6.62
#